data_6PVD
#
_entry.id   6PVD
#
_cell.length_a   216.057
_cell.length_b   70.112
_cell.length_c   142.874
_cell.angle_alpha   90.000
_cell.angle_beta   103.970
_cell.angle_gamma   90.000
#
_symmetry.space_group_name_H-M   'C 1 2 1'
#
loop_
_entity.id
_entity.type
_entity.pdbx_description
1 polymer 'Major histocompatibility complex class I-related gene protein'
2 polymer Beta-2-microglobulin
3 polymer 'Human TCR alpha chain'
4 polymer 'Human TCR beta chain'
5 non-polymer 'methyl N-(2,6-dioxo-1,2,3,6-tetrahydropyrimidine-4-carbonyl)-beta-alaninate'
6 non-polymer GLYCEROL
7 non-polymer 'SODIUM ION'
8 non-polymer 'ACETATE ION'
9 water water
#
loop_
_entity_poly.entity_id
_entity_poly.type
_entity_poly.pdbx_seq_one_letter_code
_entity_poly.pdbx_strand_id
1 'polypeptide(L)'
;MRTHSLRYFRLGVSDPIHGVPEFISVGYVDSHPITTYDSVTRQKEPRAPWMAENLAPDHWERYTQLLRGWQQMFKVELKR
LQRHYNHSGSHTYQRMIGCELLEDGSTTGFLQYAYDGQDFLIFNKDTLSWLAVDNVAHTIKQAWEANQHELLYQKNWLEE
ECIAWLKRFLEYGKDTLQRTEPPLVRVNRKETFPGVTALFCKAHGFYPPEIYMTWMKNGEEIVQEIDYGDILPSGDGTYQ
AWASIELDPQSSNLYSCHVEHSGVHMVLQVP
;
A,C
2 'polypeptide(L)'
;MIQRTPKIQVYSRHPAENGKSNFLNCYVSGFHPSDIEVDLLKNGERIEKVEHSDLSFSKDWSFYLLYYTEFTPTEKDEYA
CRVNHVTLSQPKIVKWDRDM
;
B,F
3 'polypeptide(L)'
;MGQNIDQPTEMTATEGAIVQINCTYQTSGFNGLFWYQQHAGEAPTFLSYNVLDGLEEKGRFSSFLSRSKGYSYLLLKELQ
MKDSASYLCAVKDSNYQLIWGAGTKLIIKPDIQNPDPAVYQLRDSKSSDKSVCLFTDFDSQTNVSQSKDSDVYITDKCVL
DMRSMDFKSNSAVAWSNKSDFACANAFNNSIIPEDTFFPSPESS
;
D,G
4 'polypeptide(L)'
;MNAGVTQTPKFQVLKTGQSMTLQCAQDMNHNSMYWYRQDPGMGLRLIYYSASEGTTDKGEVPNGYNVSRLNKREFSLRLE
SAAPSQTSVYFCASSVWTGEGSGELFFGEGSRLTVLEDLKNVFPPEVAVFEPSEAEISHTQKATLVCLATGFYPDHVELS
WWVNGKEVHSGVCTDPQPLKEQPALNDSRYALSSRLRVSATFWQNPRNHFRCQVQFYGLSENDEWTQDRAKPVTQIVSAE
AWGRAD
;
E,H
#
loop_
_chem_comp.id
_chem_comp.type
_chem_comp.name
_chem_comp.formula
ACT non-polymer 'ACETATE ION' 'C2 H3 O2 -1'
GOL non-polymer GLYCEROL 'C3 H8 O3'
N18 non-polymer 'methyl N-(2,6-dioxo-1,2,3,6-tetrahydropyrimidine-4-carbonyl)-beta-alaninate' 'C9 H11 N3 O5'
NA non-polymer 'SODIUM ION' 'Na 1'
#
# COMPACT_ATOMS: atom_id res chain seq x y z
N MET A 1 -12.22 64.47 -15.13
CA MET A 1 -11.58 63.99 -13.91
C MET A 1 -10.25 64.70 -13.67
N ARG A 2 -9.99 65.06 -12.42
CA ARG A 2 -8.68 65.56 -12.07
C ARG A 2 -7.66 64.42 -12.11
N THR A 3 -6.39 64.78 -11.97
CA THR A 3 -5.33 63.79 -11.83
C THR A 3 -5.50 63.01 -10.54
N HIS A 4 -5.31 61.68 -10.61
CA HIS A 4 -5.41 60.82 -9.43
C HIS A 4 -4.27 59.81 -9.44
N SER A 5 -3.95 59.29 -8.26
CA SER A 5 -2.84 58.35 -8.14
C SER A 5 -3.18 57.27 -7.12
N LEU A 6 -2.56 56.11 -7.31
CA LEU A 6 -2.62 55.01 -6.34
C LEU A 6 -1.19 54.60 -6.03
N ARG A 7 -0.89 54.40 -4.75
CA ARG A 7 0.45 53.94 -4.42
C ARG A 7 0.43 53.12 -3.14
N TYR A 8 1.36 52.18 -3.05
CA TYR A 8 1.54 51.33 -1.87
C TYR A 8 2.96 51.51 -1.35
N PHE A 9 3.07 51.70 -0.04
CA PHE A 9 4.35 51.83 0.64
C PHE A 9 4.63 50.58 1.47
N ARG A 10 5.91 50.26 1.62
CA ARG A 10 6.35 49.27 2.60
C ARG A 10 7.49 49.86 3.42
N LEU A 11 7.49 49.55 4.71
CA LEU A 11 8.55 49.96 5.62
C LEU A 11 9.03 48.76 6.41
N GLY A 12 10.34 48.55 6.42
CA GLY A 12 10.93 47.51 7.24
C GLY A 12 12.03 48.07 8.11
N VAL A 13 12.07 47.62 9.36
CA VAL A 13 13.05 48.07 10.36
C VAL A 13 13.78 46.83 10.90
N SER A 14 15.11 46.89 10.93
CA SER A 14 15.90 45.69 11.17
C SER A 14 16.00 45.32 12.64
N ASP A 15 16.14 46.32 13.52
CA ASP A 15 16.27 46.08 14.95
C ASP A 15 15.31 47.01 15.68
N PRO A 16 14.01 46.77 15.56
CA PRO A 16 13.04 47.76 16.03
C PRO A 16 12.94 47.80 17.55
N ILE A 17 12.54 48.96 18.06
CA ILE A 17 12.21 49.10 19.47
C ILE A 17 11.10 48.11 19.82
N HIS A 18 11.13 47.61 21.07
CA HIS A 18 10.29 46.49 21.48
C HIS A 18 8.83 46.65 21.09
N GLY A 19 8.31 47.87 21.09
CA GLY A 19 6.91 48.07 20.71
C GLY A 19 6.68 48.25 19.23
N VAL A 20 7.69 48.72 18.51
CA VAL A 20 7.52 49.16 17.12
C VAL A 20 7.41 47.95 16.20
N PRO A 21 6.53 47.97 15.20
CA PRO A 21 6.45 46.84 14.26
C PRO A 21 7.68 46.73 13.37
N GLU A 22 8.01 45.49 13.00
CA GLU A 22 9.12 45.25 12.10
C GLU A 22 8.77 45.64 10.66
N PHE A 23 7.51 45.57 10.29
CA PHE A 23 7.07 45.74 8.91
C PHE A 23 5.74 46.47 8.91
N ILE A 24 5.58 47.42 8.00
CA ILE A 24 4.35 48.19 7.84
C ILE A 24 4.12 48.41 6.36
N SER A 25 2.86 48.29 5.92
CA SER A 25 2.51 48.59 4.54
C SER A 25 1.18 49.33 4.50
N VAL A 26 1.17 50.48 3.81
CA VAL A 26 -0.02 51.33 3.70
C VAL A 26 -0.21 51.71 2.24
N GLY A 27 -1.46 51.65 1.78
CA GLY A 27 -1.82 52.09 0.44
C GLY A 27 -2.55 53.42 0.51
N TYR A 28 -2.41 54.22 -0.54
CA TYR A 28 -3.05 55.53 -0.65
C TYR A 28 -3.73 55.68 -2.00
N VAL A 29 -4.92 56.28 -1.99
CA VAL A 29 -5.43 57.03 -3.12
C VAL A 29 -5.35 58.48 -2.71
N ASP A 30 -5.27 59.37 -3.69
CA ASP A 30 -4.21 60.39 -3.72
C ASP A 30 -3.62 60.75 -2.36
N SER A 31 -4.38 61.39 -1.46
CA SER A 31 -3.87 61.68 -0.13
CA SER A 31 -3.88 61.69 -0.12
C SER A 31 -4.57 60.87 0.96
N HIS A 32 -5.50 60.00 0.59
CA HIS A 32 -6.27 59.22 1.55
C HIS A 32 -5.65 57.85 1.72
N PRO A 33 -5.30 57.44 2.93
CA PRO A 33 -4.94 56.04 3.16
C PRO A 33 -6.17 55.15 2.89
N ILE A 34 -5.93 54.02 2.22
CA ILE A 34 -7.03 53.13 1.88
C ILE A 34 -6.88 51.77 2.57
N THR A 35 -5.64 51.34 2.81
CA THR A 35 -5.38 50.02 3.38
C THR A 35 -4.18 50.09 4.32
N THR A 36 -4.13 49.17 5.27
CA THR A 36 -2.99 49.10 6.17
C THR A 36 -2.74 47.66 6.60
N TYR A 37 -1.47 47.36 6.89
CA TYR A 37 -1.01 46.08 7.38
C TYR A 37 0.27 46.31 8.17
N ASP A 38 0.47 45.52 9.22
CA ASP A 38 1.75 45.56 9.92
C ASP A 38 2.03 44.21 10.55
N SER A 39 3.28 44.04 10.99
CA SER A 39 3.74 42.78 11.54
C SER A 39 3.14 42.47 12.90
N VAL A 40 2.45 43.42 13.53
CA VAL A 40 1.80 43.18 14.81
C VAL A 40 0.39 42.63 14.62
N THR A 41 -0.44 43.31 13.83
CA THR A 41 -1.80 42.83 13.59
C THR A 41 -1.81 41.57 12.73
N ARG A 42 -0.86 41.47 11.79
CA ARG A 42 -0.82 40.39 10.80
C ARG A 42 -2.07 40.35 9.93
N GLN A 43 -2.78 41.47 9.80
CA GLN A 43 -4.02 41.54 9.04
C GLN A 43 -4.00 42.78 8.16
N LYS A 44 -4.46 42.64 6.92
CA LYS A 44 -4.66 43.79 6.05
C LYS A 44 -6.08 44.31 6.25
N GLU A 45 -6.20 45.60 6.55
CA GLU A 45 -7.46 46.19 6.93
C GLU A 45 -7.71 47.46 6.13
N PRO A 46 -8.96 47.78 5.86
CA PRO A 46 -9.28 49.06 5.20
C PRO A 46 -8.99 50.23 6.11
N ARG A 47 -8.62 51.36 5.50
CA ARG A 47 -8.44 52.61 6.21
C ARG A 47 -9.33 53.71 5.66
N ALA A 48 -10.25 53.37 4.75
CA ALA A 48 -11.26 54.27 4.23
C ALA A 48 -12.61 53.57 4.27
N PRO A 49 -13.68 54.28 4.61
CA PRO A 49 -14.98 53.60 4.71
C PRO A 49 -15.46 53.06 3.37
N TRP A 50 -15.27 53.80 2.29
CA TRP A 50 -15.69 53.34 0.97
C TRP A 50 -14.87 52.17 0.45
N MET A 51 -13.73 51.88 1.07
CA MET A 51 -12.99 50.65 0.76
C MET A 51 -13.65 49.45 1.44
N ALA A 52 -13.95 49.57 2.73
CA ALA A 52 -14.57 48.47 3.46
C ALA A 52 -15.94 48.13 2.92
N GLU A 53 -16.66 49.13 2.38
CA GLU A 53 -18.03 48.92 1.94
C GLU A 53 -18.12 48.24 0.59
N ASN A 54 -17.06 48.28 -0.22
CA ASN A 54 -17.11 47.75 -1.57
C ASN A 54 -16.23 46.53 -1.78
N LEU A 55 -15.47 46.10 -0.77
CA LEU A 55 -14.61 44.93 -0.88
C LEU A 55 -15.03 43.93 0.17
N ALA A 56 -15.44 42.74 -0.29
CA ALA A 56 -15.93 41.69 0.59
C ALA A 56 -14.81 41.15 1.47
N PRO A 57 -15.16 40.51 2.60
CA PRO A 57 -14.10 39.91 3.44
C PRO A 57 -13.22 38.92 2.72
N ASP A 58 -13.70 38.33 1.62
CA ASP A 58 -12.85 37.46 0.81
C ASP A 58 -11.61 38.20 0.32
N HIS A 59 -11.78 39.48 -0.05
CA HIS A 59 -10.65 40.26 -0.55
C HIS A 59 -9.60 40.48 0.53
N TRP A 60 -10.05 40.85 1.74
CA TRP A 60 -9.11 41.12 2.81
C TRP A 60 -8.41 39.86 3.29
N GLU A 61 -9.06 38.71 3.19
CA GLU A 61 -8.42 37.44 3.55
C GLU A 61 -7.29 37.12 2.59
N ARG A 62 -7.56 37.23 1.28
CA ARG A 62 -6.53 36.94 0.28
C ARG A 62 -5.32 37.85 0.45
N TYR A 63 -5.56 39.15 0.55
CA TYR A 63 -4.42 40.07 0.63
C TYR A 63 -3.72 40.02 1.97
N THR A 64 -4.39 39.59 3.02
CA THR A 64 -3.70 39.32 4.28
C THR A 64 -2.62 38.25 4.10
N GLN A 65 -2.95 37.19 3.35
CA GLN A 65 -1.97 36.14 3.08
C GLN A 65 -0.82 36.66 2.23
N LEU A 66 -1.12 37.48 1.21
CA LEU A 66 -0.07 38.05 0.37
C LEU A 66 0.87 38.93 1.19
N LEU A 67 0.31 39.81 2.03
CA LEU A 67 1.14 40.72 2.82
CA LEU A 67 1.17 40.71 2.78
C LEU A 67 1.99 39.97 3.83
N ARG A 68 1.48 38.85 4.36
CA ARG A 68 2.31 38.03 5.25
C ARG A 68 3.51 37.47 4.52
N GLY A 69 3.33 37.07 3.26
CA GLY A 69 4.46 36.62 2.47
C GLY A 69 5.38 37.76 2.08
N TRP A 70 4.80 38.89 1.67
CA TRP A 70 5.62 40.05 1.35
C TRP A 70 6.39 40.55 2.57
N GLN A 71 5.85 40.35 3.77
CA GLN A 71 6.57 40.74 4.99
C GLN A 71 7.85 39.93 5.14
N GLN A 72 7.79 38.61 4.92
CA GLN A 72 8.98 37.79 5.06
C GLN A 72 10.00 38.09 3.96
N MET A 73 9.53 38.35 2.73
CA MET A 73 10.43 38.76 1.66
CA MET A 73 10.45 38.75 1.67
C MET A 73 11.18 40.03 2.03
N PHE A 74 10.47 41.02 2.59
CA PHE A 74 11.08 42.30 2.93
C PHE A 74 12.16 42.11 3.99
N LYS A 75 11.90 41.25 4.99
CA LYS A 75 12.89 40.98 6.03
C LYS A 75 14.13 40.32 5.44
N VAL A 76 13.95 39.34 4.55
CA VAL A 76 15.09 38.69 3.91
C VAL A 76 15.89 39.71 3.10
N GLU A 77 15.21 40.59 2.36
CA GLU A 77 15.92 41.59 1.56
C GLU A 77 16.68 42.59 2.43
N LEU A 78 16.08 43.04 3.53
CA LEU A 78 16.77 43.98 4.41
C LEU A 78 17.98 43.33 5.06
N LYS A 79 17.84 42.07 5.48
CA LYS A 79 18.98 41.34 6.04
C LYS A 79 20.15 41.30 5.05
N ARG A 80 19.86 41.05 3.77
CA ARG A 80 20.92 41.00 2.78
C ARG A 80 21.57 42.37 2.60
N LEU A 81 20.75 43.43 2.56
CA LEU A 81 21.30 44.78 2.38
C LEU A 81 22.21 45.15 3.54
N GLN A 82 21.76 44.93 4.78
CA GLN A 82 22.53 45.39 5.92
C GLN A 82 23.82 44.57 6.08
N ARG A 83 23.78 43.29 5.72
CA ARG A 83 24.99 42.50 5.73
C ARG A 83 25.99 43.01 4.70
N HIS A 84 25.51 43.41 3.52
CA HIS A 84 26.41 43.86 2.46
C HIS A 84 26.88 45.29 2.68
N TYR A 85 26.10 46.11 3.39
CA TYR A 85 26.61 47.41 3.82
C TYR A 85 27.58 47.29 4.99
N ASN A 86 27.64 46.13 5.64
CA ASN A 86 28.42 45.95 6.87
C ASN A 86 28.00 46.97 7.93
N HIS A 87 26.69 47.12 8.09
CA HIS A 87 26.10 48.08 9.03
C HIS A 87 25.58 47.34 10.26
N SER A 88 25.90 47.85 11.44
CA SER A 88 25.32 47.35 12.68
C SER A 88 24.19 48.26 13.13
N GLY A 89 23.38 47.76 14.03
CA GLY A 89 22.27 48.52 14.57
C GLY A 89 21.00 48.40 13.74
N SER A 90 20.09 49.34 13.96
CA SER A 90 18.80 49.34 13.29
C SER A 90 18.85 50.21 12.04
N HIS A 91 18.33 49.67 10.94
CA HIS A 91 18.30 50.38 9.67
C HIS A 91 16.95 50.12 8.99
N THR A 92 16.54 51.06 8.14
CA THR A 92 15.23 51.00 7.51
C THR A 92 15.33 50.63 6.05
N TYR A 93 14.30 49.95 5.57
CA TYR A 93 14.15 49.55 4.17
C TYR A 93 12.74 49.97 3.75
N GLN A 94 12.63 50.68 2.63
CA GLN A 94 11.33 51.18 2.19
C GLN A 94 11.12 50.89 0.71
N ARG A 95 9.85 50.79 0.34
CA ARG A 95 9.44 50.53 -1.03
C ARG A 95 8.21 51.36 -1.35
N MET A 96 8.12 51.86 -2.58
CA MET A 96 6.95 52.57 -3.05
CA MET A 96 6.95 52.55 -3.04
C MET A 96 6.67 52.16 -4.49
N ILE A 97 5.45 51.72 -4.75
CA ILE A 97 4.99 51.37 -6.08
C ILE A 97 3.67 52.06 -6.29
N GLY A 98 3.40 52.47 -7.54
CA GLY A 98 2.13 53.10 -7.81
C GLY A 98 2.05 53.64 -9.22
N CYS A 99 0.95 54.35 -9.48
CA CYS A 99 0.63 54.85 -10.80
C CYS A 99 -0.20 56.12 -10.66
N GLU A 100 -0.21 56.93 -11.73
CA GLU A 100 -1.06 58.11 -11.83
C GLU A 100 -1.87 58.03 -13.11
N LEU A 101 -3.14 58.45 -13.02
CA LEU A 101 -4.02 58.64 -14.16
C LEU A 101 -4.23 60.15 -14.32
N LEU A 102 -3.62 60.73 -15.34
CA LEU A 102 -3.62 62.18 -15.50
C LEU A 102 -4.94 62.69 -16.06
N GLU A 103 -5.12 64.01 -15.98
CA GLU A 103 -6.36 64.62 -16.44
C GLU A 103 -6.58 64.38 -17.93
N ASP A 104 -5.51 64.48 -18.73
CA ASP A 104 -5.59 64.31 -20.18
C ASP A 104 -5.65 62.84 -20.62
N GLY A 105 -5.78 61.89 -19.69
CA GLY A 105 -5.88 60.49 -20.03
C GLY A 105 -4.56 59.74 -20.08
N SER A 106 -3.44 60.44 -20.00
CA SER A 106 -2.14 59.75 -19.95
C SER A 106 -1.92 59.12 -18.59
N THR A 107 -0.98 58.19 -18.53
CA THR A 107 -0.68 57.45 -17.31
C THR A 107 0.82 57.47 -17.03
N THR A 108 1.16 57.34 -15.75
CA THR A 108 2.54 57.14 -15.32
C THR A 108 2.57 55.99 -14.32
N GLY A 109 3.77 55.45 -14.13
CA GLY A 109 3.97 54.35 -13.19
C GLY A 109 5.37 54.40 -12.64
N PHE A 110 5.53 53.95 -11.40
CA PHE A 110 6.79 54.13 -10.71
C PHE A 110 6.97 53.04 -9.66
N LEU A 111 8.23 52.72 -9.40
CA LEU A 111 8.60 51.70 -8.42
C LEU A 111 10.03 51.98 -8.00
N GLN A 112 10.25 52.10 -6.70
CA GLN A 112 11.58 52.43 -6.20
C GLN A 112 11.71 51.96 -4.76
N TYR A 113 12.96 51.84 -4.32
CA TYR A 113 13.32 51.38 -2.99
C TYR A 113 14.24 52.39 -2.32
N ALA A 114 14.24 52.38 -0.99
CA ALA A 114 15.11 53.24 -0.21
C ALA A 114 15.73 52.45 0.94
N TYR A 115 16.96 52.81 1.28
CA TYR A 115 17.65 52.29 2.45
C TYR A 115 18.04 53.47 3.34
N ASP A 116 17.60 53.43 4.60
CA ASP A 116 17.81 54.52 5.56
C ASP A 116 17.23 55.85 5.03
N GLY A 117 16.11 55.76 4.31
CA GLY A 117 15.44 56.96 3.84
C GLY A 117 16.07 57.63 2.64
N GLN A 118 17.00 56.99 1.96
CA GLN A 118 17.64 57.52 0.77
C GLN A 118 17.40 56.57 -0.41
N ASP A 119 17.25 57.15 -1.60
CA ASP A 119 17.06 56.35 -2.80
C ASP A 119 18.09 55.23 -2.89
N PHE A 120 17.62 54.03 -3.19
CA PHE A 120 18.46 52.84 -3.31
C PHE A 120 18.39 52.23 -4.70
N LEU A 121 17.17 51.93 -5.19
CA LEU A 121 16.97 51.40 -6.52
C LEU A 121 15.72 52.04 -7.12
N ILE A 122 15.79 52.40 -8.40
CA ILE A 122 14.70 53.07 -9.08
C ILE A 122 14.43 52.34 -10.38
N PHE A 123 13.18 51.88 -10.56
CA PHE A 123 12.80 51.13 -11.75
C PHE A 123 12.45 52.07 -12.90
N ASN A 124 12.95 51.75 -14.09
CA ASN A 124 12.60 52.42 -15.34
C ASN A 124 11.86 51.40 -16.19
N LYS A 125 10.53 51.55 -16.27
CA LYS A 125 9.70 50.58 -16.98
C LYS A 125 9.74 50.76 -18.49
N ASP A 126 10.35 51.84 -18.97
CA ASP A 126 10.48 52.01 -20.42
C ASP A 126 11.71 51.28 -20.94
N THR A 127 12.83 51.39 -20.23
CA THR A 127 14.04 50.67 -20.59
C THR A 127 14.16 49.33 -19.89
N LEU A 128 13.24 49.01 -18.99
CA LEU A 128 13.23 47.75 -18.24
C LEU A 128 14.57 47.51 -17.55
N SER A 129 14.97 48.48 -16.73
CA SER A 129 16.23 48.40 -16.01
C SER A 129 16.10 49.08 -14.65
N TRP A 130 17.03 48.76 -13.76
CA TRP A 130 17.07 49.31 -12.41
C TRP A 130 18.25 50.28 -12.30
N LEU A 131 18.00 51.46 -11.74
CA LEU A 131 19.05 52.43 -11.47
C LEU A 131 19.57 52.23 -10.05
N ALA A 132 20.86 51.96 -9.91
CA ALA A 132 21.49 51.70 -8.63
C ALA A 132 22.29 52.91 -8.18
N VAL A 133 22.16 53.26 -6.89
CA VAL A 133 22.84 54.43 -6.36
C VAL A 133 24.25 54.12 -5.84
N ASP A 134 24.51 52.89 -5.44
CA ASP A 134 25.83 52.49 -4.97
C ASP A 134 26.07 51.04 -5.38
N ASN A 135 27.16 50.45 -4.88
CA ASN A 135 27.53 49.12 -5.33
C ASN A 135 26.78 48.01 -4.60
N VAL A 136 26.24 48.28 -3.42
CA VAL A 136 25.30 47.33 -2.82
C VAL A 136 24.05 47.24 -3.66
N ALA A 137 23.50 48.39 -4.07
CA ALA A 137 22.37 48.39 -5.00
C ALA A 137 22.76 47.80 -6.35
N HIS A 138 24.00 48.02 -6.79
CA HIS A 138 24.44 47.48 -8.08
C HIS A 138 24.38 45.95 -8.08
N THR A 139 24.77 45.33 -6.96
CA THR A 139 24.66 43.88 -6.85
C THR A 139 23.21 43.41 -6.93
N ILE A 140 22.30 44.14 -6.28
CA ILE A 140 20.89 43.76 -6.33
C ILE A 140 20.35 43.95 -7.74
N LYS A 141 20.75 45.05 -8.40
CA LYS A 141 20.29 45.33 -9.75
C LYS A 141 20.65 44.19 -10.69
N GLN A 142 21.87 43.68 -10.61
CA GLN A 142 22.30 42.62 -11.53
C GLN A 142 21.49 41.34 -11.31
N ALA A 143 21.19 41.02 -10.05
CA ALA A 143 20.37 39.85 -9.78
C ALA A 143 18.93 40.04 -10.26
N TRP A 144 18.36 41.24 -10.06
CA TRP A 144 16.98 41.48 -10.49
C TRP A 144 16.87 41.56 -12.00
N GLU A 145 17.87 42.17 -12.66
CA GLU A 145 17.82 42.28 -14.11
C GLU A 145 18.08 40.96 -14.81
N ALA A 146 18.67 39.98 -14.11
CA ALA A 146 18.81 38.65 -14.69
C ALA A 146 17.48 37.92 -14.77
N ASN A 147 16.48 38.34 -14.00
CA ASN A 147 15.15 37.75 -14.03
C ASN A 147 14.27 38.65 -14.89
N GLN A 148 14.39 38.48 -16.21
CA GLN A 148 13.72 39.37 -17.15
C GLN A 148 12.20 39.28 -17.02
N HIS A 149 11.67 38.09 -16.70
CA HIS A 149 10.22 37.93 -16.61
C HIS A 149 9.64 38.77 -15.49
N GLU A 150 10.33 38.86 -14.36
CA GLU A 150 9.82 39.67 -13.26
C GLU A 150 9.80 41.15 -13.63
N LEU A 151 10.77 41.61 -14.41
CA LEU A 151 10.75 42.99 -14.89
C LEU A 151 9.53 43.23 -15.76
N LEU A 152 9.22 42.30 -16.65
CA LEU A 152 8.04 42.42 -17.51
C LEU A 152 6.77 42.39 -16.70
N TYR A 153 6.72 41.51 -15.67
CA TYR A 153 5.56 41.48 -14.78
C TYR A 153 5.35 42.83 -14.11
N GLN A 154 6.45 43.48 -13.69
CA GLN A 154 6.31 44.77 -13.01
C GLN A 154 5.88 45.85 -13.98
N LYS A 155 6.36 45.80 -15.23
CA LYS A 155 5.90 46.75 -16.25
C LYS A 155 4.41 46.60 -16.49
N ASN A 156 3.93 45.35 -16.60
CA ASN A 156 2.51 45.14 -16.84
C ASN A 156 1.67 45.58 -15.65
N TRP A 157 2.14 45.32 -14.42
CA TRP A 157 1.36 45.72 -13.26
C TRP A 157 1.25 47.24 -13.18
N LEU A 158 2.35 47.95 -13.46
CA LEU A 158 2.33 49.40 -13.37
C LEU A 158 1.43 50.03 -14.43
N GLU A 159 1.46 49.51 -15.66
CA GLU A 159 0.77 50.15 -16.76
C GLU A 159 -0.67 49.71 -16.92
N GLU A 160 -1.00 48.48 -16.53
CA GLU A 160 -2.34 47.93 -16.70
C GLU A 160 -3.05 47.69 -15.37
N GLU A 161 -2.45 46.88 -14.50
CA GLU A 161 -3.15 46.46 -13.28
C GLU A 161 -3.36 47.64 -12.34
N CYS A 162 -2.29 48.41 -12.10
CA CYS A 162 -2.38 49.54 -11.20
C CYS A 162 -3.44 50.53 -11.64
N ILE A 163 -3.50 50.83 -12.95
CA ILE A 163 -4.46 51.79 -13.46
C ILE A 163 -5.89 51.26 -13.30
N ALA A 164 -6.08 49.95 -13.48
CA ALA A 164 -7.42 49.38 -13.31
C ALA A 164 -7.86 49.42 -11.86
N TRP A 165 -6.95 49.10 -10.93
CA TRP A 165 -7.26 49.24 -9.51
C TRP A 165 -7.62 50.68 -9.16
N LEU A 166 -6.86 51.64 -9.69
CA LEU A 166 -7.12 53.05 -9.39
C LEU A 166 -8.50 53.46 -9.87
N LYS A 167 -8.86 53.10 -11.10
CA LYS A 167 -10.19 53.46 -11.60
C LYS A 167 -11.28 52.82 -10.75
N ARG A 168 -11.04 51.59 -10.29
CA ARG A 168 -12.01 50.91 -9.43
C ARG A 168 -12.15 51.61 -8.09
N PHE A 169 -11.03 52.01 -7.49
CA PHE A 169 -11.09 52.72 -6.21
C PHE A 169 -11.66 54.12 -6.37
N LEU A 170 -11.41 54.78 -7.50
CA LEU A 170 -11.96 56.11 -7.73
C LEU A 170 -13.48 56.09 -7.77
N GLU A 171 -14.05 55.03 -8.36
CA GLU A 171 -15.50 54.90 -8.37
C GLU A 171 -16.04 54.60 -6.98
N TYR A 172 -15.39 53.69 -6.25
CA TYR A 172 -15.80 53.39 -4.88
C TYR A 172 -15.90 54.64 -4.03
N GLY A 173 -14.90 55.52 -4.10
CA GLY A 173 -14.89 56.69 -3.24
C GLY A 173 -15.12 58.02 -3.95
N LYS A 174 -15.93 58.01 -5.02
CA LYS A 174 -16.07 59.23 -5.81
C LYS A 174 -16.69 60.37 -5.01
N ASP A 175 -17.58 60.05 -4.06
CA ASP A 175 -18.17 61.10 -3.23
C ASP A 175 -17.10 61.88 -2.46
N THR A 176 -16.01 61.21 -2.07
CA THR A 176 -14.91 61.85 -1.38
C THR A 176 -13.86 62.37 -2.36
N LEU A 177 -13.47 61.54 -3.32
CA LEU A 177 -12.28 61.82 -4.12
C LEU A 177 -12.58 62.82 -5.25
N GLN A 178 -13.81 62.88 -5.72
CA GLN A 178 -14.14 63.71 -6.87
C GLN A 178 -14.94 64.95 -6.51
N ARG A 179 -15.11 65.22 -5.21
CA ARG A 179 -15.82 66.41 -4.79
C ARG A 179 -14.91 67.63 -4.88
N THR A 180 -15.50 68.81 -4.77
CA THR A 180 -14.74 70.06 -4.76
C THR A 180 -15.30 70.93 -3.65
N GLU A 181 -14.43 71.32 -2.72
CA GLU A 181 -14.77 72.33 -1.71
C GLU A 181 -13.89 73.54 -1.95
N PRO A 182 -14.46 74.67 -2.36
CA PRO A 182 -13.62 75.83 -2.70
C PRO A 182 -12.99 76.42 -1.45
N PRO A 183 -11.85 77.09 -1.58
CA PRO A 183 -11.21 77.71 -0.41
C PRO A 183 -11.88 79.01 0.00
N LEU A 184 -11.80 79.29 1.31
CA LEU A 184 -12.10 80.62 1.85
C LEU A 184 -10.78 81.35 2.02
N VAL A 185 -10.62 82.46 1.29
CA VAL A 185 -9.34 83.18 1.24
C VAL A 185 -9.51 84.55 1.88
N ARG A 186 -8.49 84.96 2.63
CA ARG A 186 -8.48 86.26 3.28
C ARG A 186 -7.05 86.77 3.33
N VAL A 187 -6.91 88.07 3.59
CA VAL A 187 -5.61 88.73 3.69
C VAL A 187 -5.55 89.48 5.01
N ASN A 188 -4.41 89.42 5.69
CA ASN A 188 -4.19 90.22 6.88
C ASN A 188 -2.72 90.57 7.00
N ARG A 189 -2.41 91.45 7.96
CA ARG A 189 -1.07 91.98 8.17
C ARG A 189 -0.51 91.45 9.49
N LYS A 190 0.74 91.01 9.46
CA LYS A 190 1.41 90.48 10.65
C LYS A 190 2.87 90.90 10.69
N THR A 197 6.91 94.34 8.31
CA THR A 197 5.53 93.86 8.18
C THR A 197 5.32 93.12 6.86
N ALA A 198 4.48 92.10 6.87
CA ALA A 198 4.24 91.27 5.70
C ALA A 198 2.74 91.06 5.49
N LEU A 199 2.36 90.91 4.23
CA LEU A 199 0.99 90.55 3.87
C LEU A 199 0.86 89.04 3.82
N PHE A 200 -0.15 88.52 4.49
CA PHE A 200 -0.40 87.08 4.55
C PHE A 200 -1.70 86.77 3.81
N CYS A 201 -1.60 85.94 2.78
CA CYS A 201 -2.76 85.42 2.07
C CYS A 201 -3.02 84.02 2.60
N LYS A 202 -4.22 83.80 3.15
CA LYS A 202 -4.54 82.57 3.86
C LYS A 202 -5.80 81.95 3.29
N ALA A 203 -5.72 80.66 2.95
CA ALA A 203 -6.87 79.91 2.45
C ALA A 203 -7.13 78.72 3.37
N HIS A 204 -8.41 78.39 3.54
CA HIS A 204 -8.75 77.23 4.36
C HIS A 204 -10.08 76.64 3.89
N GLY A 205 -10.33 75.42 4.33
CA GLY A 205 -11.58 74.73 4.03
C GLY A 205 -11.68 74.15 2.63
N PHE A 206 -10.58 73.93 1.93
CA PHE A 206 -10.66 73.50 0.55
C PHE A 206 -10.33 72.02 0.38
N TYR A 207 -10.87 71.43 -0.69
CA TYR A 207 -10.58 70.09 -1.14
C TYR A 207 -10.76 70.12 -2.64
N PRO A 208 -9.86 69.49 -3.43
CA PRO A 208 -8.68 68.71 -3.06
C PRO A 208 -7.54 69.57 -2.48
N PRO A 209 -6.52 68.94 -1.90
CA PRO A 209 -5.42 69.74 -1.31
C PRO A 209 -4.60 70.52 -2.32
N GLU A 210 -4.58 70.11 -3.60
CA GLU A 210 -3.82 70.82 -4.61
C GLU A 210 -4.35 72.25 -4.78
N ILE A 211 -3.47 73.23 -4.56
CA ILE A 211 -3.85 74.64 -4.65
C ILE A 211 -2.58 75.43 -4.93
N TYR A 212 -2.73 76.53 -5.66
CA TYR A 212 -1.61 77.40 -6.00
C TYR A 212 -1.90 78.80 -5.47
N MET A 213 -1.03 79.29 -4.59
CA MET A 213 -1.15 80.61 -4.00
C MET A 213 0.14 81.38 -4.26
N THR A 214 0.01 82.63 -4.72
CA THR A 214 1.18 83.44 -5.01
C THR A 214 0.82 84.91 -4.85
N TRP A 215 1.86 85.74 -4.76
CA TRP A 215 1.70 87.18 -4.64
C TRP A 215 2.21 87.86 -5.91
N MET A 216 1.48 88.87 -6.36
CA MET A 216 1.87 89.67 -7.50
C MET A 216 2.08 91.11 -7.05
N LYS A 217 3.16 91.73 -7.54
CA LYS A 217 3.49 93.11 -7.20
C LYS A 217 3.38 93.94 -8.47
N ASN A 218 2.39 94.84 -8.51
CA ASN A 218 2.13 95.69 -9.67
C ASN A 218 1.89 94.88 -10.94
N GLY A 219 1.40 93.65 -10.80
CA GLY A 219 1.16 92.77 -11.92
C GLY A 219 2.28 91.81 -12.26
N GLU A 220 3.39 91.85 -11.53
CA GLU A 220 4.50 90.95 -11.76
C GLU A 220 4.71 90.05 -10.54
N GLU A 221 5.12 88.82 -10.79
CA GLU A 221 5.32 87.81 -9.75
C GLU A 221 6.81 87.63 -9.51
N ILE A 222 7.23 87.86 -8.26
CA ILE A 222 8.62 87.66 -7.85
C ILE A 222 8.64 86.47 -6.90
N VAL A 223 9.05 85.30 -7.41
CA VAL A 223 9.00 84.08 -6.62
C VAL A 223 10.02 84.12 -5.47
N GLN A 224 11.14 84.82 -5.66
CA GLN A 224 12.17 84.87 -4.63
C GLN A 224 11.71 85.65 -3.41
N GLU A 225 10.82 86.62 -3.59
CA GLU A 225 10.35 87.44 -2.49
C GLU A 225 9.21 86.82 -1.70
N ILE A 226 8.59 85.75 -2.21
CA ILE A 226 7.40 85.17 -1.61
C ILE A 226 7.80 84.05 -0.68
N ASP A 227 7.15 84.00 0.49
CA ASP A 227 7.29 82.91 1.44
C ASP A 227 6.07 82.00 1.31
N TYR A 228 6.27 80.76 0.90
CA TYR A 228 5.18 79.82 0.67
C TYR A 228 5.03 78.91 1.88
N GLY A 229 3.79 78.81 2.39
CA GLY A 229 3.49 77.86 3.44
C GLY A 229 3.08 76.51 2.90
N ASP A 230 3.12 75.51 3.78
CA ASP A 230 2.74 74.15 3.41
C ASP A 230 1.23 74.00 3.35
N ILE A 231 0.76 73.09 2.51
CA ILE A 231 -0.64 72.70 2.50
C ILE A 231 -0.83 71.70 3.63
N LEU A 232 -1.66 72.08 4.62
CA LEU A 232 -1.78 71.32 5.86
C LEU A 232 -3.19 70.74 6.02
N PRO A 233 -3.31 69.54 6.59
CA PRO A 233 -4.64 68.99 6.88
C PRO A 233 -5.27 69.68 8.07
N SER A 234 -6.53 70.07 7.95
CA SER A 234 -7.25 70.69 9.05
C SER A 234 -7.85 69.67 10.00
N GLY A 235 -7.98 68.42 9.59
CA GLY A 235 -8.54 67.36 10.40
C GLY A 235 -9.98 66.98 10.08
N ASP A 236 -10.69 67.78 9.28
CA ASP A 236 -12.06 67.48 8.91
C ASP A 236 -12.18 66.98 7.47
N GLY A 237 -11.05 66.71 6.81
CA GLY A 237 -11.05 66.34 5.41
C GLY A 237 -10.74 67.48 4.46
N THR A 238 -10.61 68.70 4.97
CA THR A 238 -10.22 69.87 4.17
C THR A 238 -8.83 70.32 4.60
N TYR A 239 -8.29 71.28 3.84
CA TYR A 239 -6.91 71.68 3.98
C TYR A 239 -6.81 73.19 4.08
N GLN A 240 -5.63 73.66 4.50
CA GLN A 240 -5.35 75.09 4.60
C GLN A 240 -3.93 75.36 4.16
N ALA A 241 -3.69 76.61 3.76
CA ALA A 241 -2.40 77.00 3.22
C ALA A 241 -2.28 78.52 3.30
N TRP A 242 -1.07 79.01 3.08
CA TRP A 242 -0.84 80.45 3.12
C TRP A 242 0.40 80.78 2.30
N ALA A 243 0.55 82.07 2.00
CA ALA A 243 1.73 82.63 1.34
C ALA A 243 1.88 84.07 1.80
N SER A 244 3.11 84.49 2.06
CA SER A 244 3.37 85.82 2.59
C SER A 244 4.42 86.53 1.76
N ILE A 245 4.36 87.86 1.78
CA ILE A 245 5.33 88.70 1.08
C ILE A 245 5.60 89.92 1.93
N GLU A 246 6.83 90.41 1.90
CA GLU A 246 7.26 91.51 2.75
C GLU A 246 6.90 92.85 2.12
N LEU A 247 6.39 93.75 2.96
CA LEU A 247 5.93 95.06 2.50
C LEU A 247 7.08 96.06 2.45
N ASP A 248 7.10 96.84 1.37
CA ASP A 248 8.10 97.89 1.22
C ASP A 248 7.71 99.11 2.04
N PRO A 249 8.49 99.49 3.06
CA PRO A 249 8.08 100.62 3.91
C PRO A 249 8.29 101.98 3.28
N GLN A 250 9.11 102.10 2.23
CA GLN A 250 9.46 103.38 1.65
C GLN A 250 8.65 103.71 0.39
N SER A 251 7.88 102.75 -0.14
CA SER A 251 7.13 102.98 -1.36
C SER A 251 5.87 102.13 -1.34
N SER A 252 4.76 102.69 -1.82
CA SER A 252 3.52 101.96 -1.94
C SER A 252 3.51 101.19 -3.26
N ASN A 253 3.03 99.95 -3.20
CA ASN A 253 2.88 99.10 -4.38
C ASN A 253 1.50 98.48 -4.35
N LEU A 254 1.11 97.89 -5.48
CA LEU A 254 -0.19 97.24 -5.61
C LEU A 254 0.04 95.73 -5.49
N TYR A 255 -0.08 95.21 -4.27
CA TYR A 255 0.04 93.78 -4.01
C TYR A 255 -1.33 93.12 -4.15
N SER A 256 -1.35 91.96 -4.81
CA SER A 256 -2.58 91.21 -4.99
C SER A 256 -2.29 89.73 -4.84
N CYS A 257 -3.10 89.05 -4.02
CA CYS A 257 -2.98 87.61 -3.88
C CYS A 257 -3.74 86.90 -4.99
N HIS A 258 -3.14 85.85 -5.52
CA HIS A 258 -3.73 85.02 -6.58
C HIS A 258 -3.81 83.59 -6.08
N VAL A 259 -5.01 83.02 -6.12
CA VAL A 259 -5.25 81.65 -5.67
C VAL A 259 -5.91 80.88 -6.81
N GLU A 260 -5.36 79.71 -7.11
CA GLU A 260 -5.88 78.84 -8.15
C GLU A 260 -6.25 77.50 -7.53
N HIS A 261 -7.49 77.06 -7.76
CA HIS A 261 -7.96 75.82 -7.16
C HIS A 261 -9.03 75.21 -8.03
N SER A 262 -8.76 74.01 -8.56
CA SER A 262 -9.75 73.17 -9.23
C SER A 262 -10.45 73.91 -10.38
N GLY A 263 -9.66 74.61 -11.19
CA GLY A 263 -10.18 75.31 -12.36
C GLY A 263 -10.75 76.70 -12.10
N VAL A 264 -10.66 77.23 -10.88
CA VAL A 264 -11.18 78.55 -10.56
C VAL A 264 -10.02 79.40 -10.07
N HIS A 265 -9.93 80.64 -10.57
CA HIS A 265 -8.88 81.56 -10.18
CA HIS A 265 -8.88 81.57 -10.21
C HIS A 265 -9.46 82.68 -9.35
N MET A 266 -8.73 83.08 -8.31
CA MET A 266 -9.17 84.12 -7.39
CA MET A 266 -9.17 84.12 -7.39
C MET A 266 -8.09 85.19 -7.30
N VAL A 267 -8.51 86.45 -7.16
CA VAL A 267 -7.62 87.58 -6.99
C VAL A 267 -8.14 88.43 -5.85
N LEU A 268 -7.30 88.65 -4.84
CA LEU A 268 -7.60 89.53 -3.72
C LEU A 268 -6.65 90.71 -3.79
N GLN A 269 -7.16 91.85 -4.27
CA GLN A 269 -6.37 93.07 -4.37
C GLN A 269 -6.31 93.76 -3.02
N VAL A 270 -5.11 94.05 -2.55
CA VAL A 270 -4.92 94.71 -1.27
C VAL A 270 -5.06 96.22 -1.46
N PRO A 271 -6.06 96.86 -0.84
CA PRO A 271 -6.28 98.31 -0.98
C PRO A 271 -5.11 99.14 -0.45
N MET B 1 24.82 57.77 7.66
CA MET B 1 23.37 57.65 7.76
C MET B 1 22.72 59.02 7.99
N ILE B 2 21.79 59.37 7.11
CA ILE B 2 21.15 60.68 7.13
C ILE B 2 19.85 60.57 7.91
N GLN B 3 19.80 61.20 9.08
CA GLN B 3 18.58 61.36 9.86
C GLN B 3 18.02 62.76 9.67
N ARG B 4 16.71 62.85 9.53
CA ARG B 4 16.05 64.12 9.22
C ARG B 4 15.15 64.54 10.37
N THR B 5 15.31 65.79 10.81
CA THR B 5 14.61 66.30 11.98
C THR B 5 13.17 66.70 11.62
N PRO B 6 12.24 66.54 12.56
CA PRO B 6 10.83 66.82 12.24
C PRO B 6 10.57 68.30 12.06
N LYS B 7 9.70 68.61 11.08
CA LYS B 7 9.11 69.94 10.98
C LYS B 7 7.81 69.94 11.78
N ILE B 8 7.65 70.94 12.64
CA ILE B 8 6.55 71.00 13.60
C ILE B 8 5.75 72.26 13.34
N GLN B 9 4.48 72.10 12.99
CA GLN B 9 3.58 73.22 12.73
C GLN B 9 2.32 73.06 13.57
N VAL B 10 1.96 74.13 14.28
CA VAL B 10 0.81 74.14 15.17
C VAL B 10 -0.18 75.19 14.69
N TYR B 11 -1.45 74.83 14.67
CA TYR B 11 -2.48 75.67 14.06
C TYR B 11 -3.83 75.13 14.48
N SER B 12 -4.87 75.93 14.26
CA SER B 12 -6.23 75.55 14.56
C SER B 12 -6.92 75.10 13.27
N ARG B 13 -7.93 74.24 13.43
CA ARG B 13 -8.67 73.76 12.27
C ARG B 13 -9.36 74.90 11.53
N HIS B 14 -10.07 75.75 12.25
CA HIS B 14 -10.75 76.93 11.73
C HIS B 14 -10.04 78.19 12.20
N PRO B 15 -10.27 79.33 11.53
CA PRO B 15 -9.80 80.61 12.08
C PRO B 15 -10.30 80.80 13.49
N ALA B 16 -9.39 80.86 14.45
CA ALA B 16 -9.77 80.80 15.86
C ALA B 16 -10.43 82.10 16.31
N GLU B 17 -11.43 81.96 17.18
CA GLU B 17 -12.10 83.09 17.80
C GLU B 17 -12.39 82.72 19.25
N ASN B 18 -12.06 83.61 20.17
CA ASN B 18 -12.15 83.29 21.59
C ASN B 18 -13.58 82.87 21.97
N GLY B 19 -13.66 81.85 22.82
CA GLY B 19 -14.95 81.35 23.25
C GLY B 19 -15.70 80.53 22.25
N LYS B 20 -15.06 80.10 21.16
CA LYS B 20 -15.69 79.32 20.12
C LYS B 20 -14.94 78.01 19.96
N SER B 21 -15.68 76.90 19.96
CA SER B 21 -15.05 75.58 19.94
C SER B 21 -14.26 75.38 18.66
N ASN B 22 -13.15 74.67 18.77
CA ASN B 22 -12.21 74.49 17.66
C ASN B 22 -11.40 73.22 17.90
N PHE B 23 -10.40 73.00 17.05
CA PHE B 23 -9.46 71.90 17.18
C PHE B 23 -8.06 72.45 17.03
N LEU B 24 -7.17 72.07 17.96
CA LEU B 24 -5.76 72.44 17.88
C LEU B 24 -5.00 71.30 17.21
N ASN B 25 -4.31 71.63 16.10
CA ASN B 25 -3.57 70.65 15.32
C ASN B 25 -2.07 70.82 15.53
N CYS B 26 -1.35 69.69 15.57
CA CYS B 26 0.10 69.66 15.52
C CYS B 26 0.52 68.71 14.41
N TYR B 27 0.96 69.27 13.29
CA TYR B 27 1.38 68.49 12.12
C TYR B 27 2.89 68.34 12.17
N VAL B 28 3.35 67.10 12.27
CA VAL B 28 4.77 66.76 12.36
C VAL B 28 5.13 65.97 11.11
N SER B 29 6.09 66.48 10.34
CA SER B 29 6.35 65.92 9.02
C SER B 29 7.85 65.98 8.71
N GLY B 30 8.23 65.24 7.65
CA GLY B 30 9.56 65.30 7.10
C GLY B 30 10.65 64.60 7.90
N PHE B 31 10.29 63.80 8.89
CA PHE B 31 11.29 63.20 9.76
C PHE B 31 11.61 61.77 9.34
N HIS B 32 12.79 61.31 9.79
CA HIS B 32 13.28 59.97 9.53
C HIS B 32 14.39 59.68 10.53
N PRO B 33 14.39 58.51 11.20
CA PRO B 33 13.42 57.41 11.06
C PRO B 33 12.07 57.66 11.73
N SER B 34 11.26 56.61 11.87
CA SER B 34 9.83 56.77 12.13
C SER B 34 9.47 56.94 13.61
N ASP B 35 10.31 56.47 14.53
CA ASP B 35 9.98 56.61 15.94
C ASP B 35 9.94 58.07 16.34
N ILE B 36 8.87 58.47 17.02
CA ILE B 36 8.69 59.86 17.41
C ILE B 36 7.68 59.91 18.55
N GLU B 37 7.82 60.90 19.42
CA GLU B 37 6.89 61.14 20.52
C GLU B 37 6.37 62.56 20.42
N VAL B 38 5.05 62.72 20.50
CA VAL B 38 4.40 64.01 20.34
C VAL B 38 3.41 64.22 21.49
N ASP B 39 3.40 65.44 22.04
CA ASP B 39 2.46 65.81 23.09
C ASP B 39 1.93 67.21 22.83
N LEU B 40 0.64 67.39 23.08
CA LEU B 40 0.02 68.72 23.05
C LEU B 40 0.03 69.30 24.47
N LEU B 41 0.42 70.57 24.58
CA LEU B 41 0.59 71.23 25.86
C LEU B 41 -0.47 72.31 26.06
N LYS B 42 -0.99 72.39 27.28
CA LYS B 42 -1.86 73.48 27.71
C LYS B 42 -1.23 74.14 28.92
N ASN B 43 -0.72 75.35 28.74
CA ASN B 43 -0.02 76.09 29.81
C ASN B 43 1.16 75.31 30.34
N GLY B 44 1.76 74.46 29.51
CA GLY B 44 2.89 73.65 29.91
C GLY B 44 2.54 72.27 30.41
N GLU B 45 1.26 71.92 30.48
CA GLU B 45 0.82 70.61 30.93
C GLU B 45 0.33 69.78 29.75
N ARG B 46 0.66 68.49 29.75
CA ARG B 46 0.22 67.61 28.68
C ARG B 46 -1.29 67.41 28.73
N ILE B 47 -1.93 67.50 27.56
CA ILE B 47 -3.36 67.22 27.45
C ILE B 47 -3.56 65.71 27.38
N GLU B 48 -4.56 65.21 28.10
CA GLU B 48 -4.75 63.77 28.22
C GLU B 48 -5.40 63.18 26.97
N LYS B 49 -6.54 63.72 26.56
CA LYS B 49 -7.30 63.16 25.44
C LYS B 49 -6.83 63.81 24.15
N VAL B 50 -5.71 63.30 23.63
CA VAL B 50 -5.12 63.77 22.37
C VAL B 50 -5.17 62.62 21.37
N GLU B 51 -5.69 62.90 20.18
CA GLU B 51 -5.81 61.91 19.12
C GLU B 51 -4.77 62.16 18.04
N HIS B 52 -4.47 61.12 17.28
CA HIS B 52 -3.47 61.23 16.22
C HIS B 52 -3.78 60.25 15.10
N SER B 53 -3.48 60.67 13.88
CA SER B 53 -3.62 59.79 12.73
C SER B 53 -2.52 58.73 12.76
N ASP B 54 -2.70 57.71 11.93
CA ASP B 54 -1.65 56.71 11.75
C ASP B 54 -0.43 57.32 11.08
N LEU B 55 0.73 56.73 11.35
CA LEU B 55 1.95 57.10 10.65
C LEU B 55 1.72 57.08 9.14
N SER B 56 2.16 58.14 8.48
CA SER B 56 1.94 58.30 7.05
C SER B 56 3.27 58.42 6.32
N PHE B 57 3.25 58.07 5.04
CA PHE B 57 4.46 57.93 4.24
C PHE B 57 4.46 58.95 3.11
N SER B 58 5.57 59.67 2.98
CA SER B 58 5.75 60.63 1.90
C SER B 58 6.62 60.05 0.79
N LYS B 59 6.49 60.64 -0.39
CA LYS B 59 7.23 60.18 -1.56
C LYS B 59 8.74 60.26 -1.35
N ASP B 60 9.21 61.24 -0.56
CA ASP B 60 10.65 61.40 -0.34
C ASP B 60 11.18 60.52 0.77
N TRP B 61 10.40 59.53 1.18
CA TRP B 61 10.71 58.49 2.17
C TRP B 61 10.60 58.99 3.61
N SER B 62 10.32 60.28 3.84
CA SER B 62 10.08 60.73 5.20
C SER B 62 8.64 60.40 5.61
N PHE B 63 8.33 60.67 6.88
CA PHE B 63 7.04 60.35 7.46
C PHE B 63 6.36 61.61 7.97
N TYR B 64 5.06 61.50 8.24
CA TYR B 64 4.32 62.61 8.81
C TYR B 64 3.15 62.08 9.63
N LEU B 65 2.73 62.91 10.58
CA LEU B 65 1.68 62.60 11.55
C LEU B 65 0.92 63.88 11.88
N LEU B 66 -0.35 63.71 12.26
CA LEU B 66 -1.19 64.81 12.70
C LEU B 66 -1.74 64.48 14.08
N TYR B 67 -1.31 65.24 15.09
CA TYR B 67 -1.87 65.15 16.44
C TYR B 67 -2.84 66.31 16.64
N TYR B 68 -3.97 66.01 17.28
CA TYR B 68 -5.01 67.02 17.42
C TYR B 68 -5.84 66.75 18.66
N THR B 69 -6.47 67.81 19.16
CA THR B 69 -7.38 67.73 20.28
C THR B 69 -8.41 68.84 20.18
N GLU B 70 -9.60 68.59 20.70
CA GLU B 70 -10.65 69.59 20.70
C GLU B 70 -10.45 70.55 21.88
N PHE B 71 -10.65 71.84 21.62
CA PHE B 71 -10.42 72.84 22.66
C PHE B 71 -11.24 74.09 22.33
N THR B 72 -11.23 75.02 23.27
CA THR B 72 -11.86 76.33 23.09
C THR B 72 -10.82 77.39 23.40
N PRO B 73 -10.37 78.16 22.41
CA PRO B 73 -9.33 79.18 22.68
C PRO B 73 -9.86 80.28 23.60
N THR B 74 -9.10 80.54 24.65
CA THR B 74 -9.37 81.66 25.55
C THR B 74 -8.20 82.64 25.49
N GLU B 75 -8.46 83.87 25.93
CA GLU B 75 -7.43 84.90 25.86
C GLU B 75 -6.19 84.52 26.67
N LYS B 76 -6.39 83.91 27.84
CA LYS B 76 -5.29 83.68 28.77
C LYS B 76 -4.56 82.36 28.55
N ASP B 77 -5.16 81.41 27.82
CA ASP B 77 -4.60 80.08 27.67
C ASP B 77 -3.60 80.03 26.53
N GLU B 78 -2.44 79.43 26.78
CA GLU B 78 -1.38 79.28 25.80
C GLU B 78 -1.18 77.80 25.50
N TYR B 79 -1.08 77.47 24.21
CA TYR B 79 -0.99 76.09 23.76
C TYR B 79 0.32 75.85 23.02
N ALA B 80 0.81 74.61 23.07
CA ALA B 80 2.07 74.26 22.44
C ALA B 80 2.05 72.79 22.05
N CYS B 81 3.07 72.38 21.30
CA CYS B 81 3.27 71.00 20.89
C CYS B 81 4.72 70.61 21.20
N ARG B 82 4.89 69.50 21.90
CA ARG B 82 6.21 69.02 22.31
C ARG B 82 6.54 67.75 21.55
N VAL B 83 7.68 67.75 20.86
CA VAL B 83 8.08 66.66 19.99
C VAL B 83 9.48 66.21 20.38
N ASN B 84 9.68 64.90 20.46
CA ASN B 84 10.99 64.33 20.72
C ASN B 84 11.33 63.33 19.61
N HIS B 85 12.59 63.37 19.16
CA HIS B 85 13.03 62.57 18.04
C HIS B 85 14.52 62.30 18.21
N VAL B 86 15.01 61.25 17.54
CA VAL B 86 16.41 60.86 17.66
C VAL B 86 17.34 61.96 17.16
N THR B 87 16.84 62.86 16.31
CA THR B 87 17.61 64.00 15.84
C THR B 87 17.58 65.19 16.81
N LEU B 88 16.95 65.04 17.97
CA LEU B 88 16.78 66.14 18.91
C LEU B 88 17.46 65.80 20.22
N SER B 89 18.32 66.72 20.68
CA SER B 89 19.01 66.52 21.97
C SER B 89 18.03 66.61 23.13
N GLN B 90 17.02 67.45 23.02
CA GLN B 90 15.99 67.63 24.03
C GLN B 90 14.67 67.88 23.31
N PRO B 91 13.54 67.63 23.98
CA PRO B 91 12.25 67.88 23.33
C PRO B 91 12.13 69.32 22.84
N LYS B 92 11.64 69.47 21.63
CA LYS B 92 11.43 70.80 21.03
C LYS B 92 9.96 71.19 21.20
N ILE B 93 9.73 72.34 21.82
CA ILE B 93 8.39 72.84 22.07
C ILE B 93 8.11 73.97 21.09
N VAL B 94 6.98 73.87 20.39
CA VAL B 94 6.51 74.88 19.45
C VAL B 94 5.16 75.38 19.94
N LYS B 95 5.05 76.68 20.16
CA LYS B 95 3.83 77.27 20.72
C LYS B 95 2.85 77.65 19.62
N TRP B 96 1.56 77.54 19.94
CA TRP B 96 0.52 77.98 19.03
C TRP B 96 0.52 79.50 18.94
N ASP B 97 0.78 80.02 17.75
CA ASP B 97 0.85 81.46 17.51
C ASP B 97 -0.30 81.88 16.61
N ARG B 98 -0.93 83.00 16.97
CA ARG B 98 -2.05 83.52 16.19
C ARG B 98 -2.15 85.04 16.32
N MET C 1 22.50 -11.51 -4.26
CA MET C 1 22.42 -12.93 -4.61
C MET C 1 21.80 -13.08 -5.98
N ARG C 2 22.19 -14.12 -6.71
CA ARG C 2 21.65 -14.37 -8.03
C ARG C 2 20.29 -15.08 -7.91
N THR C 3 19.67 -15.34 -9.05
CA THR C 3 18.37 -16.03 -9.05
C THR C 3 18.55 -17.49 -8.67
N HIS C 4 17.70 -17.97 -7.75
CA HIS C 4 17.74 -19.36 -7.29
C HIS C 4 16.32 -19.93 -7.28
N SER C 5 16.24 -21.26 -7.32
CA SER C 5 14.95 -21.94 -7.38
C SER C 5 15.00 -23.23 -6.56
N LEU C 6 13.83 -23.61 -6.05
CA LEU C 6 13.62 -24.89 -5.38
C LEU C 6 12.41 -25.55 -6.01
N ARG C 7 12.51 -26.84 -6.31
CA ARG C 7 11.36 -27.52 -6.88
CA ARG C 7 11.38 -27.53 -6.91
C ARG C 7 11.43 -29.01 -6.58
N TYR C 8 10.25 -29.63 -6.52
CA TYR C 8 10.09 -31.05 -6.27
C TYR C 8 9.32 -31.67 -7.42
N PHE C 9 9.82 -32.79 -7.92
CA PHE C 9 9.16 -33.57 -8.96
C PHE C 9 8.62 -34.86 -8.39
N ARG C 10 7.52 -35.34 -8.99
CA ARG C 10 7.00 -36.67 -8.74
C ARG C 10 6.77 -37.36 -10.07
N LEU C 11 7.08 -38.64 -10.14
CA LEU C 11 6.86 -39.46 -11.33
C LEU C 11 6.16 -40.74 -10.91
N GLY C 12 4.97 -40.98 -11.47
CA GLY C 12 4.24 -42.21 -11.26
C GLY C 12 4.12 -42.97 -12.57
N VAL C 13 4.40 -44.28 -12.50
CA VAL C 13 4.35 -45.16 -13.66
C VAL C 13 3.43 -46.33 -13.32
N SER C 14 2.41 -46.54 -14.14
CA SER C 14 1.53 -47.68 -13.97
C SER C 14 2.08 -48.89 -14.72
N ASP C 15 1.82 -50.07 -14.18
CA ASP C 15 2.31 -51.34 -14.68
C ASP C 15 3.76 -51.22 -15.16
N PRO C 16 4.68 -50.83 -14.28
CA PRO C 16 6.07 -50.66 -14.72
C PRO C 16 6.71 -52.02 -15.01
N ILE C 17 7.58 -52.03 -16.02
CA ILE C 17 8.33 -53.23 -16.35
C ILE C 17 9.39 -53.44 -15.29
N HIS C 18 10.02 -54.62 -15.30
CA HIS C 18 11.10 -54.90 -14.36
C HIS C 18 12.16 -53.80 -14.40
N GLY C 19 12.48 -53.26 -13.23
CA GLY C 19 13.55 -52.29 -13.07
C GLY C 19 13.07 -50.87 -12.80
N VAL C 20 11.90 -50.50 -13.31
CA VAL C 20 11.41 -49.13 -13.20
C VAL C 20 10.53 -49.00 -11.95
N PRO C 21 10.83 -48.07 -11.05
CA PRO C 21 9.99 -47.90 -9.86
C PRO C 21 8.61 -47.37 -10.23
N GLU C 22 7.63 -47.75 -9.41
CA GLU C 22 6.27 -47.24 -9.60
C GLU C 22 6.19 -45.75 -9.28
N PHE C 23 7.09 -45.25 -8.44
CA PHE C 23 7.00 -43.88 -7.97
C PHE C 23 8.39 -43.37 -7.63
N ILE C 24 8.71 -42.16 -8.09
CA ILE C 24 9.98 -41.49 -7.79
C ILE C 24 9.67 -40.05 -7.45
N SER C 25 10.35 -39.51 -6.43
CA SER C 25 10.25 -38.09 -6.13
C SER C 25 11.63 -37.53 -5.81
N VAL C 26 12.01 -36.46 -6.49
CA VAL C 26 13.33 -35.86 -6.37
C VAL C 26 13.18 -34.35 -6.19
N GLY C 27 13.94 -33.79 -5.26
CA GLY C 27 14.01 -32.36 -5.07
C GLY C 27 15.30 -31.78 -5.64
N TYR C 28 15.22 -30.52 -6.07
CA TYR C 28 16.35 -29.77 -6.61
C TYR C 28 16.41 -28.35 -6.05
N VAL C 29 17.63 -27.89 -5.78
CA VAL C 29 18.06 -26.50 -5.71
C VAL C 29 19.03 -26.34 -6.87
N ASP C 30 19.10 -25.15 -7.44
CA ASP C 30 18.84 -24.89 -8.87
C ASP C 30 19.04 -26.15 -9.71
N SER C 31 20.27 -26.61 -9.94
CA SER C 31 20.48 -27.76 -10.80
C SER C 31 20.95 -28.95 -10.01
N HIS C 32 21.02 -28.78 -8.69
CA HIS C 32 21.60 -29.74 -7.79
C HIS C 32 20.49 -30.57 -7.19
N PRO C 33 20.50 -31.89 -7.34
CA PRO C 33 19.54 -32.73 -6.62
C PRO C 33 19.82 -32.64 -5.12
N ILE C 34 18.75 -32.54 -4.32
CA ILE C 34 18.94 -32.38 -2.88
C ILE C 34 18.30 -33.53 -2.12
N THR C 35 17.22 -34.09 -2.65
CA THR C 35 16.50 -35.17 -1.96
C THR C 35 16.04 -36.19 -2.99
N THR C 36 15.90 -37.43 -2.53
CA THR C 36 15.36 -38.49 -3.38
C THR C 36 14.52 -39.45 -2.56
N TYR C 37 13.51 -40.02 -3.23
CA TYR C 37 12.65 -41.04 -2.68
C TYR C 37 12.11 -41.86 -3.85
N ASP C 38 11.96 -43.17 -3.64
CA ASP C 38 11.28 -43.99 -4.62
C ASP C 38 10.57 -45.15 -3.92
N SER C 39 9.70 -45.83 -4.66
CA SER C 39 8.86 -46.88 -4.11
C SER C 39 9.62 -48.18 -3.86
N VAL C 40 10.87 -48.28 -4.28
CA VAL C 40 11.69 -49.45 -3.96
C VAL C 40 12.35 -49.31 -2.60
N THR C 41 13.08 -48.20 -2.37
CA THR C 41 13.70 -47.98 -1.07
C THR C 41 12.66 -47.58 -0.01
N ARG C 42 11.61 -46.89 -0.43
CA ARG C 42 10.59 -46.37 0.48
CA ARG C 42 10.59 -46.37 0.48
C ARG C 42 11.21 -45.51 1.58
N GLN C 43 12.31 -44.85 1.26
CA GLN C 43 13.02 -43.96 2.19
C GLN C 43 13.36 -42.66 1.48
N LYS C 44 13.18 -41.54 2.17
CA LYS C 44 13.64 -40.25 1.65
C LYS C 44 15.06 -40.02 2.12
N GLU C 45 15.96 -39.76 1.18
CA GLU C 45 17.38 -39.66 1.46
C GLU C 45 17.96 -38.38 0.89
N PRO C 46 18.99 -37.83 1.51
CA PRO C 46 19.67 -36.66 0.93
C PRO C 46 20.48 -37.03 -0.29
N ARG C 47 20.57 -36.07 -1.22
CA ARG C 47 21.36 -36.21 -2.44
CA ARG C 47 21.39 -36.24 -2.42
C ARG C 47 22.47 -35.17 -2.54
N ALA C 48 22.73 -34.42 -1.47
CA ALA C 48 23.79 -33.44 -1.44
C ALA C 48 24.42 -33.50 -0.06
N PRO C 49 25.76 -33.47 0.02
CA PRO C 49 26.42 -33.53 1.33
C PRO C 49 25.96 -32.45 2.29
N TRP C 50 25.71 -31.23 1.79
CA TRP C 50 25.28 -30.15 2.66
C TRP C 50 23.85 -30.29 3.12
N MET C 51 23.05 -31.14 2.47
CA MET C 51 21.72 -31.46 2.97
C MET C 51 21.79 -32.43 4.14
N ALA C 52 22.58 -33.50 3.99
CA ALA C 52 22.69 -34.51 5.03
C ALA C 52 23.32 -33.97 6.30
N GLU C 53 24.27 -33.04 6.18
CA GLU C 53 24.97 -32.52 7.35
C GLU C 53 24.12 -31.58 8.19
N ASN C 54 23.11 -30.93 7.59
CA ASN C 54 22.36 -29.89 8.29
C ASN C 54 20.94 -30.31 8.65
N LEU C 55 20.53 -31.54 8.35
CA LEU C 55 19.20 -32.02 8.68
C LEU C 55 19.31 -33.33 9.44
N ALA C 56 18.88 -33.32 10.70
CA ALA C 56 18.99 -34.47 11.57
C ALA C 56 18.13 -35.63 11.05
N PRO C 57 18.41 -36.86 11.49
CA PRO C 57 17.60 -38.01 11.03
C PRO C 57 16.12 -37.90 11.36
N ASP C 58 15.74 -37.04 12.31
CA ASP C 58 14.31 -36.81 12.57
C ASP C 58 13.62 -36.26 11.33
N HIS C 59 14.28 -35.35 10.62
CA HIS C 59 13.68 -34.76 9.42
C HIS C 59 13.43 -35.82 8.35
N TRP C 60 14.39 -36.72 8.14
CA TRP C 60 14.25 -37.71 7.07
C TRP C 60 13.21 -38.77 7.43
N GLU C 61 13.07 -39.11 8.71
CA GLU C 61 12.05 -40.05 9.11
C GLU C 61 10.65 -39.48 8.90
N ARG C 62 10.46 -38.20 9.21
CA ARG C 62 9.16 -37.57 9.04
CA ARG C 62 9.16 -37.58 9.05
C ARG C 62 8.77 -37.47 7.57
N TYR C 63 9.69 -37.00 6.73
CA TYR C 63 9.34 -36.86 5.33
C TYR C 63 9.27 -38.20 4.60
N THR C 64 9.95 -39.23 5.12
CA THR C 64 9.75 -40.57 4.58
C THR C 64 8.27 -40.97 4.71
N GLN C 65 7.66 -40.69 5.86
CA GLN C 65 6.26 -41.03 6.06
C GLN C 65 5.36 -40.25 5.12
N LEU C 66 5.66 -38.96 4.91
CA LEU C 66 4.87 -38.15 4.01
C LEU C 66 4.95 -38.67 2.57
N LEU C 67 6.17 -38.99 2.12
N LEU C 67 6.16 -39.01 2.11
CA LEU C 67 6.34 -39.48 0.75
CA LEU C 67 6.30 -39.47 0.74
C LEU C 67 5.67 -40.84 0.56
C LEU C 67 5.73 -40.87 0.53
N ARG C 68 5.63 -41.67 1.58
CA ARG C 68 4.92 -42.94 1.46
C ARG C 68 3.44 -42.72 1.21
N GLY C 69 2.86 -41.70 1.85
CA GLY C 69 1.47 -41.37 1.59
C GLY C 69 1.26 -40.71 0.25
N TRP C 70 2.18 -39.81 -0.13
CA TRP C 70 2.09 -39.19 -1.46
C TRP C 70 2.24 -40.23 -2.56
N GLN C 71 3.08 -41.24 -2.33
CA GLN C 71 3.18 -42.33 -3.30
C GLN C 71 1.83 -43.01 -3.49
N GLN C 72 1.13 -43.28 -2.38
CA GLN C 72 -0.17 -43.95 -2.46
C GLN C 72 -1.19 -43.10 -3.21
N MET C 73 -1.17 -41.78 -2.99
CA MET C 73 -2.15 -40.93 -3.64
CA MET C 73 -2.17 -40.95 -3.65
C MET C 73 -1.85 -40.79 -5.13
N PHE C 74 -0.57 -40.72 -5.49
CA PHE C 74 -0.22 -40.64 -6.90
C PHE C 74 -0.71 -41.86 -7.65
N LYS C 75 -0.60 -43.04 -7.04
CA LYS C 75 -1.04 -44.28 -7.67
C LYS C 75 -2.53 -44.26 -7.93
N VAL C 76 -3.33 -43.78 -6.97
CA VAL C 76 -4.77 -43.75 -7.13
C VAL C 76 -5.18 -42.74 -8.19
N GLU C 77 -4.56 -41.56 -8.17
CA GLU C 77 -4.88 -40.52 -9.16
C GLU C 77 -4.58 -41.00 -10.57
N LEU C 78 -3.45 -41.69 -10.76
CA LEU C 78 -3.12 -42.22 -12.08
C LEU C 78 -4.14 -43.28 -12.52
N LYS C 79 -4.59 -44.13 -11.60
CA LYS C 79 -5.63 -45.09 -11.94
C LYS C 79 -6.88 -44.38 -12.45
N ARG C 80 -7.28 -43.29 -11.79
CA ARG C 80 -8.49 -42.59 -12.21
C ARG C 80 -8.30 -41.86 -13.53
N LEU C 81 -7.10 -41.32 -13.78
CA LEU C 81 -6.83 -40.69 -15.07
C LEU C 81 -6.94 -41.69 -16.22
N GLN C 82 -6.36 -42.89 -16.04
CA GLN C 82 -6.46 -43.90 -17.08
C GLN C 82 -7.92 -44.31 -17.32
N ARG C 83 -8.72 -44.37 -16.26
CA ARG C 83 -10.13 -44.66 -16.44
C ARG C 83 -10.84 -43.55 -17.23
N HIS C 84 -10.52 -42.29 -16.92
CA HIS C 84 -11.13 -41.18 -17.65
C HIS C 84 -10.82 -41.26 -19.13
N TYR C 85 -9.57 -41.55 -19.48
CA TYR C 85 -9.15 -41.61 -20.87
C TYR C 85 -9.46 -42.95 -21.53
N ASN C 86 -9.97 -43.92 -20.77
CA ASN C 86 -10.16 -45.29 -21.26
C ASN C 86 -8.83 -45.87 -21.76
N HIS C 87 -7.76 -45.64 -20.99
CA HIS C 87 -6.43 -46.11 -21.35
C HIS C 87 -6.08 -47.36 -20.56
N SER C 88 -5.37 -48.27 -21.23
CA SER C 88 -4.80 -49.45 -20.60
C SER C 88 -3.30 -49.47 -20.83
N GLY C 89 -2.61 -50.39 -20.16
CA GLY C 89 -1.17 -50.45 -20.30
C GLY C 89 -0.47 -49.46 -19.38
N SER C 90 0.77 -49.14 -19.75
CA SER C 90 1.64 -48.33 -18.92
C SER C 90 1.54 -46.87 -19.32
N HIS C 91 1.22 -46.01 -18.34
CA HIS C 91 1.15 -44.58 -18.56
C HIS C 91 1.87 -43.88 -17.41
N THR C 92 2.19 -42.60 -17.62
CA THR C 92 2.95 -41.84 -16.64
C THR C 92 2.14 -40.66 -16.14
N TYR C 93 2.45 -40.25 -14.91
CA TYR C 93 1.81 -39.14 -14.23
C TYR C 93 2.92 -38.37 -13.55
N GLN C 94 2.98 -37.06 -13.78
CA GLN C 94 4.08 -36.25 -13.29
C GLN C 94 3.56 -34.98 -12.62
N ARG C 95 4.31 -34.53 -11.62
CA ARG C 95 3.99 -33.33 -10.88
C ARG C 95 5.26 -32.52 -10.68
N MET C 96 5.13 -31.19 -10.73
CA MET C 96 6.24 -30.30 -10.42
C MET C 96 5.71 -29.11 -9.63
N ILE C 97 6.27 -28.89 -8.44
CA ILE C 97 5.94 -27.74 -7.61
C ILE C 97 7.24 -27.06 -7.22
N GLY C 98 7.20 -25.75 -7.10
CA GLY C 98 8.42 -25.05 -6.73
C GLY C 98 8.25 -23.54 -6.74
N CYS C 99 9.36 -22.88 -6.46
CA CYS C 99 9.39 -21.42 -6.36
C CYS C 99 10.76 -20.92 -6.80
N GLU C 100 10.81 -19.63 -7.16
CA GLU C 100 12.04 -18.95 -7.52
C GLU C 100 12.20 -17.68 -6.68
N LEU C 101 13.43 -17.45 -6.23
CA LEU C 101 13.81 -16.19 -5.59
C LEU C 101 14.68 -15.42 -6.57
N LEU C 102 14.16 -14.32 -7.10
CA LEU C 102 14.84 -13.59 -8.15
C LEU C 102 15.89 -12.64 -7.56
N GLU C 103 16.70 -12.07 -8.47
CA GLU C 103 17.77 -11.17 -8.05
C GLU C 103 17.22 -9.92 -7.37
N ASP C 104 16.10 -9.38 -7.88
CA ASP C 104 15.55 -8.14 -7.34
C ASP C 104 14.76 -8.35 -6.05
N GLY C 105 14.63 -9.58 -5.58
CA GLY C 105 13.90 -9.89 -4.37
C GLY C 105 12.50 -10.41 -4.58
N SER C 106 11.93 -10.23 -5.78
CA SER C 106 10.60 -10.75 -6.05
C SER C 106 10.64 -12.27 -6.20
N THR C 107 9.46 -12.88 -6.19
CA THR C 107 9.34 -14.33 -6.17
C THR C 107 8.35 -14.81 -7.23
N THR C 108 8.51 -16.06 -7.64
CA THR C 108 7.54 -16.74 -8.47
C THR C 108 7.25 -18.10 -7.84
N GLY C 109 6.10 -18.66 -8.20
CA GLY C 109 5.73 -19.99 -7.76
C GLY C 109 4.99 -20.71 -8.87
N PHE C 110 5.12 -22.04 -8.88
CA PHE C 110 4.51 -22.84 -9.92
C PHE C 110 4.14 -24.21 -9.37
N LEU C 111 3.09 -24.78 -9.94
CA LEU C 111 2.60 -26.10 -9.59
C LEU C 111 1.87 -26.63 -10.81
N GLN C 112 2.37 -27.74 -11.36
CA GLN C 112 1.90 -28.25 -12.64
C GLN C 112 1.85 -29.77 -12.61
N TYR C 113 0.92 -30.34 -13.38
CA TYR C 113 0.79 -31.79 -13.54
C TYR C 113 0.88 -32.13 -15.02
N ALA C 114 1.34 -33.35 -15.31
CA ALA C 114 1.45 -33.84 -16.67
C ALA C 114 1.02 -35.29 -16.72
N TYR C 115 0.37 -35.67 -17.82
CA TYR C 115 -0.04 -37.05 -18.08
C TYR C 115 0.62 -37.50 -19.37
N ASP C 116 1.36 -38.61 -19.31
CA ASP C 116 2.12 -39.11 -20.45
C ASP C 116 3.07 -38.05 -21.00
N GLY C 117 3.67 -37.28 -20.11
CA GLY C 117 4.67 -36.29 -20.50
C GLY C 117 4.14 -35.03 -21.14
N GLN C 118 2.83 -34.81 -21.14
CA GLN C 118 2.23 -33.62 -21.73
C GLN C 118 1.48 -32.84 -20.65
N ASP C 119 1.48 -31.50 -20.79
CA ASP C 119 0.78 -30.65 -19.84
C ASP C 119 -0.65 -31.12 -19.62
N PHE C 120 -1.05 -31.21 -18.36
CA PHE C 120 -2.38 -31.65 -17.97
C PHE C 120 -3.12 -30.60 -17.16
N LEU C 121 -2.51 -30.09 -16.09
CA LEU C 121 -3.12 -29.08 -15.24
C LEU C 121 -2.05 -28.11 -14.78
N ILE C 122 -2.38 -26.81 -14.81
CA ILE C 122 -1.46 -25.73 -14.45
C ILE C 122 -2.14 -24.85 -13.42
N PHE C 123 -1.51 -24.66 -12.26
CA PHE C 123 -2.14 -23.92 -11.17
C PHE C 123 -1.89 -22.42 -11.34
N ASN C 124 -2.94 -21.64 -11.13
CA ASN C 124 -2.89 -20.18 -11.19
C ASN C 124 -3.10 -19.67 -9.76
N LYS C 125 -1.99 -19.39 -9.06
CA LYS C 125 -2.10 -18.98 -7.66
C LYS C 125 -2.61 -17.54 -7.50
N ASP C 126 -2.73 -16.78 -8.59
CA ASP C 126 -3.24 -15.42 -8.48
C ASP C 126 -4.75 -15.34 -8.60
N THR C 127 -5.38 -16.34 -9.23
CA THR C 127 -6.83 -16.45 -9.23
C THR C 127 -7.31 -17.69 -8.51
N LEU C 128 -6.41 -18.48 -7.91
CA LEU C 128 -6.77 -19.71 -7.22
C LEU C 128 -7.61 -20.62 -8.13
N SER C 129 -7.09 -20.88 -9.32
CA SER C 129 -7.79 -21.71 -10.29
C SER C 129 -6.80 -22.63 -10.98
N TRP C 130 -7.34 -23.64 -11.66
CA TRP C 130 -6.56 -24.59 -12.42
C TRP C 130 -6.88 -24.45 -13.90
N LEU C 131 -5.85 -24.36 -14.73
CA LEU C 131 -6.02 -24.36 -16.18
C LEU C 131 -5.95 -25.79 -16.69
N ALA C 132 -7.01 -26.23 -17.39
CA ALA C 132 -7.15 -27.59 -17.87
C ALA C 132 -6.95 -27.65 -19.38
N VAL C 133 -6.27 -28.70 -19.85
CA VAL C 133 -5.99 -28.83 -21.28
C VAL C 133 -7.07 -29.54 -22.07
N ASP C 134 -7.89 -30.39 -21.43
CA ASP C 134 -8.94 -31.10 -22.14
C ASP C 134 -10.08 -31.38 -21.16
N ASN C 135 -11.05 -32.19 -21.61
CA ASN C 135 -12.24 -32.47 -20.79
C ASN C 135 -11.90 -33.32 -19.57
N VAL C 136 -10.94 -34.23 -19.69
CA VAL C 136 -10.54 -35.03 -18.53
C VAL C 136 -9.93 -34.15 -17.46
N ALA C 137 -8.99 -33.28 -17.86
CA ALA C 137 -8.40 -32.34 -16.91
C ALA C 137 -9.44 -31.39 -16.33
N HIS C 138 -10.45 -31.02 -17.14
CA HIS C 138 -11.50 -30.14 -16.64
C HIS C 138 -12.31 -30.82 -15.53
N THR C 139 -12.57 -32.11 -15.68
CA THR C 139 -13.23 -32.88 -14.62
C THR C 139 -12.45 -32.81 -13.32
N ILE C 140 -11.13 -32.99 -13.40
CA ILE C 140 -10.29 -32.93 -12.20
C ILE C 140 -10.25 -31.51 -11.66
N LYS C 141 -10.18 -30.53 -12.56
CA LYS C 141 -10.16 -29.12 -12.15
C LYS C 141 -11.36 -28.78 -11.26
N GLN C 142 -12.56 -29.22 -11.66
CA GLN C 142 -13.76 -28.85 -10.93
C GLN C 142 -13.75 -29.42 -9.51
N ALA C 143 -13.21 -30.63 -9.34
CA ALA C 143 -13.12 -31.21 -8.00
C ALA C 143 -12.12 -30.44 -7.14
N TRP C 144 -10.97 -30.08 -7.71
CA TRP C 144 -9.95 -29.39 -6.94
C TRP C 144 -10.36 -27.96 -6.60
N GLU C 145 -11.01 -27.28 -7.54
CA GLU C 145 -11.44 -25.90 -7.30
C GLU C 145 -12.58 -25.81 -6.31
N ALA C 146 -13.25 -26.92 -6.00
CA ALA C 146 -14.30 -26.90 -4.98
C ALA C 146 -13.74 -26.78 -3.57
N ASN C 147 -12.47 -27.09 -3.37
CA ASN C 147 -11.85 -27.07 -2.04
C ASN C 147 -11.09 -25.75 -1.90
N GLN C 148 -11.81 -24.72 -1.46
CA GLN C 148 -11.23 -23.38 -1.39
C GLN C 148 -10.04 -23.32 -0.42
N HIS C 149 -10.11 -24.08 0.68
CA HIS C 149 -9.06 -24.00 1.69
C HIS C 149 -7.76 -24.63 1.19
N GLU C 150 -7.85 -25.71 0.43
CA GLU C 150 -6.64 -26.33 -0.12
C GLU C 150 -5.97 -25.43 -1.15
N LEU C 151 -6.76 -24.70 -1.96
CA LEU C 151 -6.18 -23.73 -2.87
C LEU C 151 -5.44 -22.63 -2.11
N LEU C 152 -6.01 -22.17 -1.00
CA LEU C 152 -5.33 -21.17 -0.18
C LEU C 152 -4.06 -21.76 0.44
N TYR C 153 -4.13 -23.01 0.90
CA TYR C 153 -2.94 -23.67 1.42
C TYR C 153 -1.85 -23.73 0.36
N GLN C 154 -2.21 -24.05 -0.87
CA GLN C 154 -1.20 -24.18 -1.93
C GLN C 154 -0.59 -22.83 -2.26
N LYS C 155 -1.41 -21.77 -2.29
CA LYS C 155 -0.87 -20.43 -2.49
C LYS C 155 0.10 -20.06 -1.38
N ASN C 156 -0.26 -20.36 -0.13
CA ASN C 156 0.65 -20.07 0.97
C ASN C 156 1.95 -20.86 0.85
N TRP C 157 1.87 -22.14 0.45
CA TRP C 157 3.10 -22.93 0.38
C TRP C 157 4.01 -22.40 -0.71
N LEU C 158 3.45 -22.05 -1.87
CA LEU C 158 4.25 -21.54 -2.98
C LEU C 158 4.90 -20.20 -2.65
N GLU C 159 4.19 -19.33 -1.92
CA GLU C 159 4.66 -17.96 -1.71
C GLU C 159 5.45 -17.76 -0.43
N GLU C 160 5.20 -18.55 0.62
CA GLU C 160 5.88 -18.38 1.89
C GLU C 160 6.77 -19.56 2.25
N GLU C 161 6.21 -20.77 2.31
CA GLU C 161 6.96 -21.92 2.83
C GLU C 161 8.07 -22.31 1.86
N CYS C 162 7.76 -22.41 0.57
CA CYS C 162 8.76 -22.78 -0.42
C CYS C 162 9.94 -21.83 -0.42
N ILE C 163 9.66 -20.51 -0.32
CA ILE C 163 10.73 -19.52 -0.30
C ILE C 163 11.59 -19.69 0.95
N ALA C 164 10.95 -19.90 2.11
CA ALA C 164 11.73 -20.07 3.35
C ALA C 164 12.60 -21.32 3.29
N TRP C 165 12.08 -22.42 2.74
CA TRP C 165 12.90 -23.62 2.54
C TRP C 165 14.10 -23.30 1.64
N LEU C 166 13.85 -22.57 0.55
CA LEU C 166 14.90 -22.25 -0.40
C LEU C 166 16.01 -21.41 0.25
N LYS C 167 15.63 -20.36 0.98
CA LYS C 167 16.64 -19.56 1.67
C LYS C 167 17.40 -20.40 2.68
N ARG C 168 16.71 -21.31 3.36
CA ARG C 168 17.38 -22.21 4.30
C ARG C 168 18.36 -23.12 3.57
N PHE C 169 17.92 -23.75 2.47
CA PHE C 169 18.82 -24.62 1.70
C PHE C 169 19.95 -23.84 1.07
N LEU C 170 19.69 -22.59 0.68
CA LEU C 170 20.75 -21.77 0.09
CA LEU C 170 20.73 -21.75 0.11
C LEU C 170 21.87 -21.49 1.10
N GLU C 171 21.53 -21.37 2.38
CA GLU C 171 22.56 -21.19 3.39
C GLU C 171 23.33 -22.48 3.62
N TYR C 172 22.63 -23.62 3.68
CA TYR C 172 23.29 -24.92 3.87
C TYR C 172 24.36 -25.16 2.82
N GLY C 173 24.03 -24.92 1.55
CA GLY C 173 24.97 -25.20 0.48
C GLY C 173 25.59 -23.98 -0.15
N LYS C 174 25.84 -22.94 0.65
CA LYS C 174 26.30 -21.67 0.08
C LYS C 174 27.65 -21.82 -0.61
N ASP C 175 28.55 -22.62 -0.04
CA ASP C 175 29.87 -22.79 -0.65
C ASP C 175 29.78 -23.41 -2.04
N THR C 176 28.73 -24.16 -2.33
CA THR C 176 28.50 -24.71 -3.66
C THR C 176 27.64 -23.80 -4.53
N LEU C 177 26.45 -23.44 -4.02
CA LEU C 177 25.44 -22.77 -4.84
C LEU C 177 25.76 -21.31 -5.12
N GLN C 178 26.47 -20.63 -4.23
CA GLN C 178 26.74 -19.21 -4.39
C GLN C 178 28.17 -18.92 -4.84
N ARG C 179 28.91 -19.95 -5.25
CA ARG C 179 30.26 -19.74 -5.76
C ARG C 179 30.22 -19.30 -7.22
N THR C 180 31.39 -18.90 -7.73
CA THR C 180 31.55 -18.50 -9.12
C THR C 180 32.85 -19.06 -9.64
N GLU C 181 32.78 -19.77 -10.77
CA GLU C 181 33.98 -20.21 -11.48
C GLU C 181 33.93 -19.61 -12.88
N PRO C 182 34.84 -18.70 -13.24
CA PRO C 182 34.71 -18.02 -14.52
C PRO C 182 34.96 -18.97 -15.67
N PRO C 183 34.43 -18.68 -16.86
CA PRO C 183 34.64 -19.56 -18.01
C PRO C 183 36.01 -19.40 -18.63
N LEU C 184 36.53 -20.51 -19.16
CA LEU C 184 37.65 -20.49 -20.08
C LEU C 184 37.09 -20.47 -21.49
N VAL C 185 37.41 -19.44 -22.26
CA VAL C 185 36.80 -19.22 -23.56
C VAL C 185 37.89 -19.15 -24.62
N ARG C 186 37.61 -19.73 -25.78
CA ARG C 186 38.54 -19.72 -26.90
C ARG C 186 37.75 -19.69 -28.20
N VAL C 187 38.39 -19.16 -29.24
CA VAL C 187 37.81 -19.09 -30.57
C VAL C 187 38.67 -19.91 -31.51
N ASN C 188 38.06 -20.86 -32.22
CA ASN C 188 38.75 -21.69 -33.20
CA ASN C 188 38.78 -21.65 -33.21
C ASN C 188 38.21 -21.35 -34.59
N ARG C 189 39.09 -21.36 -35.59
CA ARG C 189 38.75 -21.02 -36.96
C ARG C 189 39.21 -22.13 -37.89
N LYS C 190 38.40 -22.43 -38.90
CA LYS C 190 38.72 -23.50 -39.83
C LYS C 190 37.89 -23.35 -41.10
N GLU C 191 38.53 -23.54 -42.26
CA GLU C 191 37.80 -23.64 -43.52
C GLU C 191 37.26 -25.07 -43.66
N THR C 192 35.94 -25.21 -43.67
CA THR C 192 35.34 -26.55 -43.63
C THR C 192 35.02 -27.09 -45.03
N PHE C 193 34.07 -26.46 -45.70
CA PHE C 193 33.69 -26.67 -47.08
C PHE C 193 34.38 -25.62 -47.93
N PRO C 194 34.87 -25.98 -49.13
CA PRO C 194 35.61 -25.00 -49.95
C PRO C 194 34.93 -23.65 -50.01
N GLY C 195 35.61 -22.61 -49.51
CA GLY C 195 35.05 -21.28 -49.44
C GLY C 195 34.24 -20.98 -48.19
N VAL C 196 34.09 -21.93 -47.28
CA VAL C 196 33.24 -21.77 -46.10
C VAL C 196 34.13 -21.89 -44.88
N THR C 197 34.28 -20.78 -44.15
CA THR C 197 35.07 -20.75 -42.93
C THR C 197 34.14 -20.72 -41.73
N ALA C 198 34.35 -21.64 -40.79
CA ALA C 198 33.54 -21.74 -39.58
C ALA C 198 34.31 -21.15 -38.41
N LEU C 199 33.59 -20.37 -37.59
CA LEU C 199 34.13 -19.81 -36.36
C LEU C 199 33.38 -20.42 -35.19
N PHE C 200 34.11 -21.04 -34.27
CA PHE C 200 33.54 -21.60 -33.06
C PHE C 200 34.06 -20.81 -31.86
N CYS C 201 33.15 -20.42 -30.98
CA CYS C 201 33.47 -19.79 -29.70
C CYS C 201 33.07 -20.78 -28.61
N LYS C 202 34.06 -21.32 -27.90
CA LYS C 202 33.82 -22.43 -26.98
C LYS C 202 34.22 -22.03 -25.56
N ALA C 203 33.33 -22.29 -24.60
CA ALA C 203 33.58 -22.00 -23.21
C ALA C 203 33.44 -23.27 -22.38
N HIS C 204 34.24 -23.36 -21.32
CA HIS C 204 34.12 -24.49 -20.40
C HIS C 204 34.66 -24.09 -19.04
N GLY C 205 34.34 -24.92 -18.05
CA GLY C 205 34.86 -24.73 -16.71
C GLY C 205 34.12 -23.72 -15.87
N PHE C 206 32.90 -23.37 -16.23
CA PHE C 206 32.19 -22.29 -15.55
C PHE C 206 31.07 -22.83 -14.67
N TYR C 207 30.76 -22.06 -13.62
CA TYR C 207 29.64 -22.27 -12.71
C TYR C 207 29.25 -20.90 -12.20
N PRO C 208 27.95 -20.57 -12.13
CA PRO C 208 26.77 -21.36 -12.48
C PRO C 208 26.62 -21.64 -13.98
N PRO C 209 25.74 -22.58 -14.35
CA PRO C 209 25.61 -22.92 -15.77
C PRO C 209 25.10 -21.79 -16.64
N GLU C 210 24.40 -20.80 -16.08
CA GLU C 210 23.85 -19.71 -16.89
C GLU C 210 24.99 -18.87 -17.48
N ILE C 211 24.99 -18.75 -18.80
CA ILE C 211 26.02 -18.01 -19.51
C ILE C 211 25.42 -17.48 -20.80
N TYR C 212 25.88 -16.30 -21.22
CA TYR C 212 25.41 -15.67 -22.44
CA TYR C 212 25.42 -15.67 -22.45
C TYR C 212 26.56 -15.63 -23.45
N MET C 213 26.30 -16.16 -24.65
CA MET C 213 27.30 -16.21 -25.71
C MET C 213 26.66 -15.75 -27.01
N THR C 214 27.36 -14.89 -27.75
CA THR C 214 26.84 -14.44 -29.03
C THR C 214 28.01 -13.99 -29.89
N TRP C 215 27.74 -13.87 -31.19
CA TRP C 215 28.71 -13.36 -32.14
C TRP C 215 28.26 -12.00 -32.66
N MET C 216 29.22 -11.10 -32.85
CA MET C 216 28.94 -9.77 -33.37
C MET C 216 29.85 -9.46 -34.54
N LYS C 217 29.33 -8.67 -35.49
CA LYS C 217 30.08 -8.24 -36.66
C LYS C 217 30.24 -6.72 -36.58
N ASN C 218 31.49 -6.27 -36.54
CA ASN C 218 31.81 -4.83 -36.48
C ASN C 218 31.16 -4.17 -35.27
N GLY C 219 31.09 -4.90 -34.17
CA GLY C 219 30.46 -4.37 -32.97
C GLY C 219 28.95 -4.30 -33.00
N GLU C 220 28.31 -4.99 -33.95
CA GLU C 220 26.86 -5.03 -34.05
C GLU C 220 26.40 -6.48 -34.19
N GLU C 221 25.14 -6.71 -33.80
CA GLU C 221 24.57 -8.04 -33.91
C GLU C 221 24.56 -8.50 -35.35
N ILE C 222 24.90 -9.77 -35.58
CA ILE C 222 25.01 -10.30 -36.92
C ILE C 222 23.63 -10.35 -37.58
N GLN C 224 22.70 -12.98 -39.37
CA GLN C 224 23.19 -14.26 -39.86
C GLN C 224 22.70 -15.41 -38.99
N GLU C 225 23.06 -16.63 -39.36
CA GLU C 225 22.64 -17.82 -38.64
C GLU C 225 23.72 -18.18 -37.61
N ILE C 226 23.34 -18.21 -36.34
CA ILE C 226 24.22 -18.63 -35.26
C ILE C 226 23.75 -19.98 -34.76
N ASP C 227 24.67 -20.93 -34.66
CA ASP C 227 24.40 -22.24 -34.08
CA ASP C 227 24.39 -22.24 -34.08
C ASP C 227 24.83 -22.24 -32.63
N TYR C 228 23.96 -22.73 -31.74
CA TYR C 228 24.23 -22.73 -30.31
C TYR C 228 24.38 -24.15 -29.80
N GLY C 229 25.47 -24.41 -29.06
CA GLY C 229 25.59 -25.67 -28.36
C GLY C 229 24.86 -25.64 -27.03
N ASP C 230 24.41 -26.81 -26.59
CA ASP C 230 23.77 -26.92 -25.29
C ASP C 230 24.76 -26.64 -24.17
N ILE C 231 24.24 -26.16 -23.04
CA ILE C 231 25.04 -26.04 -21.83
C ILE C 231 25.08 -27.41 -21.18
N LEU C 232 26.27 -28.03 -21.16
CA LEU C 232 26.38 -29.42 -20.78
C LEU C 232 27.21 -29.57 -19.51
N PRO C 233 26.84 -30.49 -18.63
CA PRO C 233 27.67 -30.73 -17.44
C PRO C 233 28.94 -31.47 -17.81
N SER C 234 30.07 -31.00 -17.29
CA SER C 234 31.36 -31.62 -17.58
C SER C 234 31.70 -32.75 -16.60
N GLY C 235 30.91 -32.93 -15.54
CA GLY C 235 31.10 -34.01 -14.59
C GLY C 235 31.81 -33.61 -13.31
N ASP C 236 32.49 -32.46 -13.29
CA ASP C 236 33.23 -31.99 -12.13
C ASP C 236 32.55 -30.84 -11.42
N GLY C 237 31.28 -30.58 -11.71
CA GLY C 237 30.56 -29.46 -11.15
C GLY C 237 30.51 -28.23 -12.03
N THR C 238 31.27 -28.21 -13.13
CA THR C 238 31.30 -27.09 -14.05
C THR C 238 30.58 -27.44 -15.35
N TYR C 239 30.48 -26.48 -16.25
CA TYR C 239 29.70 -26.63 -17.46
C TYR C 239 30.49 -26.13 -18.67
N GLN C 240 29.99 -26.47 -19.85
CA GLN C 240 30.61 -26.08 -21.11
C GLN C 240 29.53 -25.78 -22.15
N ALA C 241 29.86 -24.94 -23.11
CA ALA C 241 28.92 -24.51 -24.14
C ALA C 241 29.70 -23.85 -25.26
N TRP C 242 29.02 -23.59 -26.37
CA TRP C 242 29.67 -22.97 -27.52
C TRP C 242 28.63 -22.30 -28.42
N ALA C 243 29.13 -21.44 -29.31
CA ALA C 243 28.33 -20.81 -30.34
C ALA C 243 29.19 -20.65 -31.59
N SER C 244 28.60 -20.87 -32.76
CA SER C 244 29.37 -20.86 -33.99
C SER C 244 28.64 -20.10 -35.09
N ILE C 245 29.42 -19.55 -36.02
CA ILE C 245 28.93 -18.88 -37.21
C ILE C 245 29.82 -19.28 -38.38
N GLU C 246 29.44 -18.85 -39.58
CA GLU C 246 30.27 -19.01 -40.76
C GLU C 246 30.70 -17.64 -41.25
N LEU C 247 32.01 -17.48 -41.46
CA LEU C 247 32.57 -16.20 -41.85
C LEU C 247 32.28 -15.92 -43.32
N ASP C 248 31.94 -14.67 -43.62
CA ASP C 248 31.64 -14.26 -44.99
C ASP C 248 32.92 -14.02 -45.79
N ASN C 253 35.13 -7.20 -42.91
CA ASN C 253 34.29 -7.57 -41.78
C ASN C 253 35.11 -8.23 -40.67
N LEU C 254 34.93 -7.77 -39.44
CA LEU C 254 35.63 -8.30 -38.28
C LEU C 254 34.63 -8.84 -37.27
N TYR C 255 34.81 -10.10 -36.88
CA TYR C 255 33.90 -10.78 -35.97
C TYR C 255 34.49 -10.86 -34.57
N SER C 256 33.61 -10.93 -33.58
CA SER C 256 34.04 -11.09 -32.20
C SER C 256 32.98 -11.87 -31.44
N CYS C 257 33.44 -12.75 -30.56
CA CYS C 257 32.56 -13.49 -29.67
C CYS C 257 32.44 -12.74 -28.36
N HIS C 258 31.20 -12.56 -27.89
CA HIS C 258 30.91 -11.89 -26.64
C HIS C 258 30.34 -12.90 -25.66
N VAL C 259 30.88 -12.91 -24.44
CA VAL C 259 30.49 -13.87 -23.42
C VAL C 259 30.21 -13.11 -22.13
N GLU C 260 29.08 -13.41 -21.50
CA GLU C 260 28.68 -12.80 -20.24
C GLU C 260 28.45 -13.91 -19.21
N HIS C 261 29.09 -13.79 -18.06
CA HIS C 261 28.94 -14.78 -17.00
C HIS C 261 29.13 -14.12 -15.64
N SER C 262 28.10 -14.19 -14.80
CA SER C 262 28.14 -13.70 -13.41
C SER C 262 28.68 -12.27 -13.32
N GLY C 263 28.12 -11.37 -14.13
CA GLY C 263 28.51 -9.98 -14.07
C GLY C 263 29.87 -9.65 -14.63
N VAL C 264 30.47 -10.55 -15.41
CA VAL C 264 31.72 -10.28 -16.10
C VAL C 264 31.48 -10.45 -17.59
N HIS C 265 31.85 -9.43 -18.37
CA HIS C 265 31.74 -9.48 -19.81
CA HIS C 265 31.74 -9.45 -19.82
C HIS C 265 33.12 -9.69 -20.42
N MET C 266 33.18 -10.50 -21.47
CA MET C 266 34.44 -10.73 -22.14
CA MET C 266 34.43 -10.85 -22.13
C MET C 266 34.22 -10.77 -23.64
N VAL C 267 35.22 -10.26 -24.35
CA VAL C 267 35.18 -10.14 -25.81
C VAL C 267 36.43 -10.80 -26.38
N LEU C 268 36.24 -11.64 -27.38
CA LEU C 268 37.33 -12.31 -28.08
C LEU C 268 37.23 -11.93 -29.55
N GLN C 269 38.12 -11.07 -30.00
CA GLN C 269 38.11 -10.60 -31.38
C GLN C 269 38.84 -11.58 -32.28
N VAL C 270 38.29 -11.80 -33.47
CA VAL C 270 38.91 -12.68 -34.45
C VAL C 270 39.89 -11.85 -35.27
N PRO C 271 41.17 -12.26 -35.36
CA PRO C 271 42.20 -11.52 -36.11
C PRO C 271 41.85 -11.35 -37.58
N GLN D 3 8.82 -25.04 19.62
CA GLN D 3 7.53 -24.65 19.07
C GLN D 3 6.48 -24.58 20.16
N ASN D 4 5.76 -23.46 20.23
CA ASN D 4 4.81 -23.21 21.31
CA ASN D 4 4.81 -23.22 21.30
C ASN D 4 3.52 -22.65 20.74
N ILE D 5 2.40 -23.06 21.34
CA ILE D 5 1.07 -22.52 21.05
C ILE D 5 0.48 -22.05 22.36
N ASP D 6 -0.05 -20.82 22.38
CA ASP D 6 -0.55 -20.23 23.62
C ASP D 6 -1.96 -19.71 23.41
N GLN D 7 -2.90 -20.25 24.17
CA GLN D 7 -4.25 -19.73 24.30
C GLN D 7 -4.60 -19.68 25.78
N PRO D 8 -5.47 -18.76 26.19
CA PRO D 8 -5.79 -18.64 27.62
C PRO D 8 -6.39 -19.93 28.17
N THR D 9 -6.15 -20.16 29.46
CA THR D 9 -6.67 -21.37 30.10
C THR D 9 -8.19 -21.33 30.18
N GLU D 10 -8.75 -20.17 30.51
CA GLU D 10 -10.18 -20.04 30.75
C GLU D 10 -10.63 -18.63 30.41
N MET D 11 -11.84 -18.52 29.89
CA MET D 11 -12.48 -17.24 29.68
C MET D 11 -13.93 -17.33 30.10
N THR D 12 -14.47 -16.22 30.61
CA THR D 12 -15.86 -16.15 31.04
C THR D 12 -16.49 -14.90 30.44
N ALA D 13 -17.67 -15.06 29.85
CA ALA D 13 -18.41 -13.96 29.27
C ALA D 13 -19.90 -14.17 29.53
N THR D 14 -20.68 -13.13 29.26
CA THR D 14 -22.10 -13.14 29.55
C THR D 14 -22.89 -13.61 28.34
N GLU D 15 -23.97 -14.35 28.60
CA GLU D 15 -24.87 -14.81 27.55
C GLU D 15 -25.41 -13.62 26.76
N GLY D 16 -25.39 -13.75 25.44
CA GLY D 16 -25.81 -12.67 24.55
C GLY D 16 -24.70 -11.72 24.14
N ALA D 17 -23.56 -11.77 24.81
CA ALA D 17 -22.44 -10.86 24.54
C ALA D 17 -21.50 -11.50 23.51
N ILE D 18 -20.29 -10.96 23.41
CA ILE D 18 -19.28 -11.39 22.44
C ILE D 18 -18.01 -11.76 23.17
N VAL D 19 -17.35 -12.83 22.73
CA VAL D 19 -16.08 -13.25 23.31
C VAL D 19 -15.09 -13.56 22.21
N GLN D 20 -13.83 -13.18 22.43
CA GLN D 20 -12.75 -13.38 21.47
C GLN D 20 -11.67 -14.24 22.12
N ILE D 21 -11.43 -15.43 21.57
CA ILE D 21 -10.46 -16.38 22.10
C ILE D 21 -9.19 -16.28 21.27
N ASN D 22 -8.11 -15.84 21.89
CA ASN D 22 -6.85 -15.62 21.17
C ASN D 22 -6.00 -16.88 21.16
N CYS D 23 -5.21 -17.02 20.09
CA CYS D 23 -4.24 -18.11 19.97
C CYS D 23 -3.00 -17.55 19.28
N THR D 24 -1.89 -17.50 19.98
CA THR D 24 -0.62 -17.12 19.37
C THR D 24 0.26 -18.36 19.20
N TYR D 25 1.12 -18.33 18.18
CA TYR D 25 1.96 -19.48 17.88
C TYR D 25 3.36 -19.03 17.49
N GLN D 26 4.36 -19.80 17.90
CA GLN D 26 5.75 -19.66 17.47
C GLN D 26 6.15 -21.03 16.94
N THR D 27 6.15 -21.19 15.62
CA THR D 27 6.43 -22.47 15.00
C THR D 27 7.53 -22.31 13.96
N SER D 28 8.13 -23.43 13.61
CA SER D 28 9.07 -23.50 12.49
C SER D 28 8.24 -23.83 11.26
N GLY D 29 7.87 -22.80 10.51
CA GLY D 29 7.00 -22.95 9.36
C GLY D 29 5.54 -22.94 9.74
N PHE D 30 4.70 -22.65 8.74
CA PHE D 30 3.27 -22.49 8.96
C PHE D 30 2.52 -23.01 7.74
N ASN D 31 1.64 -23.98 7.96
CA ASN D 31 0.79 -24.51 6.90
C ASN D 31 -0.69 -24.40 7.24
N GLY D 32 -1.05 -23.57 8.22
CA GLY D 32 -2.45 -23.34 8.55
C GLY D 32 -2.77 -23.47 10.01
N LEU D 33 -3.85 -22.82 10.46
CA LEU D 33 -4.27 -22.86 11.85
C LEU D 33 -5.71 -23.34 11.93
N PHE D 34 -5.97 -24.27 12.84
CA PHE D 34 -7.27 -24.90 13.01
C PHE D 34 -7.88 -24.53 14.36
N TRP D 35 -9.20 -24.41 14.38
CA TRP D 35 -9.96 -24.30 15.62
C TRP D 35 -10.92 -25.47 15.72
N TYR D 36 -10.98 -26.08 16.90
CA TYR D 36 -11.89 -27.17 17.22
C TYR D 36 -12.69 -26.81 18.45
N GLN D 37 -13.93 -27.32 18.51
CA GLN D 37 -14.78 -27.19 19.68
C GLN D 37 -14.91 -28.55 20.35
N GLN D 38 -14.74 -28.58 21.68
CA GLN D 38 -14.85 -29.82 22.45
C GLN D 38 -15.76 -29.58 23.66
N HIS D 39 -17.02 -29.98 23.55
CA HIS D 39 -17.89 -30.02 24.71
C HIS D 39 -17.41 -31.07 25.71
N ALA D 40 -17.72 -30.83 26.99
CA ALA D 40 -17.19 -31.67 28.05
C ALA D 40 -17.64 -33.12 27.87
N GLY D 41 -16.69 -34.05 27.98
CA GLY D 41 -17.00 -35.44 27.80
C GLY D 41 -17.24 -35.86 26.36
N GLU D 42 -17.02 -34.97 25.40
CA GLU D 42 -17.27 -35.25 24.00
C GLU D 42 -15.97 -35.14 23.20
N ALA D 43 -16.06 -35.49 21.92
CA ALA D 43 -14.95 -35.42 21.00
C ALA D 43 -14.82 -34.02 20.40
N PRO D 44 -13.61 -33.60 20.06
CA PRO D 44 -13.45 -32.33 19.35
C PRO D 44 -14.05 -32.42 17.96
N THR D 45 -14.58 -31.29 17.50
CA THR D 45 -15.14 -31.18 16.15
C THR D 45 -14.54 -29.97 15.46
N PHE D 46 -14.25 -30.11 14.17
CA PHE D 46 -13.62 -29.04 13.41
C PHE D 46 -14.53 -27.82 13.33
N LEU D 47 -13.95 -26.64 13.60
CA LEU D 47 -14.65 -25.37 13.46
C LEU D 47 -14.17 -24.53 12.29
N SER D 48 -12.87 -24.37 12.12
CA SER D 48 -12.37 -23.43 11.12
C SER D 48 -10.92 -23.72 10.79
N TYR D 49 -10.50 -23.21 9.63
CA TYR D 49 -9.12 -23.28 9.15
C TYR D 49 -8.75 -21.95 8.51
N ASN D 50 -7.58 -21.42 8.86
CA ASN D 50 -7.05 -20.20 8.24
C ASN D 50 -5.61 -20.45 7.85
N VAL D 51 -5.21 -20.00 6.65
CA VAL D 51 -3.80 -20.08 6.28
C VAL D 51 -3.31 -18.76 5.69
N LEU D 52 -4.23 -17.98 5.10
CA LEU D 52 -3.91 -16.64 4.64
C LEU D 52 -4.53 -15.61 5.58
N ASP D 53 -4.14 -14.36 5.40
CA ASP D 53 -4.59 -13.29 6.29
C ASP D 53 -6.03 -12.90 5.99
N GLY D 54 -6.84 -12.79 7.01
CA GLY D 54 -8.21 -12.34 6.85
C GLY D 54 -9.12 -12.94 7.90
N LEU D 55 -10.39 -12.59 7.79
CA LEU D 55 -11.43 -13.04 8.70
C LEU D 55 -12.42 -13.91 7.93
N GLU D 56 -12.78 -15.05 8.49
CA GLU D 56 -13.70 -15.98 7.85
C GLU D 56 -14.84 -16.26 8.81
N GLU D 57 -16.07 -16.04 8.34
CA GLU D 57 -17.27 -16.09 9.17
C GLU D 57 -18.10 -17.31 8.83
N LYS D 58 -18.54 -18.04 9.85
CA LYS D 58 -19.43 -19.19 9.73
C LYS D 58 -20.54 -19.05 10.77
N GLY D 59 -21.62 -18.39 10.39
CA GLY D 59 -22.71 -18.18 11.34
C GLY D 59 -22.28 -17.23 12.44
N ARG D 60 -22.46 -17.66 13.69
CA ARG D 60 -22.06 -16.85 14.84
C ARG D 60 -20.57 -16.93 15.14
N PHE D 61 -19.83 -17.80 14.46
CA PHE D 61 -18.40 -17.96 14.72
C PHE D 61 -17.60 -17.36 13.58
N SER D 62 -16.54 -16.63 13.93
CA SER D 62 -15.62 -16.07 12.95
C SER D 62 -14.20 -16.38 13.39
N SER D 63 -13.33 -16.67 12.42
CA SER D 63 -11.93 -16.99 12.69
CA SER D 63 -11.93 -16.99 12.69
C SER D 63 -11.04 -16.04 11.90
N PHE D 64 -10.09 -15.43 12.59
CA PHE D 64 -9.18 -14.44 12.02
C PHE D 64 -7.75 -14.96 12.09
N LEU D 65 -6.94 -14.56 11.12
CA LEU D 65 -5.53 -14.94 11.11
C LEU D 65 -4.68 -13.74 10.68
N SER D 66 -3.60 -13.52 11.41
CA SER D 66 -2.56 -12.58 11.01
C SER D 66 -1.24 -13.33 11.00
N ARG D 67 -0.67 -13.53 9.81
CA ARG D 67 0.56 -14.30 9.70
CA ARG D 67 0.56 -14.29 9.68
C ARG D 67 1.77 -13.53 10.22
N SER D 68 1.80 -12.21 10.01
CA SER D 68 2.95 -11.44 10.45
C SER D 68 3.01 -11.33 11.97
N LYS D 69 1.86 -11.16 12.62
CA LYS D 69 1.80 -11.13 14.08
C LYS D 69 1.76 -12.52 14.69
N GLY D 70 1.63 -13.56 13.88
CA GLY D 70 1.62 -14.93 14.36
C GLY D 70 0.54 -15.21 15.38
N TYR D 71 -0.69 -14.78 15.11
CA TYR D 71 -1.75 -15.04 16.06
CA TYR D 71 -1.75 -15.04 16.06
C TYR D 71 -3.08 -15.14 15.32
N SER D 72 -4.03 -15.81 15.96
CA SER D 72 -5.37 -15.99 15.45
C SER D 72 -6.34 -15.73 16.59
N TYR D 73 -7.58 -15.42 16.25
CA TYR D 73 -8.62 -15.44 17.27
C TYR D 73 -9.85 -16.11 16.72
N LEU D 74 -10.61 -16.71 17.63
CA LEU D 74 -11.95 -17.25 17.37
C LEU D 74 -12.96 -16.31 18.02
N LEU D 75 -13.85 -15.77 17.21
CA LEU D 75 -14.83 -14.77 17.66
C LEU D 75 -16.21 -15.40 17.70
N LEU D 76 -16.84 -15.39 18.87
CA LEU D 76 -18.20 -15.89 19.05
C LEU D 76 -19.13 -14.73 19.37
N LYS D 77 -20.20 -14.59 18.60
CA LYS D 77 -21.19 -13.53 18.77
C LYS D 77 -22.52 -14.10 19.23
N GLU D 78 -23.30 -13.25 19.90
CA GLU D 78 -24.61 -13.63 20.45
C GLU D 78 -24.50 -14.91 21.27
N LEU D 79 -23.66 -14.83 22.31
CA LEU D 79 -23.31 -16.01 23.08
C LEU D 79 -24.54 -16.71 23.65
N GLN D 80 -24.57 -18.04 23.52
CA GLN D 80 -25.59 -18.87 24.11
C GLN D 80 -24.97 -19.80 25.13
N MET D 81 -25.80 -20.32 26.04
CA MET D 81 -25.30 -21.27 27.03
C MET D 81 -24.68 -22.49 26.39
N LYS D 82 -25.20 -22.92 25.23
CA LYS D 82 -24.67 -24.09 24.56
C LYS D 82 -23.27 -23.88 24.02
N ASP D 83 -22.78 -22.63 24.00
CA ASP D 83 -21.40 -22.37 23.58
C ASP D 83 -20.39 -22.72 24.66
N SER D 84 -20.84 -23.05 25.88
CA SER D 84 -19.95 -23.49 26.94
C SER D 84 -19.25 -24.77 26.51
N ALA D 85 -17.95 -24.69 26.31
CA ALA D 85 -17.15 -25.80 25.82
C ALA D 85 -15.68 -25.39 25.89
N SER D 86 -14.79 -26.32 25.54
CA SER D 86 -13.39 -26.01 25.34
C SER D 86 -13.14 -25.75 23.86
N TYR D 87 -12.26 -24.80 23.58
CA TYR D 87 -11.93 -24.43 22.20
C TYR D 87 -10.43 -24.63 22.03
N LEU D 88 -10.07 -25.48 21.07
CA LEU D 88 -8.68 -25.90 20.87
C LEU D 88 -8.15 -25.28 19.59
N CYS D 89 -6.95 -24.72 19.66
CA CYS D 89 -6.25 -24.16 18.52
CA CYS D 89 -6.28 -24.21 18.48
C CYS D 89 -5.05 -25.04 18.19
N ALA D 90 -4.81 -25.28 16.90
CA ALA D 90 -3.71 -26.13 16.48
C ALA D 90 -3.11 -25.58 15.19
N VAL D 91 -1.79 -25.71 15.08
CA VAL D 91 -1.04 -25.19 13.93
C VAL D 91 -0.28 -26.33 13.29
N LYS D 92 -0.26 -26.34 11.95
CA LYS D 92 0.56 -27.27 11.20
C LYS D 92 1.90 -26.62 10.89
N ASP D 93 2.99 -27.25 11.31
CA ASP D 93 4.32 -26.69 11.09
C ASP D 93 4.78 -27.04 9.68
N SER D 94 6.05 -26.70 9.38
CA SER D 94 6.59 -26.95 8.04
CA SER D 94 6.58 -26.96 8.04
C SER D 94 6.63 -28.44 7.70
N ASN D 95 6.63 -29.31 8.71
CA ASN D 95 6.62 -30.74 8.50
C ASN D 95 5.23 -31.35 8.62
N TYR D 96 4.19 -30.52 8.56
CA TYR D 96 2.79 -30.95 8.58
C TYR D 96 2.40 -31.63 9.88
N GLN D 97 3.16 -31.41 10.95
CA GLN D 97 2.77 -31.90 12.26
C GLN D 97 1.79 -30.94 12.92
N LEU D 98 0.79 -31.48 13.60
CA LEU D 98 -0.17 -30.67 14.35
C LEU D 98 0.38 -30.37 15.74
N ILE D 99 0.55 -29.09 16.04
CA ILE D 99 0.96 -28.63 17.35
C ILE D 99 -0.28 -28.09 18.05
N TRP D 100 -0.67 -28.71 19.15
CA TRP D 100 -1.95 -28.43 19.80
C TRP D 100 -1.78 -27.48 20.98
N GLY D 101 -2.68 -26.51 21.07
CA GLY D 101 -2.76 -25.73 22.28
C GLY D 101 -3.46 -26.49 23.39
N ALA D 102 -3.25 -26.04 24.62
CA ALA D 102 -3.86 -26.67 25.78
C ALA D 102 -5.36 -26.44 25.87
N GLY D 103 -5.91 -25.60 25.01
CA GLY D 103 -7.35 -25.38 25.02
C GLY D 103 -7.76 -24.26 25.95
N THR D 104 -8.85 -23.58 25.57
CA THR D 104 -9.49 -22.57 26.39
C THR D 104 -10.87 -23.06 26.77
N LYS D 105 -11.12 -23.18 28.08
CA LYS D 105 -12.45 -23.45 28.58
C LYS D 105 -13.28 -22.16 28.63
N LEU D 106 -14.37 -22.11 27.86
CA LEU D 106 -15.24 -20.95 27.82
C LEU D 106 -16.45 -21.19 28.73
N ILE D 107 -16.65 -20.28 29.68
CA ILE D 107 -17.77 -20.33 30.61
C ILE D 107 -18.72 -19.19 30.29
N ILE D 108 -20.00 -19.50 30.14
CA ILE D 108 -21.02 -18.53 29.79
C ILE D 108 -21.88 -18.26 31.02
N LYS D 109 -21.99 -17.00 31.39
CA LYS D 109 -22.83 -16.65 32.53
C LYS D 109 -24.24 -16.31 32.05
N PRO D 110 -25.27 -16.94 32.60
CA PRO D 110 -26.64 -16.62 32.17
C PRO D 110 -27.09 -15.29 32.73
N ASP D 111 -27.93 -14.61 31.96
CA ASP D 111 -28.50 -13.33 32.39
C ASP D 111 -29.73 -13.60 33.23
N ILE D 112 -29.58 -13.55 34.54
CA ILE D 112 -30.69 -13.85 35.47
C ILE D 112 -31.56 -12.61 35.54
N GLN D 113 -32.80 -12.73 35.06
CA GLN D 113 -33.68 -11.57 34.97
C GLN D 113 -34.21 -11.16 36.34
N ASN D 114 -34.66 -12.12 37.14
CA ASN D 114 -35.28 -11.87 38.43
C ASN D 114 -34.54 -12.65 39.51
N PRO D 115 -33.41 -12.13 39.99
CA PRO D 115 -32.65 -12.84 41.03
C PRO D 115 -33.45 -12.93 42.33
N ASP D 116 -33.36 -14.09 42.98
CA ASP D 116 -34.08 -14.33 44.23
C ASP D 116 -33.26 -15.29 45.08
N PRO D 117 -32.11 -14.84 45.58
CA PRO D 117 -31.19 -15.76 46.25
C PRO D 117 -31.80 -16.37 47.51
N ALA D 118 -31.52 -17.65 47.73
CA ALA D 118 -32.06 -18.38 48.87
C ALA D 118 -31.28 -19.67 49.07
N VAL D 119 -31.31 -20.17 50.30
CA VAL D 119 -30.68 -21.44 50.66
C VAL D 119 -31.74 -22.33 51.28
N TYR D 120 -32.12 -23.38 50.57
CA TYR D 120 -33.14 -24.30 51.05
C TYR D 120 -32.50 -25.59 51.55
N GLN D 121 -33.27 -26.34 52.35
CA GLN D 121 -32.84 -27.63 52.87
C GLN D 121 -33.73 -28.72 52.30
N LEU D 122 -33.11 -29.71 51.67
CA LEU D 122 -33.82 -30.86 51.15
C LEU D 122 -33.60 -32.06 52.07
N ARG D 123 -34.59 -32.95 52.11
CA ARG D 123 -34.52 -34.15 52.92
C ARG D 123 -34.51 -35.39 52.03
N ASP D 124 -33.82 -36.43 52.47
CA ASP D 124 -33.78 -37.69 51.75
C ASP D 124 -35.19 -38.29 51.66
N SER D 125 -35.49 -38.90 50.51
CA SER D 125 -36.76 -39.60 50.37
C SER D 125 -36.84 -40.80 51.31
N LYS D 126 -35.71 -41.44 51.59
CA LYS D 126 -35.66 -42.57 52.51
C LYS D 126 -34.58 -42.38 53.57
N SER D 131 -30.70 -33.04 54.79
CA SER D 131 -29.34 -33.55 54.74
C SER D 131 -28.52 -32.85 53.67
N VAL D 132 -29.20 -32.15 52.76
CA VAL D 132 -28.58 -31.47 51.63
C VAL D 132 -29.13 -30.05 51.58
N CYS D 133 -28.22 -29.08 51.44
CA CYS D 133 -28.58 -27.67 51.35
C CYS D 133 -28.40 -27.18 49.91
N LEU D 134 -29.31 -26.30 49.47
CA LEU D 134 -29.35 -25.85 48.09
C LEU D 134 -29.32 -24.32 48.05
N PHE D 135 -28.19 -23.77 47.61
CA PHE D 135 -28.07 -22.35 47.29
C PHE D 135 -28.50 -22.16 45.84
N THR D 136 -29.58 -21.39 45.63
CA THR D 136 -30.17 -21.30 44.29
C THR D 136 -30.69 -19.90 44.03
N ASP D 137 -30.95 -19.63 42.75
CA ASP D 137 -31.64 -18.43 42.27
C ASP D 137 -30.84 -17.15 42.52
N PHE D 138 -29.53 -17.24 42.65
CA PHE D 138 -28.71 -16.05 42.81
C PHE D 138 -28.23 -15.54 41.46
N ASP D 139 -27.83 -14.27 41.44
CA ASP D 139 -27.34 -13.64 40.22
C ASP D 139 -26.00 -14.23 39.80
N SER D 140 -25.74 -14.19 38.48
CA SER D 140 -24.54 -14.81 37.94
C SER D 140 -23.25 -14.15 38.38
N GLN D 141 -23.34 -12.99 39.06
CA GLN D 141 -22.14 -12.36 39.60
C GLN D 141 -21.65 -13.03 40.87
N THR D 142 -22.49 -13.83 41.52
CA THR D 142 -22.11 -14.52 42.75
C THR D 142 -21.19 -15.69 42.44
N ASN D 143 -20.13 -15.82 43.25
CA ASN D 143 -19.19 -16.94 43.14
C ASN D 143 -19.33 -17.84 44.35
N VAL D 144 -19.32 -19.15 44.11
CA VAL D 144 -19.45 -20.15 45.16
C VAL D 144 -18.05 -20.67 45.47
N SER D 145 -17.57 -20.38 46.67
CA SER D 145 -16.24 -20.82 47.07
C SER D 145 -16.28 -22.27 47.55
N GLN D 146 -15.10 -22.90 47.55
CA GLN D 146 -14.99 -24.29 47.96
C GLN D 146 -15.23 -24.42 49.46
N SER D 147 -15.27 -25.67 49.92
CA SER D 147 -15.51 -25.96 51.32
C SER D 147 -14.19 -26.04 52.07
N LYS D 148 -14.09 -25.31 53.18
CA LYS D 148 -12.89 -25.37 54.01
C LYS D 148 -12.78 -26.72 54.70
N ASP D 149 -13.87 -27.21 55.28
CA ASP D 149 -13.87 -28.52 55.91
C ASP D 149 -13.77 -29.62 54.86
N SER D 150 -12.88 -30.58 55.10
CA SER D 150 -12.68 -31.69 54.17
C SER D 150 -13.78 -32.74 54.25
N ASP D 151 -14.67 -32.65 55.24
CA ASP D 151 -15.84 -33.52 55.33
C ASP D 151 -17.13 -32.80 54.96
N VAL D 152 -17.05 -31.54 54.56
CA VAL D 152 -18.18 -30.81 53.97
C VAL D 152 -17.91 -30.72 52.47
N TYR D 153 -18.92 -31.06 51.67
CA TYR D 153 -18.79 -31.10 50.22
C TYR D 153 -19.67 -30.04 49.60
N ILE D 154 -19.06 -29.14 48.82
CA ILE D 154 -19.76 -28.08 48.12
C ILE D 154 -19.41 -28.17 46.63
N THR D 155 -20.43 -28.18 45.78
CA THR D 155 -20.24 -28.25 44.35
C THR D 155 -20.16 -26.84 43.76
N ASP D 156 -19.66 -26.75 42.53
CA ASP D 156 -19.66 -25.47 41.84
C ASP D 156 -21.06 -25.17 41.31
N LYS D 157 -21.27 -23.92 40.92
CA LYS D 157 -22.60 -23.49 40.51
C LYS D 157 -22.97 -24.10 39.15
N CYS D 158 -24.24 -24.45 39.02
CA CYS D 158 -24.78 -25.12 37.84
C CYS D 158 -25.92 -24.27 37.29
N VAL D 159 -26.00 -24.17 35.96
CA VAL D 159 -27.04 -23.39 35.30
C VAL D 159 -28.13 -24.33 34.81
N LEU D 160 -29.34 -24.12 35.33
CA LEU D 160 -30.51 -24.91 35.01
C LEU D 160 -31.37 -24.15 34.00
N ASP D 161 -32.04 -24.88 33.11
CA ASP D 161 -32.87 -24.27 32.08
C ASP D 161 -34.20 -25.02 31.97
N MET D 162 -35.28 -24.36 32.37
CA MET D 162 -36.63 -24.88 32.17
C MET D 162 -37.16 -24.27 30.88
N ARG D 163 -37.17 -25.08 29.80
CA ARG D 163 -37.42 -24.54 28.47
C ARG D 163 -38.86 -24.02 28.33
N SER D 164 -39.84 -24.77 28.86
CA SER D 164 -41.24 -24.38 28.68
C SER D 164 -41.55 -23.05 29.37
N MET D 165 -40.88 -22.75 30.48
CA MET D 165 -41.09 -21.50 31.19
C MET D 165 -40.15 -20.39 30.75
N ASP D 166 -39.14 -20.71 29.93
CA ASP D 166 -38.11 -19.74 29.50
C ASP D 166 -37.44 -19.10 30.72
N PHE D 167 -36.97 -19.96 31.63
CA PHE D 167 -36.42 -19.54 32.90
C PHE D 167 -35.12 -20.27 33.18
N LYS D 168 -34.06 -19.52 33.47
CA LYS D 168 -32.78 -20.07 33.87
C LYS D 168 -32.49 -19.70 35.33
N SER D 169 -31.66 -20.52 35.98
CA SER D 169 -31.33 -20.27 37.38
C SER D 169 -30.03 -20.98 37.73
N ASN D 170 -29.23 -20.34 38.59
CA ASN D 170 -28.01 -20.93 39.13
C ASN D 170 -28.34 -21.73 40.39
N SER D 171 -27.44 -22.65 40.73
CA SER D 171 -27.62 -23.43 41.95
C SER D 171 -26.29 -24.05 42.35
N ALA D 172 -26.10 -24.19 43.66
CA ALA D 172 -24.96 -24.90 44.23
C ALA D 172 -25.47 -25.78 45.36
N VAL D 173 -24.83 -26.94 45.53
CA VAL D 173 -25.26 -27.96 46.47
C VAL D 173 -24.18 -28.16 47.53
N ALA D 174 -24.62 -28.35 48.78
CA ALA D 174 -23.73 -28.65 49.89
C ALA D 174 -24.33 -29.76 50.74
N TRP D 175 -23.47 -30.62 51.28
CA TRP D 175 -23.94 -31.71 52.13
C TRP D 175 -22.76 -32.22 52.96
N SER D 176 -23.09 -32.90 54.06
CA SER D 176 -22.07 -33.47 54.95
C SER D 176 -22.74 -34.39 55.95
N ASN D 177 -21.92 -35.26 56.55
CA ASN D 177 -22.34 -36.12 57.66
C ASN D 177 -21.83 -35.47 58.95
N LYS D 178 -22.68 -34.67 59.58
CA LYS D 178 -22.30 -33.97 60.81
C LYS D 178 -23.51 -33.60 61.64
N ASP D 180 -24.38 -31.10 63.56
CA ASP D 180 -23.30 -30.12 63.52
C ASP D 180 -23.40 -29.24 62.28
N PHE D 181 -23.65 -29.86 61.13
CA PHE D 181 -23.74 -29.17 59.87
C PHE D 181 -25.17 -28.67 59.65
N ALA D 182 -25.31 -27.39 59.33
CA ALA D 182 -26.60 -26.79 59.09
C ALA D 182 -26.52 -25.89 57.85
N CYS D 183 -27.68 -25.71 57.20
CA CYS D 183 -27.72 -24.89 56.00
C CYS D 183 -27.44 -23.42 56.28
N ALA D 184 -27.59 -22.97 57.53
CA ALA D 184 -27.31 -21.59 57.87
C ALA D 184 -25.83 -21.25 57.73
N ASN D 185 -24.96 -22.24 57.93
CA ASN D 185 -23.52 -22.04 57.86
C ASN D 185 -22.89 -22.73 56.65
N ALA D 186 -23.70 -23.30 55.76
CA ALA D 186 -23.16 -24.12 54.68
C ALA D 186 -22.29 -23.30 53.73
N PHE D 187 -22.74 -22.11 53.37
CA PHE D 187 -22.05 -21.28 52.38
C PHE D 187 -21.42 -20.04 53.02
N ASN D 188 -20.92 -20.19 54.26
CA ASN D 188 -20.28 -19.07 54.93
C ASN D 188 -18.96 -18.68 54.28
N ASN D 189 -18.28 -19.63 53.63
CA ASN D 189 -17.00 -19.35 52.99
C ASN D 189 -17.15 -18.59 51.68
N SER D 190 -18.38 -18.32 51.23
CA SER D 190 -18.63 -17.62 49.99
C SER D 190 -19.30 -16.28 50.26
N ILE D 191 -19.04 -15.30 49.39
CA ILE D 191 -19.70 -14.01 49.48
C ILE D 191 -21.07 -14.11 48.84
N ILE D 192 -22.10 -14.40 49.64
CA ILE D 192 -23.46 -14.55 49.13
C ILE D 192 -24.18 -13.21 49.26
N PRO D 193 -25.27 -12.97 48.52
CA PRO D 193 -26.01 -11.72 48.67
C PRO D 193 -26.52 -11.54 50.09
N GLU D 194 -26.53 -10.29 50.55
CA GLU D 194 -26.98 -9.99 51.91
C GLU D 194 -28.46 -10.31 52.11
N ASP D 195 -29.25 -10.25 51.03
CA ASP D 195 -30.67 -10.52 51.07
C ASP D 195 -31.01 -11.98 50.80
N THR D 196 -30.07 -12.89 51.03
CA THR D 196 -30.33 -14.31 50.80
C THR D 196 -31.41 -14.82 51.75
N PHE D 197 -32.44 -15.45 51.19
CA PHE D 197 -33.57 -15.94 51.98
C PHE D 197 -33.19 -17.25 52.67
N PHE D 198 -33.07 -17.20 54.00
CA PHE D 198 -32.81 -18.38 54.82
C PHE D 198 -34.10 -18.77 55.54
N PRO D 199 -34.85 -19.76 55.04
CA PRO D 199 -36.07 -20.23 55.72
C PRO D 199 -35.78 -20.86 57.08
N GLY E 4 -19.05 -42.04 11.69
CA GLY E 4 -17.83 -41.62 11.03
C GLY E 4 -16.60 -42.37 11.53
N VAL E 5 -16.15 -42.02 12.72
CA VAL E 5 -15.03 -42.68 13.37
C VAL E 5 -15.57 -43.42 14.59
N THR E 6 -15.40 -44.73 14.61
CA THR E 6 -15.90 -45.60 15.66
C THR E 6 -14.73 -46.19 16.43
N GLN E 7 -14.68 -45.93 17.73
CA GLN E 7 -13.65 -46.51 18.59
C GLN E 7 -14.29 -47.12 19.82
N THR E 8 -13.65 -48.18 20.32
CA THR E 8 -14.13 -48.94 21.46
C THR E 8 -12.94 -49.39 22.29
N PRO E 9 -13.11 -49.55 23.61
CA PRO E 9 -14.34 -49.33 24.38
C PRO E 9 -14.47 -47.90 24.86
N LYS E 10 -15.65 -47.52 25.33
CA LYS E 10 -15.83 -46.17 25.86
C LYS E 10 -15.22 -46.04 27.25
N PHE E 11 -15.27 -47.11 28.05
CA PHE E 11 -14.70 -47.14 29.38
C PHE E 11 -13.95 -48.45 29.58
N GLN E 12 -12.91 -48.40 30.41
CA GLN E 12 -12.13 -49.59 30.69
C GLN E 12 -11.36 -49.39 32.00
N VAL E 13 -11.46 -50.36 32.90
CA VAL E 13 -10.65 -50.42 34.11
C VAL E 13 -9.59 -51.48 33.89
N LEU E 14 -8.33 -51.14 34.19
CA LEU E 14 -7.21 -52.06 33.99
C LEU E 14 -6.40 -52.17 35.27
N LYS E 15 -5.91 -53.38 35.54
CA LYS E 15 -4.91 -53.59 36.56
C LYS E 15 -3.52 -53.43 35.94
N THR E 16 -2.58 -52.91 36.74
CA THR E 16 -1.22 -52.73 36.26
C THR E 16 -0.66 -54.03 35.73
N GLY E 17 -0.06 -53.97 34.55
CA GLY E 17 0.52 -55.12 33.89
C GLY E 17 -0.39 -55.79 32.88
N GLN E 18 -1.69 -55.50 32.90
CA GLN E 18 -2.61 -56.07 31.92
C GLN E 18 -2.31 -55.54 30.53
N SER E 19 -2.62 -56.35 29.53
CA SER E 19 -2.59 -55.92 28.14
C SER E 19 -3.96 -55.36 27.74
N MET E 20 -3.94 -54.53 26.71
CA MET E 20 -5.15 -53.83 26.30
C MET E 20 -5.01 -53.42 24.84
N THR E 21 -6.09 -53.61 24.07
CA THR E 21 -6.14 -53.17 22.69
C THR E 21 -7.36 -52.28 22.50
N LEU E 22 -7.14 -51.09 21.95
CA LEU E 22 -8.23 -50.17 21.61
C LEU E 22 -8.49 -50.23 20.11
N GLN E 23 -9.76 -50.38 19.75
CA GLN E 23 -10.15 -50.50 18.35
C GLN E 23 -10.54 -49.13 17.79
N CYS E 24 -10.22 -48.92 16.51
CA CYS E 24 -10.67 -47.73 15.80
C CYS E 24 -10.92 -48.09 14.35
N ALA E 25 -12.08 -47.70 13.83
CA ALA E 25 -12.44 -47.94 12.44
C ALA E 25 -13.11 -46.69 11.87
N GLN E 26 -12.78 -46.37 10.63
CA GLN E 26 -13.41 -45.28 9.91
C GLN E 26 -13.88 -45.78 8.55
N ASP E 27 -15.04 -45.30 8.12
N ASP E 27 -15.04 -45.28 8.12
CA ASP E 27 -15.63 -45.68 6.84
CA ASP E 27 -15.65 -45.68 6.86
C ASP E 27 -15.78 -44.46 5.94
C ASP E 27 -15.73 -44.51 5.87
N MET E 28 -14.80 -43.56 5.99
CA MET E 28 -14.78 -42.37 5.16
C MET E 28 -13.75 -42.44 4.04
N ASN E 29 -13.14 -43.62 3.85
CA ASN E 29 -12.09 -43.81 2.85
C ASN E 29 -10.89 -42.90 3.09
N HIS E 30 -10.61 -42.59 4.35
CA HIS E 30 -9.48 -41.75 4.70
C HIS E 30 -8.18 -42.55 4.64
N ASN E 31 -7.08 -41.85 4.35
CA ASN E 31 -5.77 -42.48 4.28
C ASN E 31 -4.96 -42.36 5.56
N SER E 32 -5.16 -41.27 6.33
CA SER E 32 -4.37 -41.01 7.52
C SER E 32 -5.20 -41.27 8.77
N MET E 33 -4.56 -41.85 9.79
CA MET E 33 -5.21 -42.16 11.05
C MET E 33 -4.25 -41.90 12.19
N TYR E 34 -4.81 -41.59 13.36
CA TYR E 34 -4.02 -41.07 14.47
C TYR E 34 -4.59 -41.62 15.78
N TRP E 35 -3.72 -41.74 16.78
CA TRP E 35 -4.13 -42.05 18.13
C TRP E 35 -3.57 -40.99 19.07
N TYR E 36 -4.47 -40.27 19.75
CA TYR E 36 -4.11 -39.23 20.69
C TYR E 36 -4.49 -39.64 22.11
N ARG E 37 -3.80 -39.07 23.09
CA ARG E 37 -4.26 -39.08 24.46
C ARG E 37 -4.47 -37.65 24.92
N GLN E 38 -5.51 -37.43 25.73
CA GLN E 38 -5.83 -36.12 26.26
C GLN E 38 -5.73 -36.18 27.77
N ASP E 39 -4.92 -35.30 28.34
CA ASP E 39 -4.68 -35.20 29.77
C ASP E 39 -4.93 -33.78 30.23
N PRO E 40 -5.39 -33.58 31.45
CA PRO E 40 -5.70 -32.22 31.92
C PRO E 40 -4.45 -31.33 31.91
N GLY E 41 -4.62 -30.10 31.43
CA GLY E 41 -3.58 -29.10 31.48
C GLY E 41 -2.61 -29.08 30.32
N MET E 42 -2.87 -29.85 29.26
CA MET E 42 -1.96 -29.87 28.12
C MET E 42 -2.75 -30.16 26.85
N GLY E 43 -2.11 -29.86 25.72
CA GLY E 43 -2.73 -30.14 24.44
C GLY E 43 -2.72 -31.62 24.13
N LEU E 44 -3.47 -31.98 23.10
CA LEU E 44 -3.46 -33.35 22.61
C LEU E 44 -2.04 -33.77 22.28
N ARG E 45 -1.69 -35.00 22.66
CA ARG E 45 -0.37 -35.55 22.38
C ARG E 45 -0.50 -36.77 21.51
N LEU E 46 0.16 -36.75 20.35
CA LEU E 46 0.12 -37.85 19.41
C LEU E 46 0.95 -39.02 19.93
N ILE E 47 0.36 -40.22 19.93
CA ILE E 47 1.02 -41.44 20.37
C ILE E 47 1.68 -42.11 19.17
N TYR E 48 0.86 -42.49 18.20
CA TYR E 48 1.33 -43.00 16.92
C TYR E 48 0.40 -42.48 15.84
N TYR E 49 0.89 -42.51 14.60
CA TYR E 49 0.07 -42.14 13.46
C TYR E 49 0.40 -43.05 12.29
N SER E 50 -0.49 -43.04 11.30
CA SER E 50 -0.34 -43.84 10.09
C SER E 50 -0.70 -42.94 8.91
N ALA E 51 0.30 -42.43 8.22
CA ALA E 51 0.05 -41.48 7.14
C ALA E 51 -0.74 -42.11 6.00
N SER E 52 -0.55 -43.41 5.76
CA SER E 52 -1.28 -44.11 4.74
CA SER E 52 -1.30 -44.11 4.74
C SER E 52 -1.29 -45.59 5.08
N GLU E 53 -2.10 -46.35 4.34
CA GLU E 53 -2.13 -47.78 4.53
C GLU E 53 -0.74 -48.35 4.25
N GLY E 54 -0.23 -49.15 5.18
CA GLY E 54 1.06 -49.78 4.99
C GLY E 54 2.24 -49.08 5.62
N THR E 55 2.01 -48.05 6.43
CA THR E 55 3.11 -47.40 7.14
C THR E 55 2.56 -46.77 8.42
N THR E 56 3.37 -46.84 9.47
CA THR E 56 3.08 -46.19 10.73
C THR E 56 4.37 -45.57 11.24
N ASP E 57 4.24 -44.68 12.23
CA ASP E 57 5.42 -44.08 12.83
C ASP E 57 5.08 -43.54 14.21
N LYS E 58 6.12 -43.40 15.03
CA LYS E 58 5.97 -42.90 16.38
C LYS E 58 5.49 -41.45 16.36
N GLY E 59 4.76 -41.08 17.40
CA GLY E 59 4.31 -39.72 17.62
C GLY E 59 5.16 -39.03 18.66
N GLU E 60 4.51 -38.26 19.51
CA GLU E 60 5.25 -37.57 20.58
C GLU E 60 5.49 -38.50 21.77
N VAL E 61 4.53 -39.35 22.11
CA VAL E 61 4.63 -40.18 23.31
C VAL E 61 4.41 -41.64 22.96
N PRO E 62 5.33 -42.27 22.21
CA PRO E 62 5.09 -43.67 21.79
C PRO E 62 5.40 -44.72 22.86
N ASN E 63 6.18 -44.39 23.89
CA ASN E 63 6.66 -45.43 24.80
C ASN E 63 5.51 -46.04 25.59
N GLY E 64 5.51 -47.37 25.69
CA GLY E 64 4.45 -48.10 26.32
C GLY E 64 3.32 -48.49 25.40
N TYR E 65 3.37 -48.09 24.14
CA TYR E 65 2.31 -48.36 23.18
C TYR E 65 2.89 -48.93 21.89
N ASN E 66 2.03 -49.62 21.16
CA ASN E 66 2.31 -49.95 19.77
CA ASN E 66 2.30 -50.01 19.79
C ASN E 66 0.99 -49.94 19.01
N VAL E 67 1.10 -49.80 17.69
CA VAL E 67 -0.09 -49.71 16.84
C VAL E 67 0.02 -50.69 15.68
N SER E 68 -1.13 -50.94 15.06
CA SER E 68 -1.22 -51.77 13.87
C SER E 68 -2.24 -51.15 12.92
N ARG E 69 -1.78 -50.70 11.75
CA ARG E 69 -2.66 -50.31 10.67
C ARG E 69 -3.08 -51.59 9.95
N LEU E 70 -4.15 -52.21 10.47
CA LEU E 70 -4.59 -53.50 9.96
C LEU E 70 -4.98 -53.42 8.49
N ASN E 71 -5.63 -52.33 8.10
CA ASN E 71 -6.06 -52.09 6.73
C ASN E 71 -6.33 -50.59 6.61
N LYS E 72 -6.96 -50.18 5.51
CA LYS E 72 -7.25 -48.76 5.33
C LYS E 72 -8.27 -48.28 6.35
N ARG E 73 -9.17 -49.15 6.81
CA ARG E 73 -10.22 -48.74 7.73
C ARG E 73 -9.74 -48.67 9.18
N GLU E 74 -8.87 -49.58 9.59
CA GLU E 74 -8.65 -49.84 11.02
C GLU E 74 -7.23 -49.50 11.45
N PHE E 75 -7.12 -48.97 12.66
CA PHE E 75 -5.85 -48.56 13.27
C PHE E 75 -5.95 -48.88 14.75
N SER E 76 -5.28 -49.95 15.17
CA SER E 76 -5.39 -50.43 16.55
C SER E 76 -4.31 -49.83 17.43
N LEU E 77 -4.66 -49.62 18.70
CA LEU E 77 -3.75 -49.11 19.70
C LEU E 77 -3.58 -50.17 20.77
N ARG E 78 -2.35 -50.57 21.02
CA ARG E 78 -2.05 -51.68 21.90
C ARG E 78 -1.30 -51.16 23.12
N LEU E 79 -1.78 -51.53 24.31
CA LEU E 79 -1.09 -51.27 25.55
C LEU E 79 -0.42 -52.57 25.99
N GLU E 80 0.92 -52.59 25.91
CA GLU E 80 1.67 -53.81 26.19
C GLU E 80 1.50 -54.24 27.65
N SER E 81 1.95 -53.41 28.58
CA SER E 81 1.85 -53.69 30.01
C SER E 81 1.33 -52.41 30.67
N ALA E 82 0.02 -52.38 30.95
CA ALA E 82 -0.63 -51.17 31.41
C ALA E 82 0.04 -50.61 32.66
N ALA E 83 0.30 -49.31 32.65
CA ALA E 83 0.87 -48.59 33.77
C ALA E 83 -0.09 -47.51 34.24
N PRO E 84 -0.03 -47.12 35.51
CA PRO E 84 -0.93 -46.05 35.99
C PRO E 84 -0.79 -44.74 35.24
N SER E 85 0.38 -44.46 34.66
CA SER E 85 0.56 -43.23 33.91
C SER E 85 -0.23 -43.22 32.60
N GLN E 86 -0.65 -44.39 32.13
CA GLN E 86 -1.46 -44.50 30.93
C GLN E 86 -2.94 -44.25 31.19
N THR E 87 -3.33 -43.98 32.44
CA THR E 87 -4.69 -43.55 32.74
C THR E 87 -4.95 -42.23 32.03
N SER E 88 -5.85 -42.22 31.05
CA SER E 88 -6.04 -41.05 30.20
C SER E 88 -7.34 -41.23 29.43
N VAL E 89 -7.64 -40.25 28.59
CA VAL E 89 -8.72 -40.34 27.61
C VAL E 89 -8.06 -40.45 26.24
N TYR E 90 -8.40 -41.51 25.51
CA TYR E 90 -7.77 -41.80 24.23
C TYR E 90 -8.72 -41.47 23.10
N PHE E 91 -8.21 -40.74 22.11
CA PHE E 91 -8.98 -40.33 20.95
C PHE E 91 -8.29 -40.83 19.70
N CYS E 92 -9.03 -41.55 18.87
N CYS E 92 -9.02 -41.54 18.85
CA CYS E 92 -8.59 -41.88 17.53
CA CYS E 92 -8.52 -41.89 17.52
C CYS E 92 -9.15 -40.85 16.56
C CYS E 92 -9.16 -40.97 16.50
N ALA E 93 -8.36 -40.50 15.55
CA ALA E 93 -8.80 -39.56 14.54
C ALA E 93 -8.33 -40.01 13.17
N SER E 94 -9.01 -39.51 12.15
CA SER E 94 -8.65 -39.79 10.76
C SER E 94 -8.84 -38.53 9.93
N SER E 95 -8.03 -38.43 8.87
CA SER E 95 -8.16 -37.36 7.90
C SER E 95 -7.94 -37.93 6.51
N VAL E 96 -8.45 -37.22 5.51
CA VAL E 96 -8.33 -37.66 4.12
C VAL E 96 -6.87 -37.96 3.80
N TRP E 97 -5.98 -37.01 4.10
CA TRP E 97 -4.56 -37.22 3.89
C TRP E 97 -3.77 -36.27 4.79
N THR E 98 -2.71 -36.81 5.39
CA THR E 98 -1.92 -36.07 6.36
C THR E 98 -1.19 -34.89 5.72
N GLY E 99 -0.67 -35.10 4.51
CA GLY E 99 0.18 -34.10 3.86
C GLY E 99 -0.55 -32.94 3.21
N GLU E 100 -1.89 -32.96 3.16
CA GLU E 100 -2.62 -31.79 2.66
C GLU E 100 -2.89 -30.83 3.81
N GLY E 101 -2.61 -29.55 3.56
CA GLY E 101 -2.49 -28.59 4.63
C GLY E 101 -3.81 -28.24 5.30
N SER E 102 -4.89 -28.28 4.53
CA SER E 102 -6.18 -27.83 5.04
C SER E 102 -7.06 -28.96 5.55
N GLY E 103 -6.66 -30.22 5.35
CA GLY E 103 -7.50 -31.33 5.76
C GLY E 103 -7.64 -31.40 7.27
N GLU E 104 -8.88 -31.47 7.75
CA GLU E 104 -9.13 -31.47 9.18
C GLU E 104 -9.23 -32.89 9.72
N LEU E 105 -9.19 -33.00 11.04
CA LEU E 105 -9.32 -34.29 11.71
C LEU E 105 -10.77 -34.58 12.04
N PHE E 106 -11.14 -35.85 11.94
CA PHE E 106 -12.42 -36.36 12.41
C PHE E 106 -12.15 -37.28 13.60
N PHE E 107 -12.79 -37.02 14.73
CA PHE E 107 -12.45 -37.67 15.99
C PHE E 107 -13.48 -38.72 16.38
N GLY E 108 -13.01 -39.83 16.93
CA GLY E 108 -13.89 -40.78 17.58
C GLY E 108 -14.37 -40.26 18.93
N GLU E 109 -15.28 -41.01 19.54
CA GLU E 109 -15.93 -40.57 20.76
C GLU E 109 -15.04 -40.63 21.99
N GLY E 110 -13.88 -41.27 21.91
CA GLY E 110 -12.97 -41.29 23.04
C GLY E 110 -13.11 -42.56 23.88
N SER E 111 -12.04 -42.87 24.60
CA SER E 111 -11.98 -44.06 25.44
C SER E 111 -11.38 -43.67 26.79
N ARG E 112 -12.17 -43.85 27.86
CA ARG E 112 -11.71 -43.56 29.21
CA ARG E 112 -11.71 -43.56 29.21
C ARG E 112 -11.02 -44.80 29.77
N LEU E 113 -9.72 -44.68 30.05
CA LEU E 113 -8.93 -45.78 30.59
C LEU E 113 -8.38 -45.41 31.95
N THR E 114 -8.66 -46.24 32.96
CA THR E 114 -8.15 -46.06 34.31
C THR E 114 -7.35 -47.30 34.68
N VAL E 115 -6.05 -47.14 34.88
CA VAL E 115 -5.16 -48.24 35.27
C VAL E 115 -4.88 -48.13 36.75
N LEU E 116 -5.15 -49.20 37.49
CA LEU E 116 -5.00 -49.23 38.93
C LEU E 116 -4.02 -50.32 39.33
N GLU E 117 -3.34 -50.11 40.47
CA GLU E 117 -2.46 -51.13 41.01
C GLU E 117 -3.25 -52.39 41.39
N ASP E 118 -4.37 -52.21 42.07
CA ASP E 118 -5.29 -53.29 42.37
C ASP E 118 -6.71 -52.82 42.14
N LEU E 119 -7.63 -53.77 42.01
CA LEU E 119 -9.03 -53.46 41.75
C LEU E 119 -9.87 -53.34 43.02
N LYS E 120 -9.22 -53.36 44.18
CA LYS E 120 -9.95 -53.40 45.45
C LYS E 120 -10.60 -52.07 45.82
N ASN E 121 -10.19 -50.97 45.20
CA ASN E 121 -10.79 -49.67 45.49
CA ASN E 121 -10.75 -49.65 45.44
C ASN E 121 -11.90 -49.30 44.51
N VAL E 122 -12.25 -50.19 43.59
CA VAL E 122 -13.36 -49.92 42.67
C VAL E 122 -14.67 -50.08 43.42
N PHE E 123 -15.48 -49.03 43.43
CA PHE E 123 -16.76 -49.01 44.15
C PHE E 123 -17.84 -48.41 43.26
N PRO E 124 -19.01 -49.03 43.16
CA PRO E 124 -20.13 -48.39 42.49
C PRO E 124 -20.68 -47.27 43.34
N PRO E 125 -21.45 -46.36 42.75
CA PRO E 125 -22.00 -45.25 43.54
C PRO E 125 -23.23 -45.66 44.34
N GLU E 126 -23.39 -44.99 45.48
CA GLU E 126 -24.67 -44.98 46.19
C GLU E 126 -25.46 -43.77 45.75
N VAL E 127 -26.73 -43.96 45.41
CA VAL E 127 -27.55 -42.93 44.79
C VAL E 127 -28.71 -42.61 45.72
N ALA E 128 -28.96 -41.31 45.93
CA ALA E 128 -30.04 -40.85 46.78
C ALA E 128 -30.71 -39.63 46.17
N VAL E 129 -32.04 -39.63 46.18
CA VAL E 129 -32.83 -38.49 45.74
C VAL E 129 -33.28 -37.70 46.95
N PHE E 130 -33.19 -36.38 46.86
CA PHE E 130 -33.64 -35.49 47.93
C PHE E 130 -34.82 -34.67 47.43
N GLU E 131 -35.92 -34.71 48.18
CA GLU E 131 -37.19 -34.12 47.76
C GLU E 131 -37.17 -32.60 47.91
N PRO E 132 -37.94 -31.90 47.07
CA PRO E 132 -37.93 -30.43 47.11
C PRO E 132 -38.38 -29.87 48.45
N SER E 133 -37.76 -28.76 48.84
CA SER E 133 -38.14 -28.09 50.07
C SER E 133 -39.49 -27.42 49.92
N GLU E 134 -40.32 -27.54 50.96
CA GLU E 134 -41.62 -26.88 50.95
C GLU E 134 -41.46 -25.36 50.96
N ALA E 135 -40.36 -24.85 51.53
CA ALA E 135 -40.13 -23.41 51.52
C ALA E 135 -39.93 -22.89 50.10
N GLU E 136 -39.14 -23.61 49.29
CA GLU E 136 -38.95 -23.20 47.90
C GLU E 136 -40.27 -23.24 47.13
N ILE E 137 -41.11 -24.24 47.41
CA ILE E 137 -42.41 -24.34 46.75
C ILE E 137 -43.25 -23.10 47.06
N SER E 138 -43.23 -22.66 48.32
CA SER E 138 -44.01 -21.50 48.73
C SER E 138 -43.36 -20.18 48.31
N HIS E 139 -42.05 -20.17 48.08
CA HIS E 139 -41.33 -18.95 47.77
C HIS E 139 -41.20 -18.70 46.27
N THR E 140 -41.05 -19.76 45.48
CA THR E 140 -40.80 -19.62 44.05
C THR E 140 -41.81 -20.35 43.17
N GLN E 141 -42.71 -21.15 43.75
CA GLN E 141 -43.63 -22.01 43.00
C GLN E 141 -42.89 -22.99 42.11
N LYS E 142 -41.63 -23.29 42.44
CA LYS E 142 -40.82 -24.25 41.72
C LYS E 142 -40.25 -25.26 42.71
N ALA E 143 -40.06 -26.48 42.23
CA ALA E 143 -39.60 -27.59 43.06
C ALA E 143 -38.33 -28.17 42.47
N THR E 144 -37.27 -28.24 43.28
CA THR E 144 -35.97 -28.73 42.85
C THR E 144 -35.66 -30.05 43.55
N LEU E 145 -35.39 -31.08 42.75
CA LEU E 145 -34.93 -32.36 43.26
C LEU E 145 -33.43 -32.50 43.03
N VAL E 146 -32.73 -33.02 44.03
CA VAL E 146 -31.27 -33.17 43.97
C VAL E 146 -30.93 -34.65 44.03
N CYS E 147 -30.12 -35.10 43.09
CA CYS E 147 -29.60 -36.46 43.08
C CYS E 147 -28.15 -36.45 43.54
N LEU E 148 -27.79 -37.40 44.39
CA LEU E 148 -26.44 -37.49 44.93
C LEU E 148 -25.90 -38.89 44.68
N ALA E 149 -24.83 -38.98 43.89
CA ALA E 149 -24.10 -40.22 43.66
C ALA E 149 -22.75 -40.08 44.35
N THR E 150 -22.52 -40.89 45.38
CA THR E 150 -21.38 -40.72 46.27
C THR E 150 -20.58 -42.01 46.39
N GLY E 151 -19.29 -41.85 46.69
CA GLY E 151 -18.45 -42.97 47.07
C GLY E 151 -18.01 -43.88 45.94
N PHE E 152 -18.09 -43.44 44.69
CA PHE E 152 -17.74 -44.30 43.58
C PHE E 152 -16.30 -44.08 43.12
N TYR E 153 -15.77 -45.10 42.45
CA TYR E 153 -14.40 -45.09 41.96
C TYR E 153 -14.23 -46.21 40.94
N PRO E 154 -13.60 -45.96 39.78
CA PRO E 154 -13.11 -44.65 39.34
C PRO E 154 -14.25 -43.72 38.88
N ASP E 155 -13.91 -42.58 38.28
CA ASP E 155 -14.91 -41.61 37.84
CA ASP E 155 -14.92 -41.61 37.85
C ASP E 155 -15.46 -42.02 36.48
N HIS E 156 -16.22 -43.11 36.48
CA HIS E 156 -16.85 -43.64 35.27
C HIS E 156 -18.35 -43.71 35.54
N VAL E 157 -19.03 -42.58 35.39
CA VAL E 157 -20.47 -42.49 35.67
C VAL E 157 -21.15 -41.62 34.62
N GLU E 158 -22.43 -41.89 34.40
CA GLU E 158 -23.28 -41.06 33.55
C GLU E 158 -24.63 -40.93 34.24
N LEU E 159 -25.02 -39.70 34.57
CA LEU E 159 -26.23 -39.44 35.35
C LEU E 159 -27.34 -38.92 34.44
N SER E 160 -28.55 -39.40 34.68
CA SER E 160 -29.71 -38.97 33.91
C SER E 160 -30.95 -39.00 34.80
N TRP E 161 -31.93 -38.18 34.44
CA TRP E 161 -33.20 -38.11 35.15
C TRP E 161 -34.31 -38.74 34.32
N TRP E 162 -35.26 -39.37 35.01
CA TRP E 162 -36.39 -40.05 34.37
C TRP E 162 -37.64 -39.72 35.15
N VAL E 163 -38.65 -39.19 34.46
CA VAL E 163 -39.97 -38.95 35.05
C VAL E 163 -41.00 -39.77 34.29
N ASN E 164 -41.83 -40.48 35.04
CA ASN E 164 -42.88 -41.34 34.47
C ASN E 164 -42.30 -42.32 33.44
N GLY E 165 -41.10 -42.81 33.72
CA GLY E 165 -40.46 -43.78 32.86
C GLY E 165 -39.75 -43.23 31.65
N LYS E 166 -39.80 -41.92 31.43
CA LYS E 166 -39.16 -41.29 30.28
C LYS E 166 -38.07 -40.32 30.75
N GLU E 167 -36.93 -40.37 30.07
CA GLU E 167 -35.80 -39.50 30.42
C GLU E 167 -36.06 -38.08 29.94
N VAL E 168 -35.80 -37.10 30.81
CA VAL E 168 -36.00 -35.68 30.50
C VAL E 168 -34.66 -34.95 30.59
N HIS E 169 -34.61 -33.79 29.93
CA HIS E 169 -33.41 -32.97 29.92
C HIS E 169 -33.71 -31.54 30.36
N SER E 170 -34.93 -31.09 30.11
CA SER E 170 -35.32 -29.73 30.51
C SER E 170 -35.36 -29.61 32.03
N GLY E 171 -34.78 -28.52 32.53
CA GLY E 171 -34.72 -28.31 33.96
C GLY E 171 -33.68 -29.14 34.68
N VAL E 172 -32.68 -29.63 33.96
CA VAL E 172 -31.65 -30.51 34.52
C VAL E 172 -30.30 -29.84 34.38
N CYS E 173 -29.48 -29.96 35.42
CA CYS E 173 -28.08 -29.53 35.36
CA CYS E 173 -28.08 -29.56 35.34
C CYS E 173 -27.27 -30.44 36.28
N THR E 174 -26.32 -31.17 35.72
CA THR E 174 -25.47 -32.08 36.45
C THR E 174 -24.06 -31.52 36.51
N ASP E 175 -23.40 -31.70 37.65
CA ASP E 175 -22.02 -31.26 37.81
C ASP E 175 -21.18 -31.77 36.64
N PRO E 176 -20.49 -30.90 35.92
CA PRO E 176 -19.64 -31.39 34.82
C PRO E 176 -18.48 -32.23 35.29
N GLN E 177 -18.02 -32.04 36.53
CA GLN E 177 -16.90 -32.80 37.08
C GLN E 177 -17.22 -33.22 38.50
N PRO E 178 -16.98 -34.47 38.86
CA PRO E 178 -17.15 -34.89 40.26
C PRO E 178 -16.09 -34.26 41.15
N LEU E 179 -16.38 -34.26 42.44
CA LEU E 179 -15.42 -33.79 43.43
C LEU E 179 -14.87 -34.98 44.22
N LYS E 180 -13.66 -34.80 44.77
CA LYS E 180 -12.99 -35.85 45.51
C LYS E 180 -13.45 -35.84 46.96
N GLU E 181 -13.93 -36.99 47.43
CA GLU E 181 -14.33 -37.10 48.83
C GLU E 181 -13.14 -37.09 49.78
N GLN E 182 -11.96 -37.47 49.30
CA GLN E 182 -10.73 -37.46 50.09
C GLN E 182 -9.64 -36.75 49.29
N PRO E 183 -9.71 -35.42 49.20
CA PRO E 183 -8.84 -34.69 48.25
C PRO E 183 -7.34 -34.94 48.46
N ALA E 184 -6.92 -35.26 49.68
CA ALA E 184 -5.51 -35.52 49.91
C ALA E 184 -5.07 -36.86 49.33
N LEU E 185 -5.97 -37.84 49.30
CA LEU E 185 -5.60 -39.19 48.87
C LEU E 185 -5.44 -39.26 47.36
N ASN E 186 -4.46 -40.07 46.92
CA ASN E 186 -4.25 -40.26 45.49
C ASN E 186 -5.40 -41.05 44.86
N ASP E 187 -6.02 -41.95 45.60
CA ASP E 187 -7.11 -42.78 45.10
C ASP E 187 -8.45 -42.40 45.72
N SER E 188 -8.68 -41.10 45.89
CA SER E 188 -9.92 -40.62 46.47
C SER E 188 -11.12 -41.11 45.68
N ARG E 189 -12.20 -41.43 46.39
CA ARG E 189 -13.45 -41.73 45.73
C ARG E 189 -14.19 -40.44 45.41
N TYR E 190 -15.24 -40.55 44.59
CA TYR E 190 -15.86 -39.38 43.99
C TYR E 190 -17.32 -39.24 44.40
N ALA E 191 -17.83 -38.02 44.22
CA ALA E 191 -19.23 -37.70 44.45
C ALA E 191 -19.70 -36.78 43.32
N LEU E 192 -20.97 -36.94 42.95
CA LEU E 192 -21.56 -36.18 41.86
C LEU E 192 -22.98 -35.77 42.24
N SER E 193 -23.36 -34.55 41.88
CA SER E 193 -24.68 -34.04 42.20
C SER E 193 -25.35 -33.52 40.93
N SER E 194 -26.68 -33.50 40.96
CA SER E 194 -27.47 -33.02 39.84
C SER E 194 -28.80 -32.52 40.38
N ARG E 195 -29.41 -31.61 39.62
CA ARG E 195 -30.68 -31.00 40.02
C ARG E 195 -31.69 -31.15 38.89
N LEU E 196 -32.93 -31.42 39.27
CA LEU E 196 -34.06 -31.43 38.34
C LEU E 196 -35.12 -30.51 38.94
N ARG E 197 -35.30 -29.34 38.34
CA ARG E 197 -36.28 -28.37 38.82
C ARG E 197 -37.55 -28.48 37.98
N VAL E 198 -38.69 -28.56 38.67
CA VAL E 198 -39.99 -28.69 38.03
C VAL E 198 -40.94 -27.71 38.71
N SER E 199 -42.09 -27.50 38.08
CA SER E 199 -43.10 -26.63 38.69
C SER E 199 -43.66 -27.28 39.94
N ALA E 200 -44.07 -26.44 40.90
CA ALA E 200 -44.65 -26.96 42.14
C ALA E 200 -45.90 -27.78 41.87
N THR E 201 -46.67 -27.42 40.85
CA THR E 201 -47.88 -28.16 40.52
C THR E 201 -47.54 -29.58 40.05
N PHE E 202 -46.51 -29.71 39.21
CA PHE E 202 -46.12 -31.02 38.71
C PHE E 202 -45.61 -31.91 39.83
N TRP E 203 -44.89 -31.32 40.80
CA TRP E 203 -44.40 -32.10 41.93
C TRP E 203 -45.53 -32.52 42.87
N GLN E 204 -46.57 -31.69 43.00
CA GLN E 204 -47.64 -32.00 43.93
C GLN E 204 -48.53 -33.14 43.45
N ASN E 205 -48.52 -33.45 42.16
CA ASN E 205 -49.28 -34.58 41.64
C ASN E 205 -48.64 -35.90 42.06
N PRO E 206 -49.31 -36.72 42.87
CA PRO E 206 -48.67 -37.96 43.35
C PRO E 206 -48.57 -39.04 42.28
N ARG E 207 -49.13 -38.82 41.10
CA ARG E 207 -49.01 -39.78 40.00
C ARG E 207 -47.75 -39.56 39.16
N ASN E 208 -46.86 -38.67 39.60
CA ASN E 208 -45.61 -38.41 38.90
C ASN E 208 -44.46 -39.10 39.64
N HIS E 209 -43.78 -40.00 38.94
CA HIS E 209 -42.66 -40.75 39.49
C HIS E 209 -41.36 -40.11 39.01
N PHE E 210 -40.51 -39.73 39.96
CA PHE E 210 -39.20 -39.16 39.66
C PHE E 210 -38.12 -40.16 40.03
N ARG E 211 -37.14 -40.33 39.14
CA ARG E 211 -36.05 -41.27 39.38
C ARG E 211 -34.79 -40.76 38.70
N CYS E 212 -33.71 -40.68 39.46
CA CYS E 212 -32.38 -40.36 38.94
CA CYS E 212 -32.40 -40.37 38.90
C CYS E 212 -31.60 -41.65 38.76
N GLN E 213 -30.96 -41.81 37.61
CA GLN E 213 -30.27 -43.04 37.24
C GLN E 213 -28.80 -42.73 37.01
N VAL E 214 -27.93 -43.55 37.58
CA VAL E 214 -26.49 -43.42 37.41
C VAL E 214 -25.97 -44.72 36.82
N GLN E 215 -25.48 -44.64 35.58
CA GLN E 215 -24.78 -45.75 34.97
C GLN E 215 -23.33 -45.72 35.42
N PHE E 216 -22.88 -46.81 36.05
CA PHE E 216 -21.51 -46.94 36.52
C PHE E 216 -20.77 -47.94 35.62
N TYR E 217 -19.54 -47.58 35.23
CA TYR E 217 -18.70 -48.44 34.41
C TYR E 217 -17.56 -48.95 35.28
N GLY E 218 -17.57 -50.25 35.56
CA GLY E 218 -16.60 -50.87 36.46
C GLY E 218 -15.96 -52.10 35.85
N LEU E 219 -15.82 -53.13 36.67
CA LEU E 219 -15.14 -54.35 36.24
C LEU E 219 -15.99 -55.14 35.27
N SER E 220 -15.32 -55.94 34.43
CA SER E 220 -15.98 -56.87 33.53
C SER E 220 -16.00 -58.26 34.16
N GLU E 221 -16.62 -59.21 33.47
CA GLU E 221 -16.73 -60.56 34.02
C GLU E 221 -15.41 -61.30 34.01
N ASN E 222 -14.48 -60.94 33.12
CA ASN E 222 -13.18 -61.60 33.10
C ASN E 222 -12.36 -61.29 34.34
N ASP E 223 -12.56 -60.12 34.94
CA ASP E 223 -11.81 -59.74 36.13
C ASP E 223 -12.15 -60.65 37.30
N GLU E 224 -11.12 -61.16 37.96
CA GLU E 224 -11.31 -62.03 39.11
C GLU E 224 -11.67 -61.20 40.34
N TRP E 225 -12.51 -61.77 41.19
CA TRP E 225 -12.97 -61.07 42.39
C TRP E 225 -13.15 -62.08 43.51
N THR E 226 -12.60 -61.77 44.69
CA THR E 226 -12.66 -62.67 45.83
C THR E 226 -13.07 -61.96 47.13
N GLN E 227 -13.50 -60.70 47.06
CA GLN E 227 -13.84 -59.98 48.26
C GLN E 227 -15.25 -60.35 48.73
N ASP E 228 -15.54 -60.02 49.99
CA ASP E 228 -16.86 -60.32 50.55
C ASP E 228 -17.92 -59.41 49.95
N ARG E 229 -17.62 -58.13 49.77
CA ARG E 229 -18.58 -57.25 49.12
C ARG E 229 -18.74 -57.65 47.65
N ALA E 230 -19.91 -57.35 47.09
CA ALA E 230 -20.23 -57.76 45.74
C ALA E 230 -19.23 -57.19 44.75
N LYS E 231 -18.97 -57.96 43.70
CA LYS E 231 -18.06 -57.53 42.65
C LYS E 231 -18.55 -56.23 42.02
N PRO E 232 -17.72 -55.18 41.97
CA PRO E 232 -18.18 -53.87 41.45
C PRO E 232 -18.19 -53.82 39.93
N VAL E 233 -19.12 -54.57 39.34
CA VAL E 233 -19.25 -54.65 37.88
C VAL E 233 -19.97 -53.42 37.37
N THR E 234 -19.91 -53.22 36.06
CA THR E 234 -20.73 -52.19 35.41
C THR E 234 -22.20 -52.41 35.75
N GLN E 235 -22.86 -51.36 36.22
CA GLN E 235 -24.21 -51.50 36.75
C GLN E 235 -24.89 -50.15 36.78
N ILE E 236 -26.21 -50.19 36.92
CA ILE E 236 -27.03 -49.00 37.12
C ILE E 236 -27.49 -48.97 38.56
N VAL E 237 -27.35 -47.81 39.21
CA VAL E 237 -27.86 -47.57 40.55
C VAL E 237 -28.81 -46.39 40.48
N SER E 238 -30.02 -46.57 41.01
CA SER E 238 -31.06 -45.55 40.93
C SER E 238 -31.65 -45.28 42.30
N ALA E 239 -32.14 -44.06 42.47
CA ALA E 239 -32.99 -43.68 43.59
C ALA E 239 -34.21 -42.96 43.04
N GLU E 240 -35.33 -43.09 43.74
CA GLU E 240 -36.59 -42.58 43.24
C GLU E 240 -37.32 -41.78 44.32
N ALA E 241 -38.38 -41.10 43.88
CA ALA E 241 -39.26 -40.33 44.76
C ALA E 241 -40.57 -40.11 44.04
N TRP E 242 -41.65 -40.02 44.81
CA TRP E 242 -42.99 -39.86 44.27
C TRP E 242 -43.49 -38.44 44.51
N GLY E 243 -44.45 -38.03 43.67
CA GLY E 243 -45.02 -36.70 43.74
C GLY E 243 -45.62 -36.35 45.08
N ARG E 244 -45.04 -35.34 45.74
CA ARG E 244 -45.54 -34.83 47.02
C ARG E 244 -45.70 -35.94 48.06
N MET F 1 -0.58 -40.63 -27.68
CA MET F 1 0.58 -40.73 -26.79
C MET F 1 1.87 -40.36 -27.52
N ILE F 2 2.59 -39.38 -26.98
CA ILE F 2 3.76 -38.83 -27.64
C ILE F 2 4.99 -39.33 -26.87
N GLN F 3 5.79 -40.17 -27.51
CA GLN F 3 7.08 -40.59 -26.99
C GLN F 3 8.16 -39.75 -27.64
N ARG F 4 9.22 -39.48 -26.87
CA ARG F 4 10.32 -38.64 -27.32
C ARG F 4 11.62 -39.42 -27.20
N THR F 5 12.33 -39.55 -28.33
CA THR F 5 13.58 -40.31 -28.39
C THR F 5 14.71 -39.50 -27.77
N PRO F 6 15.68 -40.17 -27.13
CA PRO F 6 16.71 -39.42 -26.39
C PRO F 6 17.69 -38.72 -27.31
N LYS F 7 18.05 -37.51 -26.94
CA LYS F 7 19.22 -36.83 -27.48
C LYS F 7 20.47 -37.36 -26.77
N ILE F 8 21.52 -37.61 -27.54
CA ILE F 8 22.72 -38.29 -27.05
C ILE F 8 23.93 -37.47 -27.44
N GLN F 9 24.62 -36.89 -26.45
CA GLN F 9 25.79 -36.07 -26.70
C GLN F 9 27.00 -36.64 -25.98
N VAL F 10 28.07 -36.86 -26.73
CA VAL F 10 29.29 -37.49 -26.23
C VAL F 10 30.40 -36.47 -26.36
N TYR F 11 31.09 -36.19 -25.25
CA TYR F 11 32.06 -35.11 -25.20
C TYR F 11 32.98 -35.33 -24.01
N SER F 12 34.16 -34.73 -24.09
CA SER F 12 35.15 -34.86 -23.02
C SER F 12 34.99 -33.72 -22.00
N ARG F 13 35.42 -34.00 -20.76
CA ARG F 13 35.31 -33.00 -19.71
C ARG F 13 36.16 -31.77 -20.03
N HIS F 14 37.41 -31.98 -20.43
CA HIS F 14 38.35 -30.96 -20.84
C HIS F 14 38.63 -31.08 -22.33
N PRO F 15 39.11 -30.02 -22.98
CA PRO F 15 39.57 -30.14 -24.37
C PRO F 15 40.54 -31.30 -24.52
N ALA F 16 40.25 -32.16 -25.50
CA ALA F 16 40.93 -33.44 -25.60
C ALA F 16 42.31 -33.30 -26.23
N GLU F 17 43.21 -34.18 -25.80
CA GLU F 17 44.56 -34.26 -26.34
C GLU F 17 45.06 -35.68 -26.11
N ASN F 18 45.55 -36.32 -27.17
CA ASN F 18 46.01 -37.69 -27.08
C ASN F 18 47.12 -37.80 -26.04
N GLY F 19 47.01 -38.82 -25.19
CA GLY F 19 48.02 -39.08 -24.19
C GLY F 19 47.81 -38.40 -22.85
N LYS F 20 46.80 -37.55 -22.71
CA LYS F 20 46.52 -36.85 -21.47
C LYS F 20 45.21 -37.34 -20.86
N SER F 21 45.26 -37.68 -19.57
CA SER F 21 44.08 -38.18 -18.87
C SER F 21 42.94 -37.17 -18.91
N ASN F 22 41.71 -37.70 -18.95
CA ASN F 22 40.51 -36.90 -19.17
C ASN F 22 39.32 -37.71 -18.69
N PHE F 23 38.11 -37.19 -18.94
CA PHE F 23 36.87 -37.89 -18.64
C PHE F 23 35.96 -37.81 -19.85
N LEU F 24 35.35 -38.94 -20.22
CA LEU F 24 34.42 -39.01 -21.34
C LEU F 24 33.00 -38.97 -20.79
N ASN F 25 32.21 -38.01 -21.27
CA ASN F 25 30.83 -37.84 -20.83
C ASN F 25 29.86 -38.33 -21.90
N CYS F 26 28.76 -38.93 -21.46
CA CYS F 26 27.63 -39.19 -22.33
C CYS F 26 26.38 -38.62 -21.66
N TYR F 27 25.80 -37.58 -22.24
CA TYR F 27 24.66 -36.86 -21.67
C TYR F 27 23.43 -37.22 -22.49
N VAL F 28 22.50 -37.94 -21.87
CA VAL F 28 21.32 -38.45 -22.56
C VAL F 28 20.12 -37.69 -22.00
N SER F 29 19.40 -36.99 -22.88
CA SER F 29 18.42 -36.03 -22.42
C SER F 29 17.22 -36.00 -23.34
N GLY F 30 16.14 -35.39 -22.84
CA GLY F 30 14.97 -35.11 -23.65
C GLY F 30 14.10 -36.29 -23.97
N PHE F 31 14.26 -37.40 -23.26
CA PHE F 31 13.49 -38.60 -23.60
C PHE F 31 12.30 -38.78 -22.66
N HIS F 32 11.32 -39.54 -23.15
CA HIS F 32 10.11 -39.90 -22.44
C HIS F 32 9.48 -41.09 -23.16
N PRO F 33 9.08 -42.16 -22.45
CA PRO F 33 9.11 -42.38 -20.99
C PRO F 33 10.51 -42.60 -20.41
N SER F 34 10.58 -42.93 -19.12
CA SER F 34 11.82 -42.83 -18.35
C SER F 34 12.74 -44.04 -18.47
N ASP F 35 12.22 -45.21 -18.84
CA ASP F 35 13.06 -46.40 -18.89
C ASP F 35 14.09 -46.26 -20.01
N ILE F 36 15.37 -46.50 -19.67
CA ILE F 36 16.45 -46.27 -20.62
C ILE F 36 17.65 -47.09 -20.17
N GLU F 37 18.49 -47.46 -21.13
CA GLU F 37 19.71 -48.21 -20.87
C GLU F 37 20.87 -47.51 -21.57
N VAL F 38 21.95 -47.25 -20.84
CA VAL F 38 23.10 -46.54 -21.37
C VAL F 38 24.37 -47.30 -21.03
N ASP F 39 25.29 -47.39 -21.98
CA ASP F 39 26.59 -47.98 -21.76
C ASP F 39 27.63 -47.20 -22.55
N LEU F 40 28.83 -47.08 -21.98
CA LEU F 40 29.97 -46.50 -22.68
C LEU F 40 30.83 -47.61 -23.26
N LEU F 41 31.33 -47.39 -24.47
CA LEU F 41 32.04 -48.40 -25.24
C LEU F 41 33.44 -47.90 -25.61
N LYS F 42 34.42 -48.79 -25.48
CA LYS F 42 35.77 -48.56 -25.99
C LYS F 42 36.06 -49.63 -27.04
N ASN F 43 36.21 -49.21 -28.29
CA ASN F 43 36.45 -50.12 -29.42
C ASN F 43 35.39 -51.21 -29.49
N GLY F 44 34.13 -50.83 -29.24
CA GLY F 44 33.02 -51.74 -29.36
C GLY F 44 32.64 -52.50 -28.09
N GLU F 45 33.54 -52.59 -27.11
CA GLU F 45 33.31 -53.37 -25.91
C GLU F 45 32.87 -52.45 -24.76
N ARG F 46 32.01 -52.99 -23.90
CA ARG F 46 31.46 -52.21 -22.80
C ARG F 46 32.54 -51.89 -21.78
N ILE F 47 32.49 -50.67 -21.24
CA ILE F 47 33.43 -50.25 -20.20
C ILE F 47 32.82 -50.56 -18.84
N GLU F 48 33.64 -51.12 -17.95
CA GLU F 48 33.13 -51.61 -16.67
C GLU F 48 33.01 -50.50 -15.63
N LYS F 49 34.05 -49.68 -15.49
CA LYS F 49 34.08 -48.63 -14.48
C LYS F 49 33.45 -47.38 -15.06
N VAL F 50 32.13 -47.27 -14.94
CA VAL F 50 31.37 -46.15 -15.47
C VAL F 50 30.49 -45.56 -14.38
N GLU F 51 30.61 -44.27 -14.14
CA GLU F 51 29.76 -43.56 -13.19
CA GLU F 51 29.76 -43.56 -13.19
C GLU F 51 28.56 -42.95 -13.91
N HIS F 52 27.49 -42.74 -13.16
CA HIS F 52 26.32 -42.10 -13.74
C HIS F 52 25.46 -41.46 -12.65
N SER F 53 24.79 -40.38 -13.02
CA SER F 53 23.87 -39.70 -12.12
C SER F 53 22.55 -40.48 -12.05
N ASP F 54 21.72 -40.09 -11.09
CA ASP F 54 20.37 -40.64 -11.05
C ASP F 54 19.51 -40.00 -12.13
N LEU F 55 18.41 -40.66 -12.46
CA LEU F 55 17.44 -40.10 -13.38
C LEU F 55 17.02 -38.71 -12.92
N SER F 56 17.05 -37.75 -13.84
CA SER F 56 16.78 -36.36 -13.52
C SER F 56 15.58 -35.86 -14.32
N PHE F 57 14.97 -34.79 -13.83
CA PHE F 57 13.66 -34.32 -14.31
C PHE F 57 13.78 -32.92 -14.88
N SER F 58 13.29 -32.74 -16.10
CA SER F 58 13.20 -31.43 -16.74
C SER F 58 11.80 -30.86 -16.60
N LYS F 59 11.71 -29.53 -16.66
CA LYS F 59 10.41 -28.89 -16.54
C LYS F 59 9.50 -29.16 -17.74
N ASP F 60 10.04 -29.62 -18.87
CA ASP F 60 9.20 -30.00 -20.00
C ASP F 60 8.72 -31.45 -19.91
N TRP F 61 8.91 -32.10 -18.76
CA TRP F 61 8.46 -33.44 -18.38
C TRP F 61 9.33 -34.56 -18.96
N SER F 62 10.37 -34.23 -19.73
CA SER F 62 11.30 -35.24 -20.17
C SER F 62 12.35 -35.49 -19.07
N PHE F 63 13.27 -36.41 -19.34
CA PHE F 63 14.28 -36.82 -18.36
C PHE F 63 15.66 -36.71 -18.98
N TYR F 64 16.68 -36.67 -18.12
CA TYR F 64 18.05 -36.62 -18.61
C TYR F 64 18.96 -37.40 -17.66
N LEU F 65 20.14 -37.74 -18.18
CA LEU F 65 21.09 -38.59 -17.48
CA LEU F 65 21.09 -38.63 -17.52
C LEU F 65 22.50 -38.25 -17.94
N LEU F 66 23.46 -38.42 -17.02
CA LEU F 66 24.88 -38.23 -17.34
C LEU F 66 25.66 -39.48 -16.98
N TYR F 67 26.30 -40.09 -17.97
CA TYR F 67 27.23 -41.20 -17.76
C TYR F 67 28.64 -40.72 -18.09
N TYR F 68 29.62 -41.14 -17.31
CA TYR F 68 30.99 -40.73 -17.58
C TYR F 68 31.98 -41.76 -17.05
N THR F 69 33.19 -41.72 -17.60
CA THR F 69 34.27 -42.60 -17.18
C THR F 69 35.60 -41.90 -17.43
N GLU F 70 36.58 -42.22 -16.59
CA GLU F 70 37.92 -41.68 -16.77
C GLU F 70 38.61 -42.41 -17.92
N PHE F 71 39.30 -41.65 -18.76
CA PHE F 71 39.95 -42.27 -19.92
C PHE F 71 41.10 -41.39 -20.39
N THR F 72 41.97 -41.99 -21.19
CA THR F 72 43.07 -41.29 -21.85
C THR F 72 42.91 -41.45 -23.35
N PRO F 73 42.54 -40.40 -24.09
CA PRO F 73 42.31 -40.57 -25.52
C PRO F 73 43.59 -40.89 -26.27
N THR F 74 43.49 -41.80 -27.23
CA THR F 74 44.58 -42.11 -28.13
C THR F 74 44.06 -42.04 -29.56
N GLU F 75 44.99 -41.95 -30.52
CA GLU F 75 44.59 -41.92 -31.92
C GLU F 75 43.97 -43.23 -32.39
N LYS F 76 44.22 -44.34 -31.69
CA LYS F 76 43.76 -45.65 -32.13
C LYS F 76 42.47 -46.10 -31.47
N ASP F 77 42.09 -45.52 -30.33
CA ASP F 77 40.93 -45.98 -29.58
C ASP F 77 39.68 -45.24 -30.02
N GLU F 78 38.61 -45.99 -30.28
CA GLU F 78 37.31 -45.43 -30.62
C GLU F 78 36.38 -45.56 -29.42
N TYR F 79 35.76 -44.45 -29.02
CA TYR F 79 34.82 -44.45 -27.91
C TYR F 79 33.44 -44.08 -28.41
N ALA F 80 32.42 -44.63 -27.74
CA ALA F 80 31.04 -44.39 -28.15
C ALA F 80 30.13 -44.55 -26.94
N CYS F 81 28.89 -44.10 -27.11
CA CYS F 81 27.84 -44.24 -26.12
C CYS F 81 26.70 -45.03 -26.76
N ARG F 82 26.26 -46.10 -26.09
CA ARG F 82 25.22 -46.99 -26.60
C ARG F 82 23.98 -46.87 -25.74
N VAL F 83 22.86 -46.53 -26.36
CA VAL F 83 21.63 -46.19 -25.65
C VAL F 83 20.48 -47.00 -26.22
N ASN F 84 19.63 -47.54 -25.35
CA ASN F 84 18.40 -48.18 -25.77
C ASN F 84 17.22 -47.51 -25.08
N HIS F 85 16.12 -47.37 -25.82
CA HIS F 85 14.93 -46.69 -25.36
C HIS F 85 13.75 -47.27 -26.12
N VAL F 86 12.55 -47.11 -25.57
CA VAL F 86 11.37 -47.71 -26.21
C VAL F 86 11.16 -47.15 -27.61
N THR F 87 11.63 -45.93 -27.88
CA THR F 87 11.51 -45.34 -29.20
C THR F 87 12.48 -45.93 -30.21
N LEU F 88 13.40 -46.78 -29.78
CA LEU F 88 14.44 -47.33 -30.64
C LEU F 88 14.17 -48.81 -30.86
N SER F 89 14.25 -49.24 -32.12
CA SER F 89 14.10 -50.67 -32.43
C SER F 89 15.33 -51.46 -32.02
N GLN F 90 16.50 -50.84 -32.10
CA GLN F 90 17.77 -51.46 -31.73
CA GLN F 90 17.76 -51.46 -31.72
C GLN F 90 18.57 -50.42 -30.95
N PRO F 91 19.54 -50.87 -30.15
CA PRO F 91 20.39 -49.91 -29.44
C PRO F 91 21.10 -48.99 -30.43
N LYS F 92 21.15 -47.71 -30.08
CA LYS F 92 21.82 -46.70 -30.90
C LYS F 92 23.22 -46.46 -30.36
N ILE F 93 24.21 -46.53 -31.23
CA ILE F 93 25.61 -46.36 -30.87
C ILE F 93 26.08 -45.03 -31.43
N VAL F 94 26.44 -44.11 -30.53
CA VAL F 94 26.82 -42.75 -30.89
C VAL F 94 28.33 -42.60 -30.63
N LYS F 95 29.10 -42.42 -31.70
CA LYS F 95 30.55 -42.31 -31.58
C LYS F 95 30.96 -40.94 -31.05
N TRP F 96 32.01 -40.93 -30.22
CA TRP F 96 32.63 -39.68 -29.82
C TRP F 96 33.33 -39.06 -31.02
N ASP F 97 33.13 -37.75 -31.21
CA ASP F 97 33.71 -37.06 -32.35
C ASP F 97 35.15 -36.61 -32.11
N ARG F 98 35.80 -37.12 -31.05
CA ARG F 98 37.20 -36.83 -30.75
C ARG F 98 37.46 -35.33 -30.58
N ASP F 99 36.47 -34.63 -30.01
CA ASP F 99 36.56 -33.20 -29.72
C ASP F 99 36.83 -32.40 -31.00
N MET F 100 36.26 -32.85 -32.11
CA MET F 100 36.42 -32.17 -33.39
C MET F 100 35.84 -30.77 -33.37
N GLN G 3 -14.63 33.86 -13.99
CA GLN G 3 -13.32 33.56 -14.56
C GLN G 3 -13.26 32.17 -15.17
N ASN G 4 -12.72 32.04 -16.37
CA ASN G 4 -12.57 30.74 -16.98
C ASN G 4 -11.44 30.76 -17.99
N ILE G 5 -10.83 29.59 -18.18
CA ILE G 5 -9.76 29.35 -19.15
C ILE G 5 -10.28 28.29 -20.11
N ASP G 6 -9.95 28.45 -21.39
CA ASP G 6 -10.44 27.52 -22.40
C ASP G 6 -9.32 27.10 -23.34
N GLN G 7 -9.15 25.79 -23.50
CA GLN G 7 -8.22 25.23 -24.47
C GLN G 7 -8.84 23.96 -25.04
N PRO G 8 -8.48 23.59 -26.26
CA PRO G 8 -9.06 22.38 -26.84
C PRO G 8 -8.71 21.15 -26.02
N THR G 9 -9.61 20.17 -26.05
CA THR G 9 -9.42 18.96 -25.27
C THR G 9 -8.27 18.12 -25.80
N GLU G 10 -8.23 17.91 -27.12
CA GLU G 10 -7.26 17.04 -27.76
CA GLU G 10 -7.24 17.06 -27.74
C GLU G 10 -6.86 17.63 -29.10
N MET G 11 -5.61 17.38 -29.49
CA MET G 11 -5.12 17.75 -30.82
C MET G 11 -4.24 16.62 -31.33
N THR G 12 -4.31 16.37 -32.65
CA THR G 12 -3.52 15.32 -33.28
C THR G 12 -2.79 15.89 -34.47
N ALA G 13 -1.47 15.68 -34.51
CA ALA G 13 -0.64 16.13 -35.61
C ALA G 13 0.38 15.06 -35.93
N THR G 14 1.07 15.21 -37.04
CA THR G 14 2.02 14.22 -37.50
C THR G 14 3.44 14.63 -37.16
N GLU G 15 4.30 13.62 -36.99
CA GLU G 15 5.70 13.84 -36.65
C GLU G 15 6.36 14.75 -37.68
N GLY G 16 7.13 15.72 -37.19
CA GLY G 16 7.85 16.65 -38.04
C GLY G 16 7.08 17.89 -38.42
N ALA G 17 5.79 17.95 -38.10
CA ALA G 17 4.96 19.07 -38.51
C ALA G 17 4.96 20.14 -37.42
N ILE G 18 4.06 21.13 -37.55
CA ILE G 18 3.93 22.22 -36.60
C ILE G 18 2.53 22.21 -36.03
N VAL G 19 2.40 22.50 -34.73
CA VAL G 19 1.10 22.51 -34.08
C VAL G 19 1.00 23.75 -33.18
N GLN G 20 -0.18 24.34 -33.12
CA GLN G 20 -0.45 25.54 -32.35
C GLN G 20 -1.59 25.25 -31.38
N ILE G 21 -1.29 25.31 -30.08
CA ILE G 21 -2.25 25.01 -29.03
C ILE G 21 -2.77 26.32 -28.46
N ASN G 22 -4.08 26.56 -28.60
CA ASN G 22 -4.67 27.83 -28.22
C ASN G 22 -5.17 27.81 -26.78
N CYS G 23 -5.16 28.99 -26.17
CA CYS G 23 -5.66 29.18 -24.81
C CYS G 23 -6.30 30.56 -24.74
N THR G 24 -7.60 30.63 -24.48
CA THR G 24 -8.28 31.91 -24.27
C THR G 24 -8.73 32.02 -22.82
N TYR G 25 -8.65 33.23 -22.27
CA TYR G 25 -8.99 33.44 -20.87
C TYR G 25 -9.87 34.66 -20.71
N GLN G 26 -10.78 34.58 -19.73
CA GLN G 26 -11.54 35.73 -19.23
C GLN G 26 -11.33 35.75 -17.73
N THR G 27 -10.59 36.73 -17.23
CA THR G 27 -10.19 36.73 -15.83
C THR G 27 -10.39 38.11 -15.23
N SER G 28 -10.41 38.15 -13.89
CA SER G 28 -10.47 39.40 -13.14
C SER G 28 -9.05 39.90 -12.99
N GLY G 29 -8.61 40.73 -13.93
CA GLY G 29 -7.24 41.19 -13.98
C GLY G 29 -6.31 40.15 -14.60
N PHE G 30 -5.06 40.55 -14.79
CA PHE G 30 -4.10 39.71 -15.49
C PHE G 30 -2.70 40.00 -14.99
N ASN G 31 -2.01 38.96 -14.50
CA ASN G 31 -0.63 39.08 -14.02
C ASN G 31 0.29 38.06 -14.69
N GLY G 32 -0.12 37.50 -15.83
CA GLY G 32 0.73 36.60 -16.58
C GLY G 32 0.07 35.28 -16.92
N LEU G 33 0.53 34.68 -18.01
CA LEU G 33 0.01 33.40 -18.49
C LEU G 33 1.16 32.41 -18.52
N PHE G 34 0.91 31.20 -18.01
CA PHE G 34 1.91 30.14 -17.94
C PHE G 34 1.50 28.98 -18.84
N TRP G 35 2.48 28.35 -19.46
CA TRP G 35 2.31 27.05 -20.10
C TRP G 35 3.14 26.02 -19.37
N TYR G 36 2.53 24.86 -19.10
CA TYR G 36 3.19 23.71 -18.48
C TYR G 36 3.02 22.50 -19.37
N GLN G 37 4.00 21.61 -19.35
CA GLN G 37 3.94 20.32 -20.04
C GLN G 37 3.78 19.23 -19.00
N GLN G 38 2.87 18.29 -19.27
CA GLN G 38 2.64 17.16 -18.36
C GLN G 38 2.56 15.88 -19.17
N HIS G 39 3.62 15.07 -19.11
CA HIS G 39 3.55 13.73 -19.67
C HIS G 39 2.61 12.86 -18.83
N ALA G 40 2.00 11.88 -19.48
CA ALA G 40 1.05 11.00 -18.80
C ALA G 40 1.68 10.32 -17.59
N GLY G 41 1.02 10.43 -16.45
CA GLY G 41 1.51 9.87 -15.20
C GLY G 41 2.66 10.60 -14.55
N GLU G 42 3.01 11.80 -15.01
CA GLU G 42 4.17 12.50 -14.49
C GLU G 42 3.77 13.90 -14.05
N ALA G 43 4.73 14.62 -13.46
CA ALA G 43 4.51 15.95 -12.93
C ALA G 43 4.48 16.99 -14.05
N PRO G 44 3.62 17.99 -13.95
CA PRO G 44 3.73 19.14 -14.86
C PRO G 44 5.06 19.86 -14.65
N THR G 45 5.65 20.32 -15.74
CA THR G 45 6.88 21.09 -15.69
C THR G 45 6.69 22.40 -16.45
N PHE G 46 7.33 23.44 -15.94
CA PHE G 46 7.17 24.78 -16.50
C PHE G 46 7.76 24.87 -17.90
N LEU G 47 6.99 25.45 -18.82
CA LEU G 47 7.46 25.71 -20.17
C LEU G 47 7.72 27.18 -20.45
N SER G 48 6.78 28.07 -20.12
CA SER G 48 6.90 29.45 -20.56
C SER G 48 6.01 30.37 -19.74
N TYR G 49 6.35 31.65 -19.78
CA TYR G 49 5.61 32.70 -19.11
C TYR G 49 5.53 33.91 -20.04
N ASN G 50 4.33 34.42 -20.23
CA ASN G 50 4.11 35.64 -21.01
C ASN G 50 3.25 36.59 -20.19
N VAL G 51 3.66 37.86 -20.13
CA VAL G 51 2.84 38.90 -19.50
C VAL G 51 2.67 40.14 -20.36
N LEU G 52 3.59 40.44 -21.29
CA LEU G 52 3.42 41.49 -22.29
C LEU G 52 3.09 40.87 -23.64
N ASP G 53 2.62 41.71 -24.56
CA ASP G 53 2.22 41.21 -25.88
C ASP G 53 3.43 40.80 -26.71
N GLY G 54 3.27 39.75 -27.51
CA GLY G 54 4.29 39.36 -28.47
C GLY G 54 4.63 37.89 -28.37
N LEU G 55 5.73 37.52 -29.02
CA LEU G 55 6.13 36.13 -29.20
C LEU G 55 7.51 35.93 -28.58
N GLU G 56 7.63 34.89 -27.76
CA GLU G 56 8.89 34.54 -27.13
C GLU G 56 9.25 33.10 -27.51
N GLU G 57 10.48 32.90 -27.99
CA GLU G 57 10.93 31.60 -28.45
C GLU G 57 11.80 30.92 -27.39
N LYS G 58 11.66 29.61 -27.28
CA LYS G 58 12.52 28.79 -26.41
C LYS G 58 12.73 27.45 -27.12
N GLY G 59 13.80 27.35 -27.89
CA GLY G 59 14.07 26.13 -28.63
C GLY G 59 13.01 25.91 -29.69
N ARG G 60 12.50 24.67 -29.76
CA ARG G 60 11.41 24.36 -30.69
C ARG G 60 10.09 24.94 -30.25
N PHE G 61 9.97 25.40 -29.01
CA PHE G 61 8.71 25.91 -28.48
C PHE G 61 8.73 27.43 -28.45
N SER G 62 7.62 28.03 -28.87
CA SER G 62 7.44 29.46 -28.77
CA SER G 62 7.43 29.47 -28.80
C SER G 62 6.04 29.73 -28.24
N SER G 63 5.92 30.80 -27.45
CA SER G 63 4.66 31.18 -26.84
CA SER G 63 4.67 31.19 -26.82
C SER G 63 4.32 32.62 -27.18
N PHE G 64 3.06 32.84 -27.53
CA PHE G 64 2.55 34.14 -27.96
C PHE G 64 1.46 34.61 -27.00
N LEU G 65 1.34 35.93 -26.84
CA LEU G 65 0.31 36.49 -25.97
C LEU G 65 -0.25 37.77 -26.58
N SER G 66 -1.57 37.89 -26.54
CA SER G 66 -2.27 39.15 -26.82
C SER G 66 -3.18 39.44 -25.65
N ARG G 67 -2.84 40.46 -24.86
CA ARG G 67 -3.67 40.80 -23.70
C ARG G 67 -5.04 41.31 -24.12
N SER G 68 -5.09 42.10 -25.20
CA SER G 68 -6.37 42.70 -25.62
C SER G 68 -7.36 41.64 -26.08
N LYS G 69 -6.88 40.62 -26.80
CA LYS G 69 -7.74 39.52 -27.21
C LYS G 69 -7.90 38.46 -26.12
N GLY G 70 -7.15 38.56 -25.04
CA GLY G 70 -7.20 37.54 -24.00
C GLY G 70 -6.95 36.15 -24.54
N TYR G 71 -5.82 35.97 -25.24
CA TYR G 71 -5.55 34.71 -25.91
CA TYR G 71 -5.54 34.66 -25.77
C TYR G 71 -4.04 34.51 -26.00
N SER G 72 -3.62 33.25 -25.92
CA SER G 72 -2.23 32.86 -26.06
C SER G 72 -2.17 31.54 -26.83
N TYR G 73 -1.07 31.32 -27.52
CA TYR G 73 -0.83 30.01 -28.11
C TYR G 73 0.59 29.56 -27.81
N LEU G 74 0.71 28.24 -27.64
CA LEU G 74 1.98 27.55 -27.55
C LEU G 74 2.22 26.88 -28.90
N LEU G 75 3.35 27.20 -29.53
CA LEU G 75 3.67 26.73 -30.88
C LEU G 75 4.81 25.72 -30.79
N LEU G 76 4.57 24.50 -31.25
CA LEU G 76 5.58 23.46 -31.27
C LEU G 76 5.96 23.17 -32.72
N LYS G 77 7.24 23.35 -33.04
CA LYS G 77 7.75 23.10 -34.38
C LYS G 77 8.52 21.79 -34.44
N GLU G 78 8.59 21.20 -35.63
CA GLU G 78 9.36 19.99 -35.88
C GLU G 78 9.03 18.90 -34.85
N LEU G 79 7.76 18.52 -34.83
CA LEU G 79 7.23 17.68 -33.77
C LEU G 79 7.94 16.34 -33.72
N GLN G 80 8.20 15.89 -32.49
CA GLN G 80 8.80 14.59 -32.21
C GLN G 80 7.84 13.79 -31.34
N MET G 81 8.04 12.47 -31.30
CA MET G 81 7.18 11.62 -30.48
C MET G 81 7.23 12.01 -29.01
N LYS G 82 8.38 12.46 -28.52
CA LYS G 82 8.48 12.83 -27.11
C LYS G 82 7.66 14.06 -26.76
N ASP G 83 7.13 14.78 -27.75
CA ASP G 83 6.23 15.90 -27.48
C ASP G 83 4.82 15.44 -27.10
N SER G 84 4.53 14.14 -27.24
CA SER G 84 3.22 13.62 -26.84
C SER G 84 3.02 13.81 -25.36
N ALA G 85 2.05 14.64 -24.98
CA ALA G 85 1.81 15.02 -23.60
C ALA G 85 0.58 15.90 -23.51
N SER G 86 0.17 16.24 -22.30
CA SER G 86 -0.86 17.25 -22.09
CA SER G 86 -0.85 17.25 -22.08
C SER G 86 -0.18 18.59 -21.82
N TYR G 87 -0.73 19.64 -22.40
CA TYR G 87 -0.19 20.99 -22.27
C TYR G 87 -1.22 21.85 -21.54
N LEU G 88 -0.82 22.39 -20.39
CA LEU G 88 -1.71 23.10 -19.48
C LEU G 88 -1.41 24.59 -19.55
N CYS G 89 -2.47 25.38 -19.68
N CYS G 89 -2.44 25.42 -19.75
CA CYS G 89 -2.39 26.83 -19.66
CA CYS G 89 -2.27 26.85 -19.66
C CYS G 89 -2.93 27.34 -18.33
C CYS G 89 -2.92 27.36 -18.38
N ALA G 90 -2.29 28.36 -17.77
CA ALA G 90 -2.73 28.90 -16.50
C ALA G 90 -2.47 30.40 -16.45
N VAL G 91 -3.44 31.14 -15.92
CA VAL G 91 -3.40 32.60 -15.87
C VAL G 91 -3.43 33.05 -14.42
N LYS G 92 -2.60 34.04 -14.10
CA LYS G 92 -2.61 34.66 -12.78
C LYS G 92 -3.52 35.89 -12.82
N ASP G 93 -4.50 35.93 -11.94
CA ASP G 93 -5.49 37.01 -11.96
C ASP G 93 -5.00 38.17 -11.09
N SER G 94 -5.88 39.15 -10.84
CA SER G 94 -5.49 40.35 -10.10
CA SER G 94 -5.48 40.35 -10.10
C SER G 94 -5.09 40.05 -8.66
N ASN G 95 -5.56 38.93 -8.10
CA ASN G 95 -5.23 38.55 -6.74
C ASN G 95 -4.13 37.48 -6.69
N TYR G 96 -3.40 37.31 -7.79
CA TYR G 96 -2.26 36.40 -7.87
C TYR G 96 -2.70 34.95 -7.65
N GLN G 97 -3.93 34.64 -8.01
CA GLN G 97 -4.42 33.27 -8.00
C GLN G 97 -4.32 32.69 -9.40
N LEU G 98 -3.85 31.45 -9.47
CA LEU G 98 -3.72 30.75 -10.75
C LEU G 98 -5.04 30.10 -11.14
N ILE G 99 -5.53 30.43 -12.33
CA ILE G 99 -6.68 29.78 -12.92
C ILE G 99 -6.17 28.83 -13.99
N TRP G 100 -6.40 27.53 -13.81
CA TRP G 100 -5.83 26.49 -14.66
C TRP G 100 -6.82 26.08 -15.75
N GLY G 101 -6.35 26.04 -16.99
CA GLY G 101 -7.10 25.40 -18.05
C GLY G 101 -7.13 23.89 -17.89
N ALA G 102 -8.07 23.27 -18.58
CA ALA G 102 -8.24 21.82 -18.47
C ALA G 102 -7.15 21.04 -19.18
N GLY G 103 -6.32 21.68 -19.97
CA GLY G 103 -5.22 20.97 -20.61
C GLY G 103 -5.60 20.43 -21.98
N THR G 104 -4.61 20.46 -22.88
CA THR G 104 -4.76 19.92 -24.22
C THR G 104 -3.88 18.69 -24.37
N LYS G 105 -4.48 17.55 -24.67
CA LYS G 105 -3.73 16.34 -24.96
C LYS G 105 -3.24 16.37 -26.41
N LEU G 106 -1.93 16.39 -26.60
CA LEU G 106 -1.33 16.38 -27.93
C LEU G 106 -0.94 14.96 -28.29
N ILE G 107 -1.49 14.46 -29.39
CA ILE G 107 -1.19 13.13 -29.90
C ILE G 107 -0.38 13.30 -31.19
N ILE G 108 0.71 12.54 -31.30
CA ILE G 108 1.63 12.66 -32.43
C ILE G 108 1.60 11.35 -33.22
N LYS G 109 1.29 11.45 -34.51
CA LYS G 109 1.31 10.30 -35.38
CA LYS G 109 1.31 10.30 -35.38
C LYS G 109 2.70 10.09 -35.94
N PRO G 110 3.34 8.94 -35.72
CA PRO G 110 4.68 8.72 -36.26
C PRO G 110 4.65 8.65 -37.78
N ASP G 111 5.75 9.05 -38.38
CA ASP G 111 5.93 8.91 -39.82
C ASP G 111 6.45 7.50 -40.11
N ILE G 112 5.55 6.61 -40.52
CA ILE G 112 5.92 5.23 -40.82
C ILE G 112 6.51 5.18 -42.23
N GLN G 113 7.81 4.87 -42.31
CA GLN G 113 8.51 4.94 -43.60
C GLN G 113 8.16 3.77 -44.51
N ASN G 114 8.10 2.55 -43.97
CA ASN G 114 7.85 1.35 -44.76
C ASN G 114 6.72 0.55 -44.13
N PRO G 115 5.47 0.91 -44.42
CA PRO G 115 4.34 0.17 -43.83
C PRO G 115 4.30 -1.27 -44.30
N ASP G 116 4.05 -2.18 -43.37
CA ASP G 116 3.97 -3.61 -43.65
C ASP G 116 2.83 -4.22 -42.84
N PRO G 117 1.60 -3.72 -43.03
CA PRO G 117 0.50 -4.11 -42.14
C PRO G 117 0.28 -5.63 -42.14
N ALA G 118 0.14 -6.18 -40.94
CA ALA G 118 0.02 -7.62 -40.77
C ALA G 118 -0.68 -7.90 -39.46
N VAL G 119 -1.31 -9.06 -39.41
CA VAL G 119 -2.02 -9.53 -38.22
C VAL G 119 -1.43 -10.91 -37.88
N TYR G 120 -0.74 -10.99 -36.75
CA TYR G 120 -0.03 -12.21 -36.37
C TYR G 120 -0.69 -12.84 -35.15
N GLN G 121 -0.59 -14.16 -35.09
CA GLN G 121 -1.05 -14.95 -33.96
C GLN G 121 0.14 -15.25 -33.07
N LEU G 122 0.12 -14.76 -31.84
CA LEU G 122 1.22 -15.07 -30.96
C LEU G 122 1.08 -16.49 -30.42
N ARG G 123 2.17 -17.00 -29.87
CA ARG G 123 2.17 -18.33 -29.32
CA ARG G 123 2.16 -18.34 -29.31
C ARG G 123 1.37 -18.37 -28.01
N ASP G 124 0.55 -19.40 -27.84
CA ASP G 124 -0.18 -19.59 -26.60
C ASP G 124 0.78 -19.72 -25.43
N SER G 125 0.31 -19.32 -24.25
CA SER G 125 1.01 -19.55 -23.00
C SER G 125 0.37 -20.72 -22.26
N LYS G 126 1.19 -21.60 -21.70
CA LYS G 126 0.64 -22.76 -20.99
C LYS G 126 -0.07 -22.34 -19.71
N SER G 127 0.18 -21.13 -19.21
CA SER G 127 -0.46 -20.64 -18.00
C SER G 127 -1.68 -19.78 -18.28
N SER G 128 -2.15 -19.72 -19.52
CA SER G 128 -3.27 -18.85 -19.87
C SER G 128 -4.19 -19.52 -20.86
N ASP G 129 -5.50 -19.31 -20.71
CA ASP G 129 -6.48 -19.81 -21.65
C ASP G 129 -6.73 -18.84 -22.81
N LYS G 130 -5.96 -17.76 -22.90
CA LYS G 130 -6.23 -16.73 -23.89
C LYS G 130 -5.50 -17.00 -25.20
N SER G 131 -6.13 -16.61 -26.29
CA SER G 131 -5.48 -16.51 -27.59
CA SER G 131 -5.48 -16.51 -27.59
C SER G 131 -5.21 -15.04 -27.87
N VAL G 132 -3.99 -14.72 -28.32
CA VAL G 132 -3.54 -13.35 -28.46
C VAL G 132 -3.18 -13.07 -29.91
N CYS G 133 -3.66 -11.94 -30.41
CA CYS G 133 -3.46 -11.52 -31.80
CA CYS G 133 -3.44 -11.53 -31.79
CA CYS G 133 -3.46 -11.52 -31.78
C CYS G 133 -2.85 -10.13 -31.82
N LEU G 134 -1.88 -9.92 -32.72
CA LEU G 134 -1.17 -8.65 -32.82
C LEU G 134 -1.33 -8.07 -34.22
N PHE G 135 -1.97 -6.91 -34.31
CA PHE G 135 -2.03 -6.11 -35.52
C PHE G 135 -0.89 -5.11 -35.47
N THR G 136 -0.01 -5.12 -36.46
CA THR G 136 1.19 -4.31 -36.32
C THR G 136 1.69 -3.82 -37.68
N ASP G 137 2.55 -2.79 -37.61
CA ASP G 137 3.31 -2.26 -38.75
C ASP G 137 2.44 -1.52 -39.76
N PHE G 138 1.27 -1.06 -39.35
CA PHE G 138 0.40 -0.30 -40.23
C PHE G 138 0.74 1.19 -40.16
N ASP G 139 0.28 1.92 -41.17
CA ASP G 139 0.46 3.35 -41.26
C ASP G 139 -0.35 4.06 -40.18
N SER G 140 0.08 5.28 -39.83
CA SER G 140 -0.55 6.02 -38.75
C SER G 140 -1.96 6.50 -39.08
N GLN G 141 -2.35 6.49 -40.36
CA GLN G 141 -3.72 6.88 -40.69
C GLN G 141 -4.74 5.85 -40.26
N THR G 142 -4.31 4.59 -40.05
CA THR G 142 -5.22 3.54 -39.63
C THR G 142 -5.68 3.76 -38.20
N ASN G 143 -6.98 3.59 -37.96
CA ASN G 143 -7.58 3.66 -36.64
C ASN G 143 -8.00 2.27 -36.20
N VAL G 144 -7.83 1.99 -34.91
CA VAL G 144 -8.17 0.69 -34.34
C VAL G 144 -9.44 0.86 -33.50
N SER G 145 -10.50 0.17 -33.91
CA SER G 145 -11.78 0.28 -33.22
C SER G 145 -11.86 -0.72 -32.08
N GLN G 146 -12.58 -0.33 -31.03
CA GLN G 146 -12.82 -1.21 -29.90
C GLN G 146 -13.65 -2.42 -30.34
N SER G 147 -13.64 -3.44 -29.50
CA SER G 147 -14.36 -4.66 -29.82
CA SER G 147 -14.36 -4.66 -29.82
C SER G 147 -15.87 -4.45 -29.64
N LYS G 148 -16.64 -5.07 -30.51
CA LYS G 148 -18.09 -5.13 -30.37
C LYS G 148 -18.56 -6.45 -29.80
N ASP G 149 -17.65 -7.36 -29.49
CA ASP G 149 -17.93 -8.61 -28.80
C ASP G 149 -17.50 -8.47 -27.35
N SER G 150 -18.43 -8.78 -26.43
CA SER G 150 -18.17 -8.56 -25.01
C SER G 150 -17.04 -9.44 -24.47
N ASP G 151 -16.74 -10.55 -25.12
CA ASP G 151 -15.67 -11.44 -24.66
C ASP G 151 -14.39 -11.30 -25.49
N VAL G 152 -14.29 -10.26 -26.31
CA VAL G 152 -13.07 -9.94 -27.05
C VAL G 152 -12.56 -8.60 -26.55
N TYR G 153 -11.25 -8.52 -26.29
CA TYR G 153 -10.62 -7.33 -25.75
C TYR G 153 -9.61 -6.82 -26.76
N ILE G 154 -9.70 -5.53 -27.10
CA ILE G 154 -8.86 -4.91 -28.12
C ILE G 154 -8.32 -3.60 -27.56
N THR G 155 -7.01 -3.45 -27.53
CA THR G 155 -6.40 -2.23 -27.04
C THR G 155 -6.15 -1.26 -28.19
N ASP G 156 -6.02 0.01 -27.85
CA ASP G 156 -5.75 1.03 -28.84
C ASP G 156 -4.31 0.89 -29.36
N LYS G 157 -4.02 1.59 -30.45
CA LYS G 157 -2.70 1.49 -31.05
C LYS G 157 -1.66 2.16 -30.18
N CYS G 158 -0.44 1.60 -30.21
CA CYS G 158 0.69 2.01 -29.39
C CYS G 158 1.89 2.16 -30.31
N VAL G 159 2.72 3.18 -30.10
CA VAL G 159 3.91 3.39 -30.91
C VAL G 159 5.14 2.93 -30.14
N LEU G 160 5.86 1.94 -30.66
CA LEU G 160 7.11 1.54 -30.03
C LEU G 160 8.30 1.96 -30.87
N ASP G 161 9.43 2.19 -30.22
CA ASP G 161 10.62 2.72 -30.87
C ASP G 161 11.79 1.80 -30.56
N MET G 162 12.33 1.15 -31.59
CA MET G 162 13.52 0.32 -31.45
C MET G 162 14.73 1.20 -31.70
N ARG G 163 15.33 1.70 -30.61
CA ARG G 163 16.34 2.75 -30.70
C ARG G 163 17.56 2.28 -31.50
N SER G 164 18.07 1.10 -31.18
CA SER G 164 19.29 0.60 -31.82
C SER G 164 19.14 0.52 -33.34
N MET G 165 17.92 0.35 -33.83
CA MET G 165 17.66 0.27 -35.26
C MET G 165 16.92 1.48 -35.81
N ASP G 166 16.67 2.50 -34.98
CA ASP G 166 16.00 3.73 -35.39
C ASP G 166 14.71 3.43 -36.14
N PHE G 167 13.85 2.62 -35.51
CA PHE G 167 12.68 2.05 -36.15
C PHE G 167 11.48 2.25 -35.24
N LYS G 168 10.37 2.71 -35.81
CA LYS G 168 9.12 2.90 -35.09
C LYS G 168 8.03 2.10 -35.77
N SER G 169 7.07 1.61 -34.98
CA SER G 169 5.95 0.87 -35.53
C SER G 169 4.73 0.99 -34.62
N ASN G 170 3.56 1.01 -35.25
CA ASN G 170 2.28 0.95 -34.55
C ASN G 170 1.88 -0.50 -34.30
N SER G 171 1.18 -0.73 -33.20
CA SER G 171 0.61 -2.06 -32.97
C SER G 171 -0.58 -1.94 -32.04
N ALA G 172 -1.49 -2.91 -32.16
CA ALA G 172 -2.61 -3.06 -31.26
C ALA G 172 -2.78 -4.54 -30.98
N VAL G 173 -3.27 -4.87 -29.78
CA VAL G 173 -3.41 -6.25 -29.34
C VAL G 173 -4.88 -6.59 -29.17
N ALA G 174 -5.25 -7.82 -29.55
CA ALA G 174 -6.58 -8.36 -29.32
C ALA G 174 -6.45 -9.75 -28.70
N TRP G 175 -7.32 -10.06 -27.74
CA TRP G 175 -7.26 -11.38 -27.13
C TRP G 175 -8.65 -11.80 -26.68
N SER G 176 -8.81 -13.11 -26.52
CA SER G 176 -10.05 -13.71 -26.05
C SER G 176 -9.78 -15.16 -25.69
N ASN G 177 -10.71 -15.75 -24.93
CA ASN G 177 -10.64 -17.16 -24.59
C ASN G 177 -11.79 -17.96 -25.16
N LYS G 178 -12.63 -17.36 -26.01
CA LYS G 178 -13.74 -18.08 -26.58
C LYS G 178 -13.28 -18.92 -27.77
N SER G 179 -14.07 -19.96 -28.08
CA SER G 179 -13.64 -20.96 -29.03
C SER G 179 -13.64 -20.45 -30.47
N ASP G 180 -14.57 -19.57 -30.81
CA ASP G 180 -14.68 -19.07 -32.18
C ASP G 180 -13.72 -17.92 -32.48
N PHE G 181 -12.82 -17.59 -31.55
CA PHE G 181 -11.92 -16.46 -31.73
C PHE G 181 -10.75 -16.86 -32.64
N ALA G 182 -10.46 -16.01 -33.62
CA ALA G 182 -9.36 -16.24 -34.54
C ALA G 182 -8.81 -14.90 -34.98
N CYS G 183 -7.50 -14.86 -35.23
CA CYS G 183 -6.87 -13.60 -35.62
CA CYS G 183 -6.86 -13.62 -35.64
C CYS G 183 -7.39 -13.11 -36.97
N ALA G 184 -7.84 -14.02 -37.84
CA ALA G 184 -8.37 -13.61 -39.13
C ALA G 184 -9.59 -12.70 -38.97
N ASN G 185 -10.31 -12.81 -37.86
CA ASN G 185 -11.50 -12.02 -37.62
C ASN G 185 -11.41 -11.11 -36.41
N ALA G 186 -10.25 -11.06 -35.73
CA ALA G 186 -10.14 -10.33 -34.48
C ALA G 186 -10.37 -8.83 -34.66
N PHE G 187 -9.85 -8.26 -35.75
CA PHE G 187 -9.97 -6.83 -35.99
C PHE G 187 -10.99 -6.51 -37.08
N ASN G 188 -12.06 -7.32 -37.19
CA ASN G 188 -13.06 -7.13 -38.23
C ASN G 188 -13.84 -5.83 -38.06
N ASN G 189 -13.94 -5.31 -36.84
CA ASN G 189 -14.66 -4.07 -36.62
CA ASN G 189 -14.65 -4.06 -36.58
C ASN G 189 -13.84 -2.83 -36.94
N SER G 190 -12.57 -2.99 -37.30
CA SER G 190 -11.73 -1.87 -37.68
C SER G 190 -11.61 -1.80 -39.21
N ILE G 191 -11.31 -0.61 -39.70
CA ILE G 191 -10.98 -0.41 -41.11
C ILE G 191 -9.47 -0.56 -41.22
N ILE G 192 -9.03 -1.71 -41.72
CA ILE G 192 -7.60 -2.03 -41.78
C ILE G 192 -7.13 -1.94 -43.23
N PRO G 193 -5.83 -1.76 -43.49
CA PRO G 193 -5.37 -1.63 -44.87
C PRO G 193 -5.74 -2.83 -45.73
N GLU G 194 -6.04 -2.56 -47.00
CA GLU G 194 -6.42 -3.62 -47.94
C GLU G 194 -5.32 -4.64 -48.11
N ASP G 195 -4.06 -4.22 -47.98
CA ASP G 195 -2.91 -5.09 -48.18
C ASP G 195 -2.45 -5.77 -46.90
N THR G 196 -3.30 -5.83 -45.87
CA THR G 196 -2.89 -6.40 -44.59
C THR G 196 -2.57 -7.88 -44.75
N PHE G 197 -1.39 -8.27 -44.25
CA PHE G 197 -0.90 -9.63 -44.36
C PHE G 197 -1.50 -10.49 -43.26
N PHE G 198 -2.21 -11.55 -43.66
CA PHE G 198 -2.74 -12.54 -42.72
C PHE G 198 -2.05 -13.88 -42.98
N PRO G 199 -1.02 -14.25 -42.20
CA PRO G 199 -0.36 -15.54 -42.41
C PRO G 199 -1.32 -16.70 -42.19
N SER G 200 -1.04 -17.81 -42.88
CA SER G 200 -1.92 -18.97 -42.81
C SER G 200 -1.88 -19.58 -41.41
N PRO G 201 -3.02 -20.06 -40.91
CA PRO G 201 -3.03 -20.72 -39.60
C PRO G 201 -2.42 -22.12 -39.69
N GLU G 202 -2.02 -22.63 -38.54
CA GLU G 202 -1.43 -23.96 -38.47
C GLU G 202 -2.50 -25.03 -38.28
N ASN H 2 19.38 17.83 -4.17
CA ASN H 2 18.63 18.45 -5.24
C ASN H 2 17.49 17.55 -5.73
N ALA H 3 16.70 17.03 -4.79
CA ALA H 3 15.59 16.15 -5.13
C ALA H 3 14.36 16.90 -5.64
N GLY H 4 14.31 18.22 -5.47
CA GLY H 4 13.13 18.95 -5.90
C GLY H 4 11.98 18.70 -4.94
N VAL H 5 10.84 18.30 -5.48
CA VAL H 5 9.63 18.05 -4.69
C VAL H 5 9.41 16.56 -4.60
N THR H 6 9.29 16.05 -3.38
CA THR H 6 9.14 14.62 -3.11
C THR H 6 7.85 14.40 -2.32
N GLN H 7 6.90 13.70 -2.92
CA GLN H 7 5.66 13.38 -2.23
C GLN H 7 5.42 11.87 -2.21
N THR H 8 4.75 11.40 -1.17
CA THR H 8 4.44 10.00 -0.96
C THR H 8 3.05 9.90 -0.35
N PRO H 9 2.33 8.79 -0.58
CA PRO H 9 2.72 7.66 -1.42
C PRO H 9 2.36 7.89 -2.88
N LYS H 10 2.85 7.03 -3.77
CA LYS H 10 2.51 7.16 -5.18
C LYS H 10 1.10 6.62 -5.47
N PHE H 11 0.68 5.59 -4.75
CA PHE H 11 -0.64 5.00 -4.89
C PHE H 11 -1.19 4.69 -3.51
N GLN H 12 -2.52 4.71 -3.39
CA GLN H 12 -3.16 4.34 -2.14
C GLN H 12 -4.63 4.06 -2.40
N VAL H 13 -5.09 2.89 -1.96
CA VAL H 13 -6.51 2.55 -1.98
C VAL H 13 -7.06 2.73 -0.58
N LEU H 14 -8.26 3.27 -0.48
CA LEU H 14 -8.86 3.62 0.81
C LEU H 14 -10.31 3.17 0.85
N LYS H 15 -10.74 2.78 2.04
CA LYS H 15 -12.14 2.50 2.31
C LYS H 15 -12.80 3.78 2.82
N THR H 16 -14.06 3.97 2.44
CA THR H 16 -14.79 5.16 2.87
C THR H 16 -14.74 5.29 4.39
N GLY H 17 -14.32 6.47 4.85
CA GLY H 17 -14.18 6.75 6.27
C GLY H 17 -12.79 6.57 6.82
N GLN H 18 -11.85 6.08 6.01
CA GLN H 18 -10.49 5.85 6.48
C GLN H 18 -9.68 7.13 6.44
N SER H 19 -8.72 7.24 7.36
CA SER H 19 -7.83 8.39 7.42
C SER H 19 -6.62 8.16 6.51
N MET H 20 -6.03 9.27 6.08
CA MET H 20 -4.90 9.21 5.16
CA MET H 20 -4.88 9.20 5.18
C MET H 20 -4.13 10.52 5.22
N THR H 21 -2.80 10.43 5.23
CA THR H 21 -1.92 11.59 5.21
C THR H 21 -0.97 11.47 4.03
N LEU H 22 -0.92 12.52 3.21
CA LEU H 22 0.03 12.61 2.10
C LEU H 22 1.19 13.49 2.53
N GLN H 23 2.41 13.01 2.31
CA GLN H 23 3.61 13.76 2.67
C GLN H 23 4.15 14.50 1.47
N CYS H 24 4.78 15.65 1.74
CA CYS H 24 5.45 16.41 0.69
C CYS H 24 6.60 17.19 1.30
N ALA H 25 7.78 17.07 0.69
CA ALA H 25 8.94 17.83 1.12
C ALA H 25 9.64 18.41 -0.10
N GLN H 26 10.16 19.63 0.04
CA GLN H 26 10.97 20.24 -1.00
C GLN H 26 12.30 20.66 -0.40
N ASP H 27 13.38 20.43 -1.15
CA ASP H 27 14.73 20.78 -0.74
C ASP H 27 15.30 21.92 -1.58
N MET H 28 14.45 22.85 -2.01
CA MET H 28 14.87 23.98 -2.83
C MET H 28 14.88 25.28 -2.06
N ASN H 29 14.70 25.22 -0.74
CA ASN H 29 14.64 26.40 0.12
C ASN H 29 13.52 27.34 -0.30
N HIS H 30 12.44 26.79 -0.84
CA HIS H 30 11.30 27.59 -1.23
C HIS H 30 10.48 27.99 -0.01
N ASN H 31 9.63 29.01 -0.19
CA ASN H 31 8.76 29.48 0.87
C ASN H 31 7.29 29.09 0.68
N SER H 32 6.82 29.02 -0.57
CA SER H 32 5.43 28.71 -0.87
C SER H 32 5.27 27.24 -1.22
N MET H 33 4.22 26.63 -0.68
CA MET H 33 3.91 25.23 -0.97
C MET H 33 2.41 25.07 -1.16
N TYR H 34 2.02 24.16 -2.04
CA TYR H 34 0.65 24.03 -2.49
C TYR H 34 0.27 22.56 -2.57
N TRP H 35 -1.03 22.29 -2.45
CA TRP H 35 -1.60 20.97 -2.68
C TRP H 35 -2.74 21.10 -3.69
N TYR H 36 -2.62 20.41 -4.81
CA TYR H 36 -3.62 20.40 -5.87
C TYR H 36 -4.24 19.02 -6.00
N ARG H 37 -5.44 18.97 -6.56
CA ARG H 37 -6.01 17.73 -7.05
C ARG H 37 -6.34 17.88 -8.53
N GLN H 38 -6.09 16.82 -9.29
CA GLN H 38 -6.31 16.80 -10.72
C GLN H 38 -7.35 15.74 -11.05
N ASP H 39 -8.38 16.13 -11.77
CA ASP H 39 -9.49 15.25 -12.13
C ASP H 39 -9.76 15.37 -13.62
N PRO H 40 -10.24 14.29 -14.25
CA PRO H 40 -10.49 14.34 -15.69
C PRO H 40 -11.51 15.40 -16.06
N GLY H 41 -11.21 16.13 -17.12
CA GLY H 41 -12.13 17.10 -17.67
C GLY H 41 -12.07 18.49 -17.08
N MET H 42 -11.15 18.75 -16.15
CA MET H 42 -11.09 20.07 -15.55
C MET H 42 -9.64 20.42 -15.20
N GLY H 43 -9.41 21.71 -14.96
CA GLY H 43 -8.09 22.18 -14.58
C GLY H 43 -7.78 21.87 -13.13
N LEU H 44 -6.49 21.96 -12.81
CA LEU H 44 -6.04 21.78 -11.44
C LEU H 44 -6.85 22.66 -10.50
N ARG H 45 -7.21 22.12 -9.34
CA ARG H 45 -7.95 22.86 -8.32
C ARG H 45 -7.13 22.85 -7.03
N LEU H 46 -6.86 24.05 -6.50
CA LEU H 46 -6.08 24.16 -5.28
C LEU H 46 -6.93 23.77 -4.07
N ILE H 47 -6.33 23.01 -3.16
CA ILE H 47 -7.02 22.53 -1.96
C ILE H 47 -6.64 23.45 -0.81
N TYR H 48 -5.35 23.50 -0.52
CA TYR H 48 -4.79 24.40 0.47
C TYR H 48 -3.42 24.88 -0.02
N TYR H 49 -2.98 26.02 0.51
CA TYR H 49 -1.67 26.53 0.17
C TYR H 49 -1.07 27.23 1.37
N SER H 50 0.24 27.42 1.33
CA SER H 50 1.00 28.07 2.39
CA SER H 50 1.00 28.08 2.40
C SER H 50 1.93 29.09 1.74
N ALA H 51 1.53 30.36 1.74
CA ALA H 51 2.32 31.39 1.07
C ALA H 51 3.71 31.53 1.67
N SER H 52 3.84 31.26 2.97
CA SER H 52 5.12 31.30 3.66
CA SER H 52 5.14 31.24 3.62
C SER H 52 5.04 30.34 4.84
N GLU H 53 6.20 30.02 5.40
CA GLU H 53 6.22 29.20 6.60
C GLU H 53 5.50 29.93 7.73
N GLY H 54 4.59 29.23 8.39
CA GLY H 54 3.83 29.82 9.48
C GLY H 54 2.50 30.43 9.09
N THR H 55 2.06 30.27 7.84
CA THR H 55 0.73 30.70 7.45
C THR H 55 0.18 29.76 6.38
N THR H 56 -1.09 29.38 6.54
CA THR H 56 -1.78 28.56 5.55
C THR H 56 -3.15 29.18 5.29
N ASP H 57 -3.76 28.78 4.18
CA ASP H 57 -5.09 29.28 3.86
C ASP H 57 -5.79 28.30 2.93
N LYS H 58 -7.11 28.34 2.95
CA LYS H 58 -7.90 27.48 2.10
C LYS H 58 -7.71 27.85 0.63
N GLY H 59 -7.90 26.87 -0.24
CA GLY H 59 -7.87 27.09 -1.68
C GLY H 59 -9.27 27.15 -2.24
N GLU H 60 -9.45 26.53 -3.40
CA GLU H 60 -10.76 26.47 -4.02
C GLU H 60 -11.62 25.34 -3.45
N VAL H 61 -11.01 24.22 -3.11
CA VAL H 61 -11.77 23.06 -2.63
C VAL H 61 -11.20 22.55 -1.31
N PRO H 62 -11.33 23.29 -0.21
CA PRO H 62 -10.74 22.86 1.05
C PRO H 62 -11.58 21.85 1.83
N ASN H 63 -12.85 21.67 1.48
CA ASN H 63 -13.73 20.84 2.29
C ASN H 63 -13.35 19.37 2.19
N GLY H 64 -13.23 18.71 3.35
CA GLY H 64 -12.78 17.34 3.41
C GLY H 64 -11.29 17.17 3.60
N TYR H 65 -10.53 18.27 3.69
CA TYR H 65 -9.09 18.20 3.80
C TYR H 65 -8.58 19.14 4.88
N ASN H 66 -7.38 18.86 5.37
CA ASN H 66 -6.65 19.76 6.25
CA ASN H 66 -6.65 19.82 6.19
C ASN H 66 -5.16 19.60 5.95
N VAL H 67 -4.40 20.67 6.17
CA VAL H 67 -2.97 20.66 5.92
C VAL H 67 -2.23 21.18 7.14
N SER H 68 -0.94 20.87 7.19
CA SER H 68 -0.07 21.32 8.28
CA SER H 68 -0.07 21.32 8.28
C SER H 68 1.28 21.67 7.68
N ARG H 69 1.60 22.95 7.64
CA ARG H 69 2.92 23.43 7.21
C ARG H 69 3.86 23.21 8.39
N LEU H 70 4.44 22.02 8.46
CA LEU H 70 5.24 21.66 9.62
C LEU H 70 6.47 22.56 9.77
N ASN H 71 7.10 22.88 8.65
CA ASN H 71 8.29 23.74 8.64
C ASN H 71 8.43 24.32 7.24
N LYS H 72 9.61 24.88 6.95
CA LYS H 72 9.83 25.44 5.62
C LYS H 72 9.81 24.35 4.55
N ARG H 73 10.24 23.13 4.89
CA ARG H 73 10.42 22.08 3.89
C ARG H 73 9.13 21.29 3.65
N GLU H 74 8.36 21.02 4.69
CA GLU H 74 7.32 19.99 4.65
C GLU H 74 5.93 20.62 4.69
N PHE H 75 5.00 19.99 3.96
CA PHE H 75 3.62 20.47 3.84
C PHE H 75 2.75 19.25 3.58
N SER H 76 2.08 18.77 4.63
CA SER H 76 1.34 17.52 4.55
C SER H 76 -0.14 17.79 4.31
N LEU H 77 -0.78 16.85 3.62
CA LEU H 77 -2.20 16.90 3.32
C LEU H 77 -2.90 15.76 4.04
N ARG H 78 -4.01 16.07 4.71
CA ARG H 78 -4.69 15.12 5.57
C ARG H 78 -6.12 14.93 5.10
N LEU H 79 -6.53 13.66 4.97
CA LEU H 79 -7.91 13.28 4.70
C LEU H 79 -8.38 12.48 5.92
N GLU H 80 -9.17 13.11 6.78
CA GLU H 80 -9.59 12.45 8.02
C GLU H 80 -10.62 11.36 7.75
N SER H 81 -11.66 11.68 6.99
CA SER H 81 -12.72 10.73 6.65
C SER H 81 -12.81 10.66 5.12
N ALA H 82 -12.11 9.71 4.53
CA ALA H 82 -12.04 9.62 3.07
C ALA H 82 -13.43 9.41 2.48
N ALA H 83 -13.70 10.14 1.39
CA ALA H 83 -14.95 10.03 0.66
C ALA H 83 -14.67 9.61 -0.79
N PRO H 84 -15.60 8.87 -1.41
CA PRO H 84 -15.39 8.48 -2.82
C PRO H 84 -15.13 9.65 -3.76
N SER H 85 -15.68 10.83 -3.47
CA SER H 85 -15.43 12.00 -4.30
C SER H 85 -13.98 12.46 -4.20
N GLN H 86 -13.23 12.01 -3.20
CA GLN H 86 -11.83 12.35 -3.06
C GLN H 86 -10.92 11.42 -3.87
N THR H 87 -11.47 10.51 -4.65
CA THR H 87 -10.68 9.74 -5.61
C THR H 87 -10.13 10.70 -6.67
N SER H 88 -8.81 10.82 -6.75
CA SER H 88 -8.20 11.85 -7.57
C SER H 88 -6.69 11.56 -7.62
N VAL H 89 -5.98 12.39 -8.37
CA VAL H 89 -4.53 12.40 -8.34
C VAL H 89 -4.11 13.71 -7.67
N TYR H 90 -3.39 13.60 -6.57
CA TYR H 90 -3.03 14.77 -5.77
C TYR H 90 -1.59 15.17 -6.09
N PHE H 91 -1.39 16.47 -6.31
CA PHE H 91 -0.08 17.01 -6.64
C PHE H 91 0.29 18.08 -5.63
N CYS H 92 1.45 17.94 -5.02
CA CYS H 92 2.04 18.97 -4.20
CA CYS H 92 2.00 19.00 -4.22
C CYS H 92 3.01 19.78 -5.05
N ALA H 93 3.07 21.09 -4.79
CA ALA H 93 3.93 21.97 -5.57
C ALA H 93 4.58 22.98 -4.62
N SER H 94 5.58 23.68 -5.14
CA SER H 94 6.23 24.72 -4.38
C SER H 94 6.74 25.78 -5.34
N SER H 95 6.91 27.00 -4.81
CA SER H 95 7.48 28.11 -5.55
C SER H 95 8.35 28.92 -4.60
N VAL H 96 9.27 29.70 -5.17
CA VAL H 96 10.20 30.49 -4.35
C VAL H 96 9.42 31.40 -3.41
N TRP H 97 8.47 32.15 -3.96
CA TRP H 97 7.57 32.99 -3.16
C TRP H 97 6.19 32.93 -3.77
N THR H 98 5.20 33.36 -2.99
CA THR H 98 3.82 33.44 -3.48
C THR H 98 3.55 34.76 -4.20
N GLY H 99 3.93 35.88 -3.58
CA GLY H 99 3.72 37.16 -4.21
C GLY H 99 4.64 37.46 -5.38
N GLU H 100 5.57 36.58 -5.70
CA GLU H 100 6.42 36.76 -6.87
C GLU H 100 5.58 36.60 -8.13
N GLY H 101 5.55 37.64 -8.96
CA GLY H 101 4.63 37.66 -10.09
C GLY H 101 4.88 36.56 -11.09
N SER H 102 6.11 36.46 -11.60
CA SER H 102 6.42 35.53 -12.67
C SER H 102 6.96 34.18 -12.17
N GLY H 103 6.92 33.93 -10.87
CA GLY H 103 7.48 32.70 -10.34
C GLY H 103 6.66 31.49 -10.75
N GLU H 104 7.34 30.44 -11.20
CA GLU H 104 6.66 29.23 -11.66
C GLU H 104 6.56 28.23 -10.51
N LEU H 105 5.70 27.24 -10.72
CA LEU H 105 5.52 26.16 -9.76
C LEU H 105 6.43 24.99 -10.09
N PHE H 106 6.90 24.31 -9.05
CA PHE H 106 7.64 23.06 -9.18
C PHE H 106 6.78 21.97 -8.55
N PHE H 107 6.43 20.96 -9.33
CA PHE H 107 5.48 19.94 -8.91
C PHE H 107 6.17 18.66 -8.44
N GLY H 108 5.51 17.97 -7.50
CA GLY H 108 5.87 16.61 -7.16
C GLY H 108 5.28 15.59 -8.12
N GLU H 109 5.67 14.33 -7.91
CA GLU H 109 5.34 13.27 -8.86
C GLU H 109 3.85 12.92 -8.87
N GLY H 110 3.10 13.31 -7.85
CA GLY H 110 1.68 13.00 -7.84
C GLY H 110 1.36 11.78 -6.99
N SER H 111 0.18 11.81 -6.37
CA SER H 111 -0.31 10.70 -5.54
C SER H 111 -1.70 10.33 -6.02
N ARG H 112 -1.86 9.09 -6.47
CA ARG H 112 -3.15 8.62 -6.95
C ARG H 112 -3.90 7.94 -5.80
N LEU H 113 -5.09 8.44 -5.50
CA LEU H 113 -5.93 7.92 -4.44
C LEU H 113 -7.21 7.39 -5.05
N THR H 114 -7.62 6.21 -4.61
CA THR H 114 -8.93 5.64 -4.95
C THR H 114 -9.63 5.31 -3.65
N VAL H 115 -10.81 5.88 -3.46
CA VAL H 115 -11.61 5.65 -2.25
C VAL H 115 -12.82 4.81 -2.65
N LEU H 116 -13.00 3.68 -1.97
CA LEU H 116 -14.03 2.71 -2.29
C LEU H 116 -14.94 2.47 -1.09
N GLU H 117 -16.23 2.22 -1.37
CA GLU H 117 -17.17 1.88 -0.32
C GLU H 117 -16.78 0.59 0.38
N ASP H 118 -16.29 -0.39 -0.38
CA ASP H 118 -15.79 -1.62 0.21
CA ASP H 118 -15.85 -1.67 0.16
C ASP H 118 -14.67 -2.16 -0.67
N LEU H 119 -13.76 -2.90 -0.03
CA LEU H 119 -12.59 -3.41 -0.72
C LEU H 119 -12.83 -4.75 -1.40
N LYS H 120 -14.06 -5.24 -1.42
CA LYS H 120 -14.31 -6.57 -1.97
C LYS H 120 -14.19 -6.61 -3.49
N ASN H 121 -14.07 -5.46 -4.15
CA ASN H 121 -13.85 -5.43 -5.60
C ASN H 121 -12.40 -5.13 -5.97
N VAL H 122 -11.47 -5.23 -5.02
CA VAL H 122 -10.06 -5.01 -5.29
C VAL H 122 -9.43 -6.34 -5.72
N PHE H 123 -8.76 -6.34 -6.88
CA PHE H 123 -8.15 -7.54 -7.42
C PHE H 123 -6.74 -7.24 -7.92
N PRO H 124 -5.78 -8.12 -7.67
CA PRO H 124 -4.48 -8.02 -8.33
C PRO H 124 -4.58 -8.45 -9.78
N PRO H 125 -3.59 -8.12 -10.61
CA PRO H 125 -3.64 -8.55 -12.00
C PRO H 125 -3.19 -9.99 -12.19
N GLU H 126 -3.81 -10.65 -13.16
CA GLU H 126 -3.25 -11.84 -13.80
C GLU H 126 -2.23 -11.40 -14.83
N VAL H 127 -1.06 -12.04 -14.85
CA VAL H 127 0.01 -11.65 -15.75
C VAL H 127 0.41 -12.87 -16.59
N ALA H 128 0.48 -12.69 -17.90
CA ALA H 128 0.88 -13.74 -18.82
C ALA H 128 1.71 -13.15 -19.95
N VAL H 129 2.72 -13.90 -20.40
CA VAL H 129 3.58 -13.52 -21.51
C VAL H 129 3.29 -14.43 -22.68
N PHE H 130 3.23 -13.86 -23.88
CA PHE H 130 2.98 -14.61 -25.10
C PHE H 130 4.14 -14.43 -26.06
N GLU H 131 4.70 -15.55 -26.53
CA GLU H 131 5.91 -15.54 -27.33
C GLU H 131 5.64 -15.15 -28.78
N PRO H 132 6.65 -14.66 -29.49
CA PRO H 132 6.42 -14.09 -30.82
C PRO H 132 5.90 -15.08 -31.84
N SER H 133 5.15 -14.54 -32.80
CA SER H 133 4.69 -15.30 -33.95
C SER H 133 5.87 -15.67 -34.85
N GLU H 134 5.95 -16.94 -35.23
CA GLU H 134 6.99 -17.36 -36.18
C GLU H 134 6.81 -16.70 -37.54
N ALA H 135 5.55 -16.42 -37.92
CA ALA H 135 5.32 -15.73 -39.18
C ALA H 135 5.86 -14.30 -39.14
N GLU H 136 5.74 -13.61 -38.00
CA GLU H 136 6.34 -12.29 -37.88
C GLU H 136 7.86 -12.36 -38.05
N ILE H 137 8.49 -13.33 -37.40
CA ILE H 137 9.94 -13.46 -37.46
C ILE H 137 10.41 -13.63 -38.90
N SER H 138 9.73 -14.47 -39.67
CA SER H 138 10.18 -14.72 -41.03
C SER H 138 9.80 -13.58 -41.97
N HIS H 139 8.72 -12.87 -41.67
CA HIS H 139 8.30 -11.78 -42.55
C HIS H 139 9.06 -10.49 -42.28
N THR H 140 9.45 -10.21 -41.03
CA THR H 140 10.03 -8.92 -40.68
C THR H 140 11.41 -9.01 -40.06
N GLN H 141 11.88 -10.20 -39.66
CA GLN H 141 13.14 -10.37 -38.92
C GLN H 141 13.09 -9.64 -37.58
N LYS H 142 11.89 -9.46 -37.04
CA LYS H 142 11.68 -8.91 -35.71
C LYS H 142 10.72 -9.83 -34.96
N ALA H 143 10.73 -9.71 -33.64
CA ALA H 143 9.95 -10.59 -32.78
C ALA H 143 9.30 -9.75 -31.70
N THR H 144 7.97 -9.78 -31.62
CA THR H 144 7.21 -9.01 -30.64
C THR H 144 6.65 -9.95 -29.59
N LEU H 145 7.10 -9.78 -28.34
CA LEU H 145 6.46 -10.42 -27.21
C LEU H 145 5.34 -9.52 -26.68
N VAL H 146 4.29 -10.14 -26.18
CA VAL H 146 3.17 -9.40 -25.59
C VAL H 146 2.97 -9.86 -24.15
N CYS H 147 2.78 -8.90 -23.25
CA CYS H 147 2.42 -9.16 -21.87
C CYS H 147 1.02 -8.60 -21.63
N LEU H 148 0.17 -9.42 -21.01
CA LEU H 148 -1.20 -9.02 -20.67
C LEU H 148 -1.37 -9.07 -19.16
N ALA H 149 -1.76 -7.95 -18.58
CA ALA H 149 -2.15 -7.84 -17.18
C ALA H 149 -3.65 -7.60 -17.15
N THR H 150 -4.40 -8.54 -16.59
CA THR H 150 -5.84 -8.53 -16.75
C THR H 150 -6.54 -8.74 -15.41
N GLY H 151 -7.75 -8.21 -15.31
CA GLY H 151 -8.61 -8.43 -14.18
C GLY H 151 -8.29 -7.65 -12.93
N PHE H 152 -7.49 -6.59 -13.02
CA PHE H 152 -7.06 -5.89 -11.82
C PHE H 152 -7.92 -4.67 -11.55
N TYR H 153 -7.97 -4.27 -10.27
CA TYR H 153 -8.73 -3.11 -9.80
C TYR H 153 -8.26 -2.74 -8.39
N PRO H 154 -8.04 -1.44 -8.11
CA PRO H 154 -8.14 -0.33 -9.05
C PRO H 154 -6.94 -0.24 -9.98
N ASP H 155 -6.86 0.82 -10.77
CA ASP H 155 -5.80 0.98 -11.76
C ASP H 155 -4.57 1.58 -11.08
N HIS H 156 -3.95 0.78 -10.21
CA HIS H 156 -2.71 1.12 -9.52
C HIS H 156 -1.67 0.04 -9.86
N VAL H 157 -1.05 0.16 -11.03
CA VAL H 157 -0.10 -0.83 -11.51
C VAL H 157 1.09 -0.17 -12.17
N GLU H 158 2.23 -0.85 -12.11
CA GLU H 158 3.44 -0.46 -12.83
C GLU H 158 3.97 -1.69 -13.54
N LEU H 159 3.96 -1.67 -14.87
CA LEU H 159 4.43 -2.79 -15.68
C LEU H 159 5.83 -2.49 -16.20
N SER H 160 6.70 -3.49 -16.14
CA SER H 160 8.07 -3.34 -16.65
C SER H 160 8.52 -4.65 -17.27
N TRP H 161 9.42 -4.53 -18.25
CA TRP H 161 10.06 -5.68 -18.88
C TRP H 161 11.47 -5.83 -18.35
N TRP H 162 11.91 -7.08 -18.22
CA TRP H 162 13.25 -7.39 -17.74
C TRP H 162 13.89 -8.40 -18.69
N VAL H 163 15.00 -8.01 -19.29
CA VAL H 163 15.74 -8.87 -20.20
C VAL H 163 17.07 -9.21 -19.54
N ASN H 164 17.25 -10.48 -19.23
CA ASN H 164 18.47 -10.98 -18.57
C ASN H 164 18.75 -10.21 -17.28
N GLY H 165 17.71 -10.08 -16.46
CA GLY H 165 17.83 -9.46 -15.15
C GLY H 165 17.91 -7.96 -15.13
N LYS H 166 17.97 -7.30 -16.30
CA LYS H 166 18.02 -5.86 -16.38
C LYS H 166 16.72 -5.33 -16.98
N GLU H 167 16.20 -4.25 -16.40
CA GLU H 167 15.01 -3.62 -16.92
C GLU H 167 15.34 -2.90 -18.23
N VAL H 168 14.45 -3.04 -19.21
CA VAL H 168 14.63 -2.42 -20.52
C VAL H 168 13.46 -1.49 -20.80
N HIS H 169 13.72 -0.48 -21.64
CA HIS H 169 12.72 0.49 -22.03
C HIS H 169 12.68 0.62 -23.56
N SER H 170 13.82 0.42 -24.21
CA SER H 170 13.85 0.48 -25.66
C SER H 170 13.13 -0.72 -26.25
N GLY H 171 12.37 -0.48 -27.31
CA GLY H 171 11.57 -1.52 -27.93
C GLY H 171 10.30 -1.87 -27.18
N VAL H 172 9.92 -1.06 -26.18
CA VAL H 172 8.80 -1.34 -25.30
C VAL H 172 7.73 -0.29 -25.55
N CYS H 173 6.48 -0.73 -25.65
CA CYS H 173 5.32 0.16 -25.65
CA CYS H 173 5.38 0.21 -25.55
C CYS H 173 4.23 -0.43 -24.78
N THR H 174 3.82 0.27 -23.74
CA THR H 174 2.76 -0.15 -22.83
C THR H 174 1.57 0.77 -23.05
N ASP H 175 0.36 0.20 -23.07
CA ASP H 175 -0.83 1.01 -23.28
C ASP H 175 -0.82 2.21 -22.32
N PRO H 176 -0.99 3.44 -22.81
CA PRO H 176 -0.99 4.59 -21.89
C PRO H 176 -2.19 4.63 -20.97
N GLN H 177 -3.30 3.98 -21.34
CA GLN H 177 -4.48 3.91 -20.50
C GLN H 177 -4.98 2.47 -20.44
N PRO H 178 -5.47 2.04 -19.28
CA PRO H 178 -5.96 0.66 -19.17
C PRO H 178 -7.29 0.49 -19.90
N LEU H 179 -7.63 -0.77 -20.15
CA LEU H 179 -8.87 -1.13 -20.82
C LEU H 179 -9.88 -1.60 -19.78
N LYS H 180 -11.06 -1.00 -19.78
CA LYS H 180 -12.14 -1.50 -18.94
C LYS H 180 -12.67 -2.79 -19.54
N GLU H 181 -12.61 -3.88 -18.77
CA GLU H 181 -13.06 -5.17 -19.29
C GLU H 181 -14.56 -5.20 -19.49
N GLN H 182 -15.30 -4.40 -18.73
CA GLN H 182 -16.74 -4.22 -18.91
C GLN H 182 -17.01 -2.72 -18.93
N PRO H 183 -16.97 -2.10 -20.12
CA PRO H 183 -17.00 -0.63 -20.19
C PRO H 183 -18.22 0.01 -19.53
N ALA H 184 -19.36 -0.68 -19.46
CA ALA H 184 -20.56 -0.09 -18.91
C ALA H 184 -20.54 -0.02 -17.39
N LEU H 185 -19.90 -0.99 -16.72
CA LEU H 185 -19.90 -1.03 -15.27
C LEU H 185 -19.00 0.06 -14.69
N ASN H 186 -19.46 0.68 -13.61
CA ASN H 186 -18.70 1.77 -13.00
C ASN H 186 -17.48 1.26 -12.25
N ASP H 187 -17.52 0.01 -11.77
CA ASP H 187 -16.45 -0.59 -11.00
C ASP H 187 -15.70 -1.66 -11.79
N SER H 188 -15.69 -1.54 -13.12
CA SER H 188 -15.15 -2.60 -13.97
C SER H 188 -13.67 -2.83 -13.69
N ARG H 189 -13.26 -4.09 -13.74
CA ARG H 189 -11.85 -4.40 -13.63
C ARG H 189 -11.13 -4.03 -14.93
N TYR H 190 -9.81 -3.91 -14.84
CA TYR H 190 -9.01 -3.34 -15.91
C TYR H 190 -8.13 -4.40 -16.57
N ALA H 191 -7.76 -4.10 -17.82
CA ALA H 191 -6.76 -4.87 -18.54
C ALA H 191 -5.72 -3.91 -19.11
N LEU H 192 -4.49 -4.40 -19.23
CA LEU H 192 -3.37 -3.59 -19.73
C LEU H 192 -2.48 -4.47 -20.59
N SER H 193 -2.10 -3.98 -21.76
CA SER H 193 -1.22 -4.73 -22.64
C SER H 193 0.09 -3.97 -22.85
N SER H 194 1.15 -4.72 -23.09
CA SER H 194 2.47 -4.15 -23.37
C SER H 194 3.17 -5.06 -24.37
N ARG H 195 4.02 -4.46 -25.19
CA ARG H 195 4.78 -5.20 -26.18
C ARG H 195 6.27 -4.90 -26.02
N LEU H 196 7.08 -5.94 -26.20
CA LEU H 196 8.53 -5.80 -26.31
C LEU H 196 8.94 -6.37 -27.65
N ARG H 197 9.55 -5.55 -28.49
CA ARG H 197 9.97 -5.99 -29.82
C ARG H 197 11.50 -6.00 -29.88
N VAL H 198 12.05 -7.16 -30.24
CA VAL H 198 13.49 -7.32 -30.40
C VAL H 198 13.75 -7.86 -31.80
N SER H 199 15.02 -7.81 -32.19
CA SER H 199 15.40 -8.42 -33.46
C SER H 199 15.21 -9.93 -33.39
N ALA H 200 15.04 -10.55 -34.56
CA ALA H 200 14.91 -12.00 -34.61
C ALA H 200 16.16 -12.68 -34.06
N THR H 201 17.34 -12.12 -34.36
CA THR H 201 18.57 -12.71 -33.86
CA THR H 201 18.59 -12.69 -33.87
C THR H 201 18.61 -12.72 -32.33
N PHE H 202 18.12 -11.66 -31.71
CA PHE H 202 18.11 -11.61 -30.25
C PHE H 202 17.12 -12.61 -29.67
N TRP H 203 15.94 -12.73 -30.29
CA TRP H 203 14.97 -13.70 -29.79
C TRP H 203 15.44 -15.13 -29.97
N GLN H 204 16.25 -15.40 -31.00
CA GLN H 204 16.66 -16.76 -31.33
C GLN H 204 17.88 -17.22 -30.53
N ASN H 205 18.40 -16.41 -29.62
CA ASN H 205 19.42 -16.84 -28.69
C ASN H 205 18.75 -17.58 -27.54
N PRO H 206 18.99 -18.89 -27.38
CA PRO H 206 18.25 -19.67 -26.38
C PRO H 206 18.55 -19.30 -24.96
N ARG H 207 19.57 -18.48 -24.70
CA ARG H 207 19.89 -18.10 -23.34
CA ARG H 207 19.91 -18.08 -23.35
C ARG H 207 19.37 -16.71 -22.98
N ASN H 208 18.75 -16.00 -23.92
CA ASN H 208 18.14 -14.72 -23.60
C ASN H 208 16.84 -14.95 -22.82
N HIS H 209 16.67 -14.22 -21.73
CA HIS H 209 15.56 -14.44 -20.80
C HIS H 209 14.72 -13.18 -20.73
N PHE H 210 13.41 -13.34 -20.85
CA PHE H 210 12.46 -12.22 -20.89
C PHE H 210 11.47 -12.37 -19.74
N ARG H 211 11.17 -11.26 -19.07
CA ARG H 211 10.21 -11.26 -17.98
CA ARG H 211 10.21 -11.27 -17.99
C ARG H 211 9.43 -9.96 -18.01
N CYS H 212 8.11 -10.08 -17.88
CA CYS H 212 7.27 -8.91 -17.68
CA CYS H 212 7.23 -8.94 -17.70
C CYS H 212 6.76 -8.92 -16.25
N GLN H 213 6.85 -7.78 -15.60
CA GLN H 213 6.62 -7.66 -14.17
C GLN H 213 5.58 -6.58 -13.95
N VAL H 214 4.59 -6.86 -13.11
CA VAL H 214 3.55 -5.88 -12.78
C VAL H 214 3.54 -5.70 -11.27
N GLN H 215 3.95 -4.53 -10.81
CA GLN H 215 3.78 -4.16 -9.41
C GLN H 215 2.36 -3.65 -9.21
N PHE H 216 1.65 -4.25 -8.26
CA PHE H 216 0.28 -3.88 -7.93
C PHE H 216 0.24 -3.27 -6.54
N TYR H 217 -0.41 -2.11 -6.41
CA TYR H 217 -0.55 -1.44 -5.11
C TYR H 217 -1.97 -1.69 -4.61
N GLY H 218 -2.08 -2.40 -3.49
CA GLY H 218 -3.37 -2.81 -2.97
C GLY H 218 -3.50 -2.65 -1.47
N LEU H 219 -3.97 -3.69 -0.79
CA LEU H 219 -4.24 -3.61 0.64
C LEU H 219 -2.97 -3.84 1.44
N SER H 220 -3.04 -3.48 2.73
CA SER H 220 -1.93 -3.72 3.65
C SER H 220 -2.44 -4.46 4.89
N GLU H 221 -1.57 -4.62 5.89
CA GLU H 221 -1.92 -5.42 7.07
C GLU H 221 -3.20 -4.92 7.75
N ASN H 222 -3.32 -3.61 7.93
CA ASN H 222 -4.41 -3.05 8.72
C ASN H 222 -5.76 -3.06 7.99
N ASP H 223 -5.76 -3.25 6.67
CA ASP H 223 -7.02 -3.34 5.95
C ASP H 223 -7.74 -4.63 6.32
N GLU H 224 -8.98 -4.51 6.76
CA GLU H 224 -9.77 -5.69 7.11
C GLU H 224 -10.18 -6.43 5.85
N TRP H 225 -10.11 -7.77 5.90
CA TRP H 225 -10.49 -8.60 4.77
C TRP H 225 -11.43 -9.70 5.26
N THR H 226 -12.54 -9.89 4.55
CA THR H 226 -13.54 -10.87 4.93
C THR H 226 -14.01 -11.74 3.78
N GLN H 227 -13.41 -11.63 2.60
CA GLN H 227 -13.87 -12.40 1.44
C GLN H 227 -13.24 -13.80 1.44
N ASP H 228 -13.84 -14.70 0.65
CA ASP H 228 -13.35 -16.07 0.55
C ASP H 228 -12.02 -16.14 -0.17
N ARG H 229 -11.80 -15.28 -1.16
CA ARG H 229 -10.57 -15.32 -1.94
C ARG H 229 -9.42 -14.70 -1.15
N ALA H 230 -8.23 -14.76 -1.75
CA ALA H 230 -7.04 -14.23 -1.11
C ALA H 230 -7.10 -12.71 -1.00
N LYS H 231 -6.57 -12.20 0.11
CA LYS H 231 -6.51 -10.77 0.37
C LYS H 231 -5.63 -10.08 -0.66
N PRO H 232 -6.14 -9.09 -1.41
CA PRO H 232 -5.40 -8.47 -2.54
C PRO H 232 -4.40 -7.42 -2.06
N VAL H 233 -3.37 -7.88 -1.39
CA VAL H 233 -2.36 -6.98 -0.86
C VAL H 233 -1.45 -6.49 -1.99
N THR H 234 -0.71 -5.42 -1.71
CA THR H 234 0.33 -4.96 -2.61
C THR H 234 1.32 -6.07 -2.89
N GLN H 235 1.60 -6.30 -4.17
CA GLN H 235 2.36 -7.47 -4.57
C GLN H 235 2.85 -7.29 -6.00
N ILE H 236 3.81 -8.14 -6.37
CA ILE H 236 4.37 -8.20 -7.72
C ILE H 236 3.92 -9.50 -8.34
N VAL H 237 3.33 -9.42 -9.54
CA VAL H 237 2.94 -10.58 -10.33
C VAL H 237 3.73 -10.53 -11.63
N SER H 238 4.32 -11.65 -12.04
CA SER H 238 5.17 -11.66 -13.22
CA SER H 238 5.20 -11.68 -13.20
C SER H 238 4.98 -12.95 -14.00
N ALA H 239 5.49 -12.95 -15.23
CA ALA H 239 5.51 -14.10 -16.12
C ALA H 239 6.74 -13.96 -17.01
N GLU H 240 7.25 -15.09 -17.50
CA GLU H 240 8.53 -15.07 -18.18
C GLU H 240 8.48 -15.89 -19.47
N ALA H 241 9.49 -15.69 -20.30
CA ALA H 241 9.74 -16.51 -21.48
C ALA H 241 11.22 -16.56 -21.76
N TRP H 242 11.67 -17.67 -22.35
CA TRP H 242 13.04 -17.82 -22.82
C TRP H 242 13.08 -17.72 -24.34
N GLY H 243 14.23 -17.27 -24.86
CA GLY H 243 14.43 -17.27 -26.30
C GLY H 243 14.36 -18.68 -26.87
N ARG H 244 14.02 -18.76 -28.15
CA ARG H 244 13.80 -20.04 -28.82
C ARG H 244 14.72 -20.12 -30.02
N ALA H 245 15.55 -21.17 -30.08
CA ALA H 245 16.44 -21.40 -31.21
C ALA H 245 15.67 -21.94 -32.42
N N18 I . 1.45 45.60 -4.76
C N18 I . 5.63 43.25 -7.16
O N18 I . 4.18 43.32 -7.25
C1 N18 I . 3.58 44.22 -6.47
C2 N18 I . 2.09 44.12 -6.61
C3 N18 I . 1.38 45.37 -6.19
C4 N18 I . 0.41 45.42 -3.95
C5 N18 I . 0.57 45.89 -2.56
C6 N18 I . -0.47 45.95 -1.68
C7 N18 I . -0.24 46.43 -0.36
C8 N18 I . 2.12 46.74 -0.95
N1 N18 I . 1.07 46.79 -0.08
N2 N18 I . 1.83 46.27 -2.19
O1 N18 I . 4.16 44.99 -5.77
O2 N18 I . -0.66 44.90 -4.33
O3 N18 I . -1.09 46.51 0.55
O4 N18 I . 3.24 47.15 -0.65
C1 GOL J . 26.61 52.63 -10.09
O1 GOL J . 26.16 51.58 -10.85
C2 GOL J . 27.23 52.02 -8.82
O2 GOL J . 28.31 51.18 -9.10
C3 GOL J . 27.65 53.24 -7.99
O3 GOL J . 28.36 52.78 -6.89
C1 GOL K . 31.11 54.09 -1.84
O1 GOL K . 32.36 54.06 -1.23
C2 GOL K . 31.05 52.95 -2.89
O2 GOL K . 32.07 53.01 -3.85
C3 GOL K . 29.62 53.04 -3.49
O3 GOL K . 29.05 51.79 -3.28
N N18 L . 5.98 -30.70 -1.25
C N18 L . 0.79 -29.65 -1.88
O N18 L . 1.87 -29.34 -0.97
C1 N18 L . 3.06 -29.83 -1.30
C2 N18 L . 4.08 -29.49 -0.25
C3 N18 L . 5.48 -29.41 -0.78
C4 N18 L . 6.99 -31.33 -0.64
C5 N18 L . 7.56 -32.45 -1.37
C6 N18 L . 8.70 -33.09 -0.94
C7 N18 L . 9.26 -34.12 -1.75
C8 N18 L . 7.45 -33.79 -3.37
N1 N18 L . 8.59 -34.42 -2.92
N2 N18 L . 6.95 -32.81 -2.56
O1 N18 L . 3.29 -30.45 -2.30
O2 N18 L . 7.44 -30.97 0.44
O3 N18 L . 10.30 -34.76 -1.47
O4 N18 L . 6.93 -34.08 -4.44
NA NA M . 6.33 -47.85 21.56
C ACT N . -14.96 18.40 -4.91
O ACT N . -13.92 18.48 -4.20
OXT ACT N . -15.55 19.32 -5.56
CH3 ACT N . -15.63 16.99 -4.99
#